data_6IWM
# 
_entry.id   6IWM 
# 
_audit_conform.dict_name       mmcif_pdbx.dic 
_audit_conform.dict_version    5.397 
_audit_conform.dict_location   http://mmcif.pdb.org/dictionaries/ascii/mmcif_pdbx.dic 
# 
loop_
_database_2.database_id 
_database_2.database_code 
_database_2.pdbx_database_accession 
_database_2.pdbx_DOI 
PDB   6IWM         pdb_00006iwm 10.2210/pdb6iwm/pdb 
WWPDB D_1300009981 ?            ?                   
# 
loop_
_pdbx_audit_revision_history.ordinal 
_pdbx_audit_revision_history.data_content_type 
_pdbx_audit_revision_history.major_revision 
_pdbx_audit_revision_history.minor_revision 
_pdbx_audit_revision_history.revision_date 
1 'Structure model' 1 0 2019-12-11 
2 'Structure model' 1 1 2019-12-25 
3 'Structure model' 1 2 2020-05-13 
4 'Structure model' 1 3 2023-11-22 
5 'Structure model' 1 4 2024-10-30 
# 
_pdbx_audit_revision_details.ordinal             1 
_pdbx_audit_revision_details.revision_ordinal    1 
_pdbx_audit_revision_details.data_content_type   'Structure model' 
_pdbx_audit_revision_details.provider            repository 
_pdbx_audit_revision_details.type                'Initial release' 
_pdbx_audit_revision_details.description         ? 
_pdbx_audit_revision_details.details             ? 
# 
loop_
_pdbx_audit_revision_group.ordinal 
_pdbx_audit_revision_group.revision_ordinal 
_pdbx_audit_revision_group.data_content_type 
_pdbx_audit_revision_group.group 
1 2 'Structure model' 'Database references'    
2 3 'Structure model' 'Database references'    
3 4 'Structure model' 'Data collection'        
4 4 'Structure model' 'Database references'    
5 4 'Structure model' 'Refinement description' 
6 5 'Structure model' 'Structure summary'      
# 
loop_
_pdbx_audit_revision_category.ordinal 
_pdbx_audit_revision_category.revision_ordinal 
_pdbx_audit_revision_category.data_content_type 
_pdbx_audit_revision_category.category 
1 2 'Structure model' citation                      
2 2 'Structure model' citation_author               
3 3 'Structure model' citation                      
4 4 'Structure model' chem_comp_atom                
5 4 'Structure model' chem_comp_bond                
6 4 'Structure model' database_2                    
7 4 'Structure model' pdbx_initial_refinement_model 
8 5 'Structure model' pdbx_entry_details            
9 5 'Structure model' pdbx_modification_feature     
# 
loop_
_pdbx_audit_revision_item.ordinal 
_pdbx_audit_revision_item.revision_ordinal 
_pdbx_audit_revision_item.data_content_type 
_pdbx_audit_revision_item.item 
1  2 'Structure model' '_citation.country'                   
2  2 'Structure model' '_citation.journal_abbrev'            
3  2 'Structure model' '_citation.journal_id_ASTM'           
4  2 'Structure model' '_citation.journal_id_CSD'            
5  2 'Structure model' '_citation.journal_id_ISSN'           
6  2 'Structure model' '_citation.pdbx_database_id_DOI'      
7  2 'Structure model' '_citation.pdbx_database_id_PubMed'   
8  2 'Structure model' '_citation.title'                     
9  2 'Structure model' '_citation.year'                      
10 3 'Structure model' '_citation.journal_volume'            
11 3 'Structure model' '_citation.page_first'                
12 3 'Structure model' '_citation.page_last'                 
13 3 'Structure model' '_citation.year'                      
14 4 'Structure model' '_database_2.pdbx_DOI'                
15 4 'Structure model' '_database_2.pdbx_database_accession' 
# 
_pdbx_database_status.status_code                     REL 
_pdbx_database_status.status_code_sf                  REL 
_pdbx_database_status.status_code_mr                  ? 
_pdbx_database_status.entry_id                        6IWM 
_pdbx_database_status.recvd_initial_deposition_date   2018-12-05 
_pdbx_database_status.SG_entry                        N 
_pdbx_database_status.deposit_site                    PDBJ 
_pdbx_database_status.process_site                    PDBJ 
_pdbx_database_status.status_code_cs                  ? 
_pdbx_database_status.methods_development_category    ? 
_pdbx_database_status.pdb_format_compatible           Y 
_pdbx_database_status.status_code_nmr_data            ? 
# 
loop_
_audit_author.name 
_audit_author.pdbx_ordinal 
_audit_author.identifier_ORCID 
'Madni, Z.K.'   1 ? 
'Salunke, D.M.' 2 ? 
# 
_citation.abstract                  ? 
_citation.abstract_id_CAS           ? 
_citation.book_id_ISBN              ? 
_citation.book_publisher            ? 
_citation.book_publisher_city       ? 
_citation.book_title                ? 
_citation.coordinate_linkage        ? 
_citation.country                   UK 
_citation.database_id_Medline       ? 
_citation.details                   ? 
_citation.id                        primary 
_citation.journal_abbrev            'Plant J.' 
_citation.journal_id_ASTM           PLJUED 
_citation.journal_id_CSD            2117 
_citation.journal_id_ISSN           1365-313X 
_citation.journal_full              ? 
_citation.journal_issue             ? 
_citation.journal_volume            102 
_citation.language                  ? 
_citation.page_first                340 
_citation.page_last                 352 
_citation.title                     
'Structural insights into the lipid transfer mechanism of a non-specific lipid transfer protein.' 
_citation.year                      2020 
_citation.database_id_CSD           ? 
_citation.pdbx_database_id_DOI      10.1111/tpj.14627 
_citation.pdbx_database_id_PubMed   31793077 
_citation.unpublished_flag          ? 
# 
loop_
_citation_author.citation_id 
_citation_author.name 
_citation_author.ordinal 
_citation_author.identifier_ORCID 
primary 'Madni, Z.K.'    1 ? 
primary 'Tripathi, S.K.' 2 ? 
primary 'Salunke, D.M.'  3 ? 
# 
loop_
_entity.id 
_entity.type 
_entity.src_method 
_entity.pdbx_description 
_entity.formula_weight 
_entity.pdbx_number_of_molecules 
_entity.pdbx_ec 
_entity.pdbx_mutation 
_entity.pdbx_fragment 
_entity.details 
1 polymer     nat 'Non-specific lipid-transfer protein'    9404.618 2  ? ? ? ? 
2 non-polymer syn GLYCEROL                                 92.094   3  ? ? ? ? 
3 non-polymer syn 'SULFATE ION'                            96.063   2  ? ? ? ? 
4 non-polymer syn 2-AMINO-2-HYDROXYMETHYL-PROPANE-1,3-DIOL 122.143  1  ? ? ? ? 
5 water       nat water                                    18.015   84 ? ? ? ? 
# 
_entity_poly.entity_id                      1 
_entity_poly.type                           'polypeptide(L)' 
_entity_poly.nstd_linkage                   no 
_entity_poly.nstd_monomer                   no 
_entity_poly.pdbx_seq_one_letter_code       
;AVTCGQVDANLAPCVPFLTQGGEPGAACCSGVKTLNGNAQSPDDRKTACNCIKAAANRYPNLKDDAAQSLPSKCGISLNV
PISRTINCDTIS
;
_entity_poly.pdbx_seq_one_letter_code_can   
;AVTCGQVDANLAPCVPFLTQGGEPGAACCSGVKTLNGNAQSPDDRKTACNCIKAAANRYPNLKDDAAQSLPSKCGISLNV
PISRTINCDTIS
;
_entity_poly.pdbx_strand_id                 A,B 
_entity_poly.pdbx_target_identifier         ? 
# 
loop_
_pdbx_entity_nonpoly.entity_id 
_pdbx_entity_nonpoly.name 
_pdbx_entity_nonpoly.comp_id 
2 GLYCEROL                                 GOL 
3 'SULFATE ION'                            SO4 
4 2-AMINO-2-HYDROXYMETHYL-PROPANE-1,3-DIOL TRS 
5 water                                    HOH 
# 
loop_
_entity_poly_seq.entity_id 
_entity_poly_seq.num 
_entity_poly_seq.mon_id 
_entity_poly_seq.hetero 
1 1  ALA n 
1 2  VAL n 
1 3  THR n 
1 4  CYS n 
1 5  GLY n 
1 6  GLN n 
1 7  VAL n 
1 8  ASP n 
1 9  ALA n 
1 10 ASN n 
1 11 LEU n 
1 12 ALA n 
1 13 PRO n 
1 14 CYS n 
1 15 VAL n 
1 16 PRO n 
1 17 PHE n 
1 18 LEU n 
1 19 THR n 
1 20 GLN n 
1 21 GLY n 
1 22 GLY n 
1 23 GLU n 
1 24 PRO n 
1 25 GLY n 
1 26 ALA n 
1 27 ALA n 
1 28 CYS n 
1 29 CYS n 
1 30 SER n 
1 31 GLY n 
1 32 VAL n 
1 33 LYS n 
1 34 THR n 
1 35 LEU n 
1 36 ASN n 
1 37 GLY n 
1 38 ASN n 
1 39 ALA n 
1 40 GLN n 
1 41 SER n 
1 42 PRO n 
1 43 ASP n 
1 44 ASP n 
1 45 ARG n 
1 46 LYS n 
1 47 THR n 
1 48 ALA n 
1 49 CYS n 
1 50 ASN n 
1 51 CYS n 
1 52 ILE n 
1 53 LYS n 
1 54 ALA n 
1 55 ALA n 
1 56 ALA n 
1 57 ASN n 
1 58 ARG n 
1 59 TYR n 
1 60 PRO n 
1 61 ASN n 
1 62 LEU n 
1 63 LYS n 
1 64 ASP n 
1 65 ASP n 
1 66 ALA n 
1 67 ALA n 
1 68 GLN n 
1 69 SER n 
1 70 LEU n 
1 71 PRO n 
1 72 SER n 
1 73 LYS n 
1 74 CYS n 
1 75 GLY n 
1 76 ILE n 
1 77 SER n 
1 78 LEU n 
1 79 ASN n 
1 80 VAL n 
1 81 PRO n 
1 82 ILE n 
1 83 SER n 
1 84 ARG n 
1 85 THR n 
1 86 ILE n 
1 87 ASN n 
1 88 CYS n 
1 89 ASP n 
1 90 THR n 
1 91 ILE n 
1 92 SER n 
# 
_entity_src_nat.entity_id                  1 
_entity_src_nat.pdbx_src_id                1 
_entity_src_nat.pdbx_alt_source_flag       sample 
_entity_src_nat.pdbx_beg_seq_num           1 
_entity_src_nat.pdbx_end_seq_num           92 
_entity_src_nat.common_name                Eggplant 
_entity_src_nat.pdbx_organism_scientific   'Solanum melongena' 
_entity_src_nat.pdbx_ncbi_taxonomy_id      4111 
_entity_src_nat.genus                      ? 
_entity_src_nat.species                    ? 
_entity_src_nat.strain                     ? 
_entity_src_nat.tissue                     ? 
_entity_src_nat.tissue_fraction            ? 
_entity_src_nat.pdbx_secretion             ? 
_entity_src_nat.pdbx_fragment              ? 
_entity_src_nat.pdbx_variant               ? 
_entity_src_nat.pdbx_cell_line             ? 
_entity_src_nat.pdbx_atcc                  ? 
_entity_src_nat.pdbx_cellular_location     ? 
_entity_src_nat.pdbx_organ                 ? 
_entity_src_nat.pdbx_organelle             ? 
_entity_src_nat.pdbx_cell                  ? 
_entity_src_nat.pdbx_plasmid_name          ? 
_entity_src_nat.pdbx_plasmid_details       ? 
_entity_src_nat.details                    ? 
# 
loop_
_chem_comp.id 
_chem_comp.type 
_chem_comp.mon_nstd_flag 
_chem_comp.name 
_chem_comp.pdbx_synonyms 
_chem_comp.formula 
_chem_comp.formula_weight 
ALA 'L-peptide linking' y ALANINE                                  ?                               'C3 H7 N O2'     89.093  
ARG 'L-peptide linking' y ARGININE                                 ?                               'C6 H15 N4 O2 1' 175.209 
ASN 'L-peptide linking' y ASPARAGINE                               ?                               'C4 H8 N2 O3'    132.118 
ASP 'L-peptide linking' y 'ASPARTIC ACID'                          ?                               'C4 H7 N O4'     133.103 
CYS 'L-peptide linking' y CYSTEINE                                 ?                               'C3 H7 N O2 S'   121.158 
GLN 'L-peptide linking' y GLUTAMINE                                ?                               'C5 H10 N2 O3'   146.144 
GLU 'L-peptide linking' y 'GLUTAMIC ACID'                          ?                               'C5 H9 N O4'     147.129 
GLY 'peptide linking'   y GLYCINE                                  ?                               'C2 H5 N O2'     75.067  
GOL non-polymer         . GLYCEROL                                 'GLYCERIN; PROPANE-1,2,3-TRIOL' 'C3 H8 O3'       92.094  
HOH non-polymer         . WATER                                    ?                               'H2 O'           18.015  
ILE 'L-peptide linking' y ISOLEUCINE                               ?                               'C6 H13 N O2'    131.173 
LEU 'L-peptide linking' y LEUCINE                                  ?                               'C6 H13 N O2'    131.173 
LYS 'L-peptide linking' y LYSINE                                   ?                               'C6 H15 N2 O2 1' 147.195 
PHE 'L-peptide linking' y PHENYLALANINE                            ?                               'C9 H11 N O2'    165.189 
PRO 'L-peptide linking' y PROLINE                                  ?                               'C5 H9 N O2'     115.130 
SER 'L-peptide linking' y SERINE                                   ?                               'C3 H7 N O3'     105.093 
SO4 non-polymer         . 'SULFATE ION'                            ?                               'O4 S -2'        96.063  
THR 'L-peptide linking' y THREONINE                                ?                               'C4 H9 N O3'     119.119 
TRS non-polymer         . 2-AMINO-2-HYDROXYMETHYL-PROPANE-1,3-DIOL 'TRIS BUFFER'                   'C4 H12 N O3 1'  122.143 
TYR 'L-peptide linking' y TYROSINE                                 ?                               'C9 H11 N O3'    181.189 
VAL 'L-peptide linking' y VALINE                                   ?                               'C5 H11 N O2'    117.146 
# 
loop_
_pdbx_poly_seq_scheme.asym_id 
_pdbx_poly_seq_scheme.entity_id 
_pdbx_poly_seq_scheme.seq_id 
_pdbx_poly_seq_scheme.mon_id 
_pdbx_poly_seq_scheme.ndb_seq_num 
_pdbx_poly_seq_scheme.pdb_seq_num 
_pdbx_poly_seq_scheme.auth_seq_num 
_pdbx_poly_seq_scheme.pdb_mon_id 
_pdbx_poly_seq_scheme.auth_mon_id 
_pdbx_poly_seq_scheme.pdb_strand_id 
_pdbx_poly_seq_scheme.pdb_ins_code 
_pdbx_poly_seq_scheme.hetero 
A 1 1  ALA 1  1  1  ALA ALA A . n 
A 1 2  VAL 2  2  2  VAL VAL A . n 
A 1 3  THR 3  3  3  THR THR A . n 
A 1 4  CYS 4  4  4  CYS CYS A . n 
A 1 5  GLY 5  5  5  GLY GLY A . n 
A 1 6  GLN 6  6  6  GLN GLN A . n 
A 1 7  VAL 7  7  7  VAL VAL A . n 
A 1 8  ASP 8  8  8  ASP ASP A . n 
A 1 9  ALA 9  9  9  ALA ALA A . n 
A 1 10 ASN 10 10 10 ASN ASN A . n 
A 1 11 LEU 11 11 11 LEU LEU A . n 
A 1 12 ALA 12 12 12 ALA ALA A . n 
A 1 13 PRO 13 13 13 PRO PRO A . n 
A 1 14 CYS 14 14 14 CYS CYS A . n 
A 1 15 VAL 15 15 15 VAL VAL A . n 
A 1 16 PRO 16 16 16 PRO PRO A . n 
A 1 17 PHE 17 17 17 PHE PHE A . n 
A 1 18 LEU 18 18 18 LEU LEU A . n 
A 1 19 THR 19 19 19 THR THR A . n 
A 1 20 GLN 20 20 20 GLN GLN A . n 
A 1 21 GLY 21 21 21 GLY GLY A . n 
A 1 22 GLY 22 22 22 GLY GLY A . n 
A 1 23 GLU 23 23 23 GLU GLU A . n 
A 1 24 PRO 24 24 24 PRO PRO A . n 
A 1 25 GLY 25 25 25 GLY GLY A . n 
A 1 26 ALA 26 26 26 ALA ALA A . n 
A 1 27 ALA 27 27 27 ALA ALA A . n 
A 1 28 CYS 28 28 28 CYS CYS A . n 
A 1 29 CYS 29 29 29 CYS CYS A . n 
A 1 30 SER 30 30 30 SER SER A . n 
A 1 31 GLY 31 31 31 GLY GLY A . n 
A 1 32 VAL 32 32 32 VAL VAL A . n 
A 1 33 LYS 33 33 33 LYS LYS A . n 
A 1 34 THR 34 34 34 THR THR A . n 
A 1 35 LEU 35 35 35 LEU LEU A . n 
A 1 36 ASN 36 36 36 ASN ASN A . n 
A 1 37 GLY 37 37 37 GLY GLY A . n 
A 1 38 ASN 38 38 38 ASN ASN A . n 
A 1 39 ALA 39 39 39 ALA ALA A . n 
A 1 40 GLN 40 40 40 GLN GLN A . n 
A 1 41 SER 41 41 41 SER SER A . n 
A 1 42 PRO 42 42 42 PRO PRO A . n 
A 1 43 ASP 43 43 43 ASP ASP A . n 
A 1 44 ASP 44 44 44 ASP ASP A . n 
A 1 45 ARG 45 45 45 ARG ARG A . n 
A 1 46 LYS 46 46 46 LYS LYS A . n 
A 1 47 THR 47 47 47 THR THR A . n 
A 1 48 ALA 48 48 48 ALA ALA A . n 
A 1 49 CYS 49 49 49 CYS CYS A . n 
A 1 50 ASN 50 50 50 ASN ASN A . n 
A 1 51 CYS 51 51 51 CYS CYS A . n 
A 1 52 ILE 52 52 52 ILE ILE A . n 
A 1 53 LYS 53 53 53 LYS LYS A . n 
A 1 54 ALA 54 54 54 ALA ALA A . n 
A 1 55 ALA 55 55 55 ALA ALA A . n 
A 1 56 ALA 56 56 56 ALA ALA A . n 
A 1 57 ASN 57 57 57 ASN ASN A . n 
A 1 58 ARG 58 58 58 ARG ARG A . n 
A 1 59 TYR 59 59 59 TYR TYR A . n 
A 1 60 PRO 60 60 60 PRO PRO A . n 
A 1 61 ASN 61 61 61 ASN ASN A . n 
A 1 62 LEU 62 62 62 LEU LEU A . n 
A 1 63 LYS 63 63 63 LYS LYS A . n 
A 1 64 ASP 64 64 64 ASP ASP A . n 
A 1 65 ASP 65 65 65 ASP ASP A . n 
A 1 66 ALA 66 66 66 ALA ALA A . n 
A 1 67 ALA 67 67 67 ALA ALA A . n 
A 1 68 GLN 68 68 68 GLN GLN A . n 
A 1 69 SER 69 69 69 SER SER A . n 
A 1 70 LEU 70 70 70 LEU LEU A . n 
A 1 71 PRO 71 71 71 PRO PRO A . n 
A 1 72 SER 72 72 72 SER SER A . n 
A 1 73 LYS 73 73 73 LYS LYS A . n 
A 1 74 CYS 74 74 74 CYS CYS A . n 
A 1 75 GLY 75 75 75 GLY GLY A . n 
A 1 76 ILE 76 76 76 ILE ILE A . n 
A 1 77 SER 77 77 77 SER SER A . n 
A 1 78 LEU 78 78 78 LEU LEU A . n 
A 1 79 ASN 79 79 79 ASN ASN A . n 
A 1 80 VAL 80 80 80 VAL VAL A . n 
A 1 81 PRO 81 81 81 PRO PRO A . n 
A 1 82 ILE 82 82 82 ILE ILE A . n 
A 1 83 SER 83 83 83 SER SER A . n 
A 1 84 ARG 84 84 84 ARG ARG A . n 
A 1 85 THR 85 85 85 THR THR A . n 
A 1 86 ILE 86 86 86 ILE ILE A . n 
A 1 87 ASN 87 87 87 ASN ASN A . n 
A 1 88 CYS 88 88 88 CYS CYS A . n 
A 1 89 ASP 89 89 89 ASP ASP A . n 
A 1 90 THR 90 90 90 THR THR A . n 
A 1 91 ILE 91 91 91 ILE ILE A . n 
A 1 92 SER 92 92 92 SER SER A . n 
B 1 1  ALA 1  1  ?  ?   ?   B . n 
B 1 2  VAL 2  2  2  VAL VAL B . n 
B 1 3  THR 3  3  3  THR THR B . n 
B 1 4  CYS 4  4  4  CYS CYS B . n 
B 1 5  GLY 5  5  5  GLY GLY B . n 
B 1 6  GLN 6  6  6  GLN GLN B . n 
B 1 7  VAL 7  7  7  VAL VAL B . n 
B 1 8  ASP 8  8  8  ASP ASP B . n 
B 1 9  ALA 9  9  9  ALA ALA B . n 
B 1 10 ASN 10 10 10 ASN ASN B . n 
B 1 11 LEU 11 11 11 LEU LEU B . n 
B 1 12 ALA 12 12 12 ALA ALA B . n 
B 1 13 PRO 13 13 13 PRO PRO B . n 
B 1 14 CYS 14 14 14 CYS CYS B . n 
B 1 15 VAL 15 15 15 VAL VAL B . n 
B 1 16 PRO 16 16 16 PRO PRO B . n 
B 1 17 PHE 17 17 17 PHE PHE B . n 
B 1 18 LEU 18 18 18 LEU LEU B . n 
B 1 19 THR 19 19 19 THR THR B . n 
B 1 20 GLN 20 20 20 GLN GLN B . n 
B 1 21 GLY 21 21 21 GLY GLY B . n 
B 1 22 GLY 22 22 22 GLY GLY B . n 
B 1 23 GLU 23 23 23 GLU GLU B . n 
B 1 24 PRO 24 24 24 PRO PRO B . n 
B 1 25 GLY 25 25 25 GLY GLY B . n 
B 1 26 ALA 26 26 26 ALA ALA B . n 
B 1 27 ALA 27 27 27 ALA ALA B . n 
B 1 28 CYS 28 28 28 CYS CYS B . n 
B 1 29 CYS 29 29 29 CYS CYS B . n 
B 1 30 SER 30 30 30 SER SER B . n 
B 1 31 GLY 31 31 31 GLY GLY B . n 
B 1 32 VAL 32 32 32 VAL VAL B . n 
B 1 33 LYS 33 33 33 LYS LYS B . n 
B 1 34 THR 34 34 34 THR THR B . n 
B 1 35 LEU 35 35 35 LEU LEU B . n 
B 1 36 ASN 36 36 36 ASN ASN B . n 
B 1 37 GLY 37 37 37 GLY GLY B . n 
B 1 38 ASN 38 38 38 ASN ASN B . n 
B 1 39 ALA 39 39 39 ALA ALA B . n 
B 1 40 GLN 40 40 40 GLN GLN B . n 
B 1 41 SER 41 41 41 SER SER B . n 
B 1 42 PRO 42 42 42 PRO PRO B . n 
B 1 43 ASP 43 43 43 ASP ASP B . n 
B 1 44 ASP 44 44 44 ASP ASP B . n 
B 1 45 ARG 45 45 45 ARG ARG B . n 
B 1 46 LYS 46 46 46 LYS LYS B . n 
B 1 47 THR 47 47 47 THR THR B . n 
B 1 48 ALA 48 48 48 ALA ALA B . n 
B 1 49 CYS 49 49 49 CYS CYS B . n 
B 1 50 ASN 50 50 50 ASN ASN B . n 
B 1 51 CYS 51 51 51 CYS CYS B . n 
B 1 52 ILE 52 52 52 ILE ILE B . n 
B 1 53 LYS 53 53 53 LYS LYS B . n 
B 1 54 ALA 54 54 54 ALA ALA B . n 
B 1 55 ALA 55 55 55 ALA ALA B . n 
B 1 56 ALA 56 56 56 ALA ALA B . n 
B 1 57 ASN 57 57 57 ASN ASN B . n 
B 1 58 ARG 58 58 58 ARG ARG B . n 
B 1 59 TYR 59 59 59 TYR TYR B . n 
B 1 60 PRO 60 60 60 PRO PRO B . n 
B 1 61 ASN 61 61 61 ASN ASN B . n 
B 1 62 LEU 62 62 62 LEU LEU B . n 
B 1 63 LYS 63 63 63 LYS LYS B . n 
B 1 64 ASP 64 64 64 ASP ASP B . n 
B 1 65 ASP 65 65 65 ASP ASP B . n 
B 1 66 ALA 66 66 66 ALA ALA B . n 
B 1 67 ALA 67 67 67 ALA ALA B . n 
B 1 68 GLN 68 68 68 GLN GLN B . n 
B 1 69 SER 69 69 69 SER SER B . n 
B 1 70 LEU 70 70 70 LEU LEU B . n 
B 1 71 PRO 71 71 71 PRO PRO B . n 
B 1 72 SER 72 72 72 SER SER B . n 
B 1 73 LYS 73 73 73 LYS LYS B . n 
B 1 74 CYS 74 74 74 CYS CYS B . n 
B 1 75 GLY 75 75 75 GLY GLY B . n 
B 1 76 ILE 76 76 76 ILE ILE B . n 
B 1 77 SER 77 77 77 SER SER B . n 
B 1 78 LEU 78 78 78 LEU LEU B . n 
B 1 79 ASN 79 79 79 ASN ASN B . n 
B 1 80 VAL 80 80 80 VAL VAL B . n 
B 1 81 PRO 81 81 81 PRO PRO B . n 
B 1 82 ILE 82 82 82 ILE ILE B . n 
B 1 83 SER 83 83 83 SER SER B . n 
B 1 84 ARG 84 84 84 ARG ARG B . n 
B 1 85 THR 85 85 85 THR THR B . n 
B 1 86 ILE 86 86 86 ILE ILE B . n 
B 1 87 ASN 87 87 87 ASN ASN B . n 
B 1 88 CYS 88 88 88 CYS CYS B . n 
B 1 89 ASP 89 89 89 ASP ASP B . n 
B 1 90 THR 90 90 90 THR THR B . n 
B 1 91 ILE 91 91 91 ILE ILE B . n 
B 1 92 SER 92 92 ?  ?   ?   B . n 
# 
loop_
_pdbx_nonpoly_scheme.asym_id 
_pdbx_nonpoly_scheme.entity_id 
_pdbx_nonpoly_scheme.mon_id 
_pdbx_nonpoly_scheme.ndb_seq_num 
_pdbx_nonpoly_scheme.pdb_seq_num 
_pdbx_nonpoly_scheme.auth_seq_num 
_pdbx_nonpoly_scheme.pdb_mon_id 
_pdbx_nonpoly_scheme.auth_mon_id 
_pdbx_nonpoly_scheme.pdb_strand_id 
_pdbx_nonpoly_scheme.pdb_ins_code 
C 2 GOL 1  101 1   GOL GOL A . 
D 3 SO4 1  102 2   SO4 SO4 A . 
E 2 GOL 1  101 2   GOL GOL B . 
F 2 GOL 1  102 3   GOL GOL B . 
G 4 TRS 1  103 1   TRS TRS B . 
H 3 SO4 1  104 1   SO4 SO4 B . 
I 5 HOH 1  201 9   HOH HOH A . 
I 5 HOH 2  202 2   HOH HOH A . 
I 5 HOH 3  203 188 HOH HOH A . 
I 5 HOH 4  204 56  HOH HOH A . 
I 5 HOH 5  205 36  HOH HOH A . 
I 5 HOH 6  206 174 HOH HOH A . 
I 5 HOH 7  207 206 HOH HOH A . 
I 5 HOH 8  208 52  HOH HOH A . 
I 5 HOH 9  209 123 HOH HOH A . 
I 5 HOH 10 210 25  HOH HOH A . 
I 5 HOH 11 211 70  HOH HOH A . 
I 5 HOH 12 212 86  HOH HOH A . 
I 5 HOH 13 213 71  HOH HOH A . 
I 5 HOH 14 214 61  HOH HOH A . 
I 5 HOH 15 215 24  HOH HOH A . 
I 5 HOH 16 216 17  HOH HOH A . 
I 5 HOH 17 217 46  HOH HOH A . 
I 5 HOH 18 218 7   HOH HOH A . 
I 5 HOH 19 219 27  HOH HOH A . 
I 5 HOH 20 220 10  HOH HOH A . 
I 5 HOH 21 221 82  HOH HOH A . 
I 5 HOH 22 222 176 HOH HOH A . 
I 5 HOH 23 223 18  HOH HOH A . 
I 5 HOH 24 224 13  HOH HOH A . 
I 5 HOH 25 225 165 HOH HOH A . 
I 5 HOH 26 226 1   HOH HOH A . 
I 5 HOH 27 227 14  HOH HOH A . 
I 5 HOH 28 228 67  HOH HOH A . 
I 5 HOH 29 229 173 HOH HOH A . 
I 5 HOH 30 230 5   HOH HOH A . 
I 5 HOH 31 231 26  HOH HOH A . 
I 5 HOH 32 232 161 HOH HOH A . 
I 5 HOH 33 233 22  HOH HOH A . 
I 5 HOH 34 234 194 HOH HOH A . 
I 5 HOH 35 235 172 HOH HOH A . 
I 5 HOH 36 236 178 HOH HOH A . 
I 5 HOH 37 237 162 HOH HOH A . 
I 5 HOH 38 238 28  HOH HOH A . 
I 5 HOH 39 239 164 HOH HOH A . 
I 5 HOH 40 240 48  HOH HOH A . 
I 5 HOH 41 241 205 HOH HOH A . 
I 5 HOH 42 242 208 HOH HOH A . 
I 5 HOH 43 243 68  HOH HOH A . 
I 5 HOH 44 244 215 HOH HOH A . 
J 5 HOH 1  201 177 HOH HOH B . 
J 5 HOH 2  202 134 HOH HOH B . 
J 5 HOH 3  203 12  HOH HOH B . 
J 5 HOH 4  204 171 HOH HOH B . 
J 5 HOH 5  205 119 HOH HOH B . 
J 5 HOH 6  206 45  HOH HOH B . 
J 5 HOH 7  207 43  HOH HOH B . 
J 5 HOH 8  208 102 HOH HOH B . 
J 5 HOH 9  209 182 HOH HOH B . 
J 5 HOH 10 210 180 HOH HOH B . 
J 5 HOH 11 211 38  HOH HOH B . 
J 5 HOH 12 212 169 HOH HOH B . 
J 5 HOH 13 213 29  HOH HOH B . 
J 5 HOH 14 214 23  HOH HOH B . 
J 5 HOH 15 215 16  HOH HOH B . 
J 5 HOH 16 216 15  HOH HOH B . 
J 5 HOH 17 217 20  HOH HOH B . 
J 5 HOH 18 218 11  HOH HOH B . 
J 5 HOH 19 219 42  HOH HOH B . 
J 5 HOH 20 220 34  HOH HOH B . 
J 5 HOH 21 221 8   HOH HOH B . 
J 5 HOH 22 222 35  HOH HOH B . 
J 5 HOH 23 223 124 HOH HOH B . 
J 5 HOH 24 224 216 HOH HOH B . 
J 5 HOH 25 225 207 HOH HOH B . 
J 5 HOH 26 226 37  HOH HOH B . 
J 5 HOH 27 227 6   HOH HOH B . 
J 5 HOH 28 228 175 HOH HOH B . 
J 5 HOH 29 229 114 HOH HOH B . 
J 5 HOH 30 230 94  HOH HOH B . 
J 5 HOH 31 231 66  HOH HOH B . 
J 5 HOH 32 232 217 HOH HOH B . 
J 5 HOH 33 233 54  HOH HOH B . 
J 5 HOH 34 234 47  HOH HOH B . 
J 5 HOH 35 235 84  HOH HOH B . 
J 5 HOH 36 236 209 HOH HOH B . 
J 5 HOH 37 237 78  HOH HOH B . 
J 5 HOH 38 238 212 HOH HOH B . 
J 5 HOH 39 239 213 HOH HOH B . 
J 5 HOH 40 240 214 HOH HOH B . 
# 
loop_
_software.citation_id 
_software.classification 
_software.compiler_name 
_software.compiler_version 
_software.contact_author 
_software.contact_author_email 
_software.date 
_software.description 
_software.dependencies 
_software.hardware 
_software.language 
_software.location 
_software.mods 
_software.name 
_software.os 
_software.os_version 
_software.type 
_software.version 
_software.pdbx_ordinal 
? refinement       ? ? ? ? ? ? ? ? ? ? ? PHENIX   ? ? ? '(dev_2747: ???)' 1 
? 'data reduction' ? ? ? ? ? ? ? ? ? ? ? HKL-2000 ? ? ? .                 2 
? 'data scaling'   ? ? ? ? ? ? ? ? ? ? ? HKL-2000 ? ? ? .                 3 
? phasing          ? ? ? ? ? ? ? ? ? ? ? PHASER   ? ? ? .                 4 
# 
_cell.angle_alpha                  90.00 
_cell.angle_alpha_esd              ? 
_cell.angle_beta                   90.00 
_cell.angle_beta_esd               ? 
_cell.angle_gamma                  120.00 
_cell.angle_gamma_esd              ? 
_cell.entry_id                     6IWM 
_cell.details                      ? 
_cell.formula_units_Z              ? 
_cell.length_a                     87.036 
_cell.length_a_esd                 ? 
_cell.length_b                     87.036 
_cell.length_b_esd                 ? 
_cell.length_c                     50.342 
_cell.length_c_esd                 ? 
_cell.volume                       ? 
_cell.volume_esd                   ? 
_cell.Z_PDB                        12 
_cell.reciprocal_angle_alpha       ? 
_cell.reciprocal_angle_beta        ? 
_cell.reciprocal_angle_gamma       ? 
_cell.reciprocal_angle_alpha_esd   ? 
_cell.reciprocal_angle_beta_esd    ? 
_cell.reciprocal_angle_gamma_esd   ? 
_cell.reciprocal_length_a          ? 
_cell.reciprocal_length_b          ? 
_cell.reciprocal_length_c          ? 
_cell.reciprocal_length_a_esd      ? 
_cell.reciprocal_length_b_esd      ? 
_cell.reciprocal_length_c_esd      ? 
_cell.pdbx_unique_axis             ? 
# 
_symmetry.entry_id                         6IWM 
_symmetry.cell_setting                     ? 
_symmetry.Int_Tables_number                169 
_symmetry.space_group_name_Hall            ? 
_symmetry.space_group_name_H-M             'P 61' 
_symmetry.pdbx_full_space_group_name_H-M   ? 
# 
_exptl.absorpt_coefficient_mu     ? 
_exptl.absorpt_correction_T_max   ? 
_exptl.absorpt_correction_T_min   ? 
_exptl.absorpt_correction_type    ? 
_exptl.absorpt_process_details    ? 
_exptl.entry_id                   6IWM 
_exptl.crystals_number            1 
_exptl.details                    ? 
_exptl.method                     'X-RAY DIFFRACTION' 
_exptl.method_details             ? 
# 
_exptl_crystal.colour                      ? 
_exptl_crystal.density_diffrn              ? 
_exptl_crystal.density_Matthews            2.93 
_exptl_crystal.density_method              ? 
_exptl_crystal.density_percent_sol         57.97 
_exptl_crystal.description                 ? 
_exptl_crystal.F_000                       ? 
_exptl_crystal.id                          1 
_exptl_crystal.preparation                 ? 
_exptl_crystal.size_max                    ? 
_exptl_crystal.size_mid                    ? 
_exptl_crystal.size_min                    ? 
_exptl_crystal.size_rad                    ? 
_exptl_crystal.colour_lustre               ? 
_exptl_crystal.colour_modifier             ? 
_exptl_crystal.colour_primary              ? 
_exptl_crystal.density_meas                ? 
_exptl_crystal.density_meas_esd            ? 
_exptl_crystal.density_meas_gt             ? 
_exptl_crystal.density_meas_lt             ? 
_exptl_crystal.density_meas_temp           ? 
_exptl_crystal.density_meas_temp_esd       ? 
_exptl_crystal.density_meas_temp_gt        ? 
_exptl_crystal.density_meas_temp_lt        ? 
_exptl_crystal.pdbx_crystal_image_url      ? 
_exptl_crystal.pdbx_crystal_image_format   ? 
_exptl_crystal.pdbx_mosaicity              ? 
_exptl_crystal.pdbx_mosaicity_esd          ? 
# 
_exptl_crystal_grow.apparatus       ? 
_exptl_crystal_grow.atmosphere      ? 
_exptl_crystal_grow.crystal_id      1 
_exptl_crystal_grow.details         ? 
_exptl_crystal_grow.method          'VAPOR DIFFUSION, HANGING DROP' 
_exptl_crystal_grow.method_ref      ? 
_exptl_crystal_grow.pH              7.0 
_exptl_crystal_grow.pressure        ? 
_exptl_crystal_grow.pressure_esd    ? 
_exptl_crystal_grow.seeding         ? 
_exptl_crystal_grow.seeding_ref     ? 
_exptl_crystal_grow.temp            295.15 
_exptl_crystal_grow.temp_details    ? 
_exptl_crystal_grow.temp_esd        ? 
_exptl_crystal_grow.time            ? 
_exptl_crystal_grow.pdbx_details    '0.1M HEPES pH 7.0, 2M Ammonium sulfate' 
_exptl_crystal_grow.pdbx_pH_range   ? 
# 
_diffrn.ambient_environment              ? 
_diffrn.ambient_temp                     100 
_diffrn.ambient_temp_details             ? 
_diffrn.ambient_temp_esd                 ? 
_diffrn.crystal_id                       1 
_diffrn.crystal_support                  ? 
_diffrn.crystal_treatment                ? 
_diffrn.details                          ? 
_diffrn.id                               1 
_diffrn.ambient_pressure                 ? 
_diffrn.ambient_pressure_esd             ? 
_diffrn.ambient_pressure_gt              ? 
_diffrn.ambient_pressure_lt              ? 
_diffrn.ambient_temp_gt                  ? 
_diffrn.ambient_temp_lt                  ? 
_diffrn.pdbx_serial_crystal_experiment   N 
# 
_diffrn_detector.details                      ? 
_diffrn_detector.detector                     'IMAGE PLATE' 
_diffrn_detector.diffrn_id                    1 
_diffrn_detector.type                         'RIGAKU RAXIS IV++' 
_diffrn_detector.area_resol_mean              ? 
_diffrn_detector.dtime                        ? 
_diffrn_detector.pdbx_frames_total            ? 
_diffrn_detector.pdbx_collection_time_total   ? 
_diffrn_detector.pdbx_collection_date         2016-02-24 
_diffrn_detector.pdbx_frequency               ? 
# 
_diffrn_radiation.collimation                      ? 
_diffrn_radiation.diffrn_id                        1 
_diffrn_radiation.filter_edge                      ? 
_diffrn_radiation.inhomogeneity                    ? 
_diffrn_radiation.monochromator                    ? 
_diffrn_radiation.polarisn_norm                    ? 
_diffrn_radiation.polarisn_ratio                   ? 
_diffrn_radiation.probe                            ? 
_diffrn_radiation.type                             ? 
_diffrn_radiation.xray_symbol                      ? 
_diffrn_radiation.wavelength_id                    1 
_diffrn_radiation.pdbx_monochromatic_or_laue_m_l   M 
_diffrn_radiation.pdbx_wavelength_list             ? 
_diffrn_radiation.pdbx_wavelength                  ? 
_diffrn_radiation.pdbx_diffrn_protocol             'SINGLE WAVELENGTH' 
_diffrn_radiation.pdbx_analyzer                    ? 
_diffrn_radiation.pdbx_scattering_type             x-ray 
# 
_diffrn_radiation_wavelength.id           1 
_diffrn_radiation_wavelength.wavelength   1.54178 
_diffrn_radiation_wavelength.wt           1.0 
# 
_diffrn_source.current                     ? 
_diffrn_source.details                     ? 
_diffrn_source.diffrn_id                   1 
_diffrn_source.power                       ? 
_diffrn_source.size                        ? 
_diffrn_source.source                      'ROTATING ANODE' 
_diffrn_source.target                      ? 
_diffrn_source.type                        'RIGAKU FR-E SUPERBRIGHT' 
_diffrn_source.voltage                     ? 
_diffrn_source.take-off_angle              ? 
_diffrn_source.pdbx_wavelength_list        1.54178 
_diffrn_source.pdbx_wavelength             ? 
_diffrn_source.pdbx_synchrotron_beamline   ? 
_diffrn_source.pdbx_synchrotron_site       ? 
# 
_reflns.B_iso_Wilson_estimate            ? 
_reflns.entry_id                         6IWM 
_reflns.data_reduction_details           ? 
_reflns.data_reduction_method            ? 
_reflns.d_resolution_high                1.98 
_reflns.d_resolution_low                 50.0 
_reflns.details                          ? 
_reflns.limit_h_max                      ? 
_reflns.limit_h_min                      ? 
_reflns.limit_k_max                      ? 
_reflns.limit_k_min                      ? 
_reflns.limit_l_max                      ? 
_reflns.limit_l_min                      ? 
_reflns.number_all                       ? 
_reflns.number_obs                       15253 
_reflns.observed_criterion               ? 
_reflns.observed_criterion_F_max         ? 
_reflns.observed_criterion_F_min         ? 
_reflns.observed_criterion_I_max         ? 
_reflns.observed_criterion_I_min         ? 
_reflns.observed_criterion_sigma_F       ? 
_reflns.observed_criterion_sigma_I       ? 
_reflns.percent_possible_obs             99.9 
_reflns.R_free_details                   ? 
_reflns.Rmerge_F_all                     ? 
_reflns.Rmerge_F_obs                     ? 
_reflns.Friedel_coverage                 ? 
_reflns.number_gt                        ? 
_reflns.threshold_expression             ? 
_reflns.pdbx_redundancy                  8.4 
_reflns.pdbx_Rmerge_I_obs                0.064 
_reflns.pdbx_Rmerge_I_all                ? 
_reflns.pdbx_Rsym_value                  ? 
_reflns.pdbx_netI_over_av_sigmaI         ? 
_reflns.pdbx_netI_over_sigmaI            38.40 
_reflns.pdbx_res_netI_over_av_sigmaI_2   ? 
_reflns.pdbx_res_netI_over_sigmaI_2      ? 
_reflns.pdbx_chi_squared                 ? 
_reflns.pdbx_scaling_rejects             ? 
_reflns.pdbx_d_res_high_opt              ? 
_reflns.pdbx_d_res_low_opt               ? 
_reflns.pdbx_d_res_opt_method            ? 
_reflns.phase_calculation_details        ? 
_reflns.pdbx_Rrim_I_all                  ? 
_reflns.pdbx_Rpim_I_all                  ? 
_reflns.pdbx_d_opt                       ? 
_reflns.pdbx_number_measured_all         ? 
_reflns.pdbx_diffrn_id                   1 
_reflns.pdbx_ordinal                     1 
_reflns.pdbx_CC_half                     0.955 
_reflns.pdbx_R_split                     ? 
# 
_reflns_shell.d_res_high                  1.98 
_reflns_shell.d_res_low                   2.01 
_reflns_shell.meanI_over_sigI_all         ? 
_reflns_shell.meanI_over_sigI_obs         2.42 
_reflns_shell.number_measured_all         ? 
_reflns_shell.number_measured_obs         ? 
_reflns_shell.number_possible             ? 
_reflns_shell.number_unique_all           ? 
_reflns_shell.number_unique_obs           1507 
_reflns_shell.percent_possible_all        99.9 
_reflns_shell.percent_possible_obs        ? 
_reflns_shell.Rmerge_F_all                ? 
_reflns_shell.Rmerge_F_obs                ? 
_reflns_shell.Rmerge_I_all                ? 
_reflns_shell.Rmerge_I_obs                0.639 
_reflns_shell.meanI_over_sigI_gt          ? 
_reflns_shell.meanI_over_uI_all           ? 
_reflns_shell.meanI_over_uI_gt            ? 
_reflns_shell.number_measured_gt          ? 
_reflns_shell.number_unique_gt            ? 
_reflns_shell.percent_possible_gt         ? 
_reflns_shell.Rmerge_F_gt                 ? 
_reflns_shell.Rmerge_I_gt                 ? 
_reflns_shell.pdbx_redundancy             7.6 
_reflns_shell.pdbx_Rsym_value             ? 
_reflns_shell.pdbx_chi_squared            ? 
_reflns_shell.pdbx_netI_over_sigmaI_all   ? 
_reflns_shell.pdbx_netI_over_sigmaI_obs   ? 
_reflns_shell.pdbx_Rrim_I_all             ? 
_reflns_shell.pdbx_Rpim_I_all             ? 
_reflns_shell.pdbx_rejects                ? 
_reflns_shell.pdbx_ordinal                1 
_reflns_shell.pdbx_diffrn_id              1 
_reflns_shell.pdbx_CC_half                0.748 
_reflns_shell.pdbx_R_split                ? 
# 
_refine.aniso_B[1][1]                            ? 
_refine.aniso_B[1][2]                            ? 
_refine.aniso_B[1][3]                            ? 
_refine.aniso_B[2][2]                            ? 
_refine.aniso_B[2][3]                            ? 
_refine.aniso_B[3][3]                            ? 
_refine.B_iso_max                                ? 
_refine.B_iso_mean                               ? 
_refine.B_iso_min                                ? 
_refine.correlation_coeff_Fo_to_Fc               ? 
_refine.correlation_coeff_Fo_to_Fc_free          ? 
_refine.details                                  ? 
_refine.diff_density_max                         ? 
_refine.diff_density_max_esd                     ? 
_refine.diff_density_min                         ? 
_refine.diff_density_min_esd                     ? 
_refine.diff_density_rms                         ? 
_refine.diff_density_rms_esd                     ? 
_refine.entry_id                                 6IWM 
_refine.pdbx_refine_id                           'X-RAY DIFFRACTION' 
_refine.ls_abs_structure_details                 ? 
_refine.ls_abs_structure_Flack                   ? 
_refine.ls_abs_structure_Flack_esd               ? 
_refine.ls_abs_structure_Rogers                  ? 
_refine.ls_abs_structure_Rogers_esd              ? 
_refine.ls_d_res_high                            1.98 
_refine.ls_d_res_low                             25.13 
_refine.ls_extinction_coef                       ? 
_refine.ls_extinction_coef_esd                   ? 
_refine.ls_extinction_expression                 ? 
_refine.ls_extinction_method                     ? 
_refine.ls_goodness_of_fit_all                   ? 
_refine.ls_goodness_of_fit_all_esd               ? 
_refine.ls_goodness_of_fit_obs                   ? 
_refine.ls_goodness_of_fit_obs_esd               ? 
_refine.ls_hydrogen_treatment                    ? 
_refine.ls_matrix_type                           ? 
_refine.ls_number_constraints                    ? 
_refine.ls_number_parameters                     ? 
_refine.ls_number_reflns_all                     ? 
_refine.ls_number_reflns_obs                     15253 
_refine.ls_number_reflns_R_free                  754 
_refine.ls_number_reflns_R_work                  ? 
_refine.ls_number_restraints                     ? 
_refine.ls_percent_reflns_obs                    99.82 
_refine.ls_percent_reflns_R_free                 4.94 
_refine.ls_R_factor_all                          ? 
_refine.ls_R_factor_obs                          0.1874 
_refine.ls_R_factor_R_free                       0.2172 
_refine.ls_R_factor_R_free_error                 ? 
_refine.ls_R_factor_R_free_error_details         ? 
_refine.ls_R_factor_R_work                       0.1856 
_refine.ls_R_Fsqd_factor_obs                     ? 
_refine.ls_R_I_factor_obs                        ? 
_refine.ls_redundancy_reflns_all                 ? 
_refine.ls_redundancy_reflns_obs                 ? 
_refine.ls_restrained_S_all                      ? 
_refine.ls_restrained_S_obs                      ? 
_refine.ls_shift_over_esd_max                    ? 
_refine.ls_shift_over_esd_mean                   ? 
_refine.ls_structure_factor_coef                 ? 
_refine.ls_weighting_details                     ? 
_refine.ls_weighting_scheme                      ? 
_refine.ls_wR_factor_all                         ? 
_refine.ls_wR_factor_obs                         ? 
_refine.ls_wR_factor_R_free                      ? 
_refine.ls_wR_factor_R_work                      ? 
_refine.occupancy_max                            ? 
_refine.occupancy_min                            ? 
_refine.solvent_model_details                    ? 
_refine.solvent_model_param_bsol                 ? 
_refine.solvent_model_param_ksol                 ? 
_refine.ls_R_factor_gt                           ? 
_refine.ls_goodness_of_fit_gt                    ? 
_refine.ls_goodness_of_fit_ref                   ? 
_refine.ls_shift_over_su_max                     ? 
_refine.ls_shift_over_su_max_lt                  ? 
_refine.ls_shift_over_su_mean                    ? 
_refine.ls_shift_over_su_mean_lt                 ? 
_refine.pdbx_ls_sigma_I                          ? 
_refine.pdbx_ls_sigma_F                          1.40 
_refine.pdbx_ls_sigma_Fsqd                       ? 
_refine.pdbx_data_cutoff_high_absF               ? 
_refine.pdbx_data_cutoff_high_rms_absF           ? 
_refine.pdbx_data_cutoff_low_absF                ? 
_refine.pdbx_isotropic_thermal_model             ? 
_refine.pdbx_ls_cross_valid_method               'FREE R-VALUE' 
_refine.pdbx_method_to_determine_struct          'MOLECULAR REPLACEMENT' 
_refine.pdbx_starting_model                      5TVI 
_refine.pdbx_stereochemistry_target_values       ? 
_refine.pdbx_R_Free_selection_details            ? 
_refine.pdbx_stereochem_target_val_spec_case     ? 
_refine.pdbx_overall_ESU_R                       ? 
_refine.pdbx_overall_ESU_R_Free                  ? 
_refine.pdbx_solvent_vdw_probe_radii             1.11 
_refine.pdbx_solvent_ion_probe_radii             ? 
_refine.pdbx_solvent_shrinkage_radii             0.90 
_refine.pdbx_real_space_R                        ? 
_refine.pdbx_density_correlation                 ? 
_refine.pdbx_pd_number_of_powder_patterns        ? 
_refine.pdbx_pd_number_of_points                 ? 
_refine.pdbx_pd_meas_number_of_points            ? 
_refine.pdbx_pd_proc_ls_prof_R_factor            ? 
_refine.pdbx_pd_proc_ls_prof_wR_factor           ? 
_refine.pdbx_pd_Marquardt_correlation_coeff      ? 
_refine.pdbx_pd_Fsqrd_R_factor                   ? 
_refine.pdbx_pd_ls_matrix_band_width             ? 
_refine.pdbx_overall_phase_error                 22.44 
_refine.pdbx_overall_SU_R_free_Cruickshank_DPI   ? 
_refine.pdbx_overall_SU_R_free_Blow_DPI          ? 
_refine.pdbx_overall_SU_R_Blow_DPI               ? 
_refine.pdbx_TLS_residual_ADP_flag               ? 
_refine.pdbx_diffrn_id                           1 
_refine.overall_SU_B                             ? 
_refine.overall_SU_ML                            0.19 
_refine.overall_SU_R_Cruickshank_DPI             ? 
_refine.overall_SU_R_free                        ? 
_refine.overall_FOM_free_R_set                   ? 
_refine.overall_FOM_work_R_set                   ? 
_refine.pdbx_average_fsc_overall                 ? 
_refine.pdbx_average_fsc_work                    ? 
_refine.pdbx_average_fsc_free                    ? 
# 
_refine_hist.pdbx_refine_id                   'X-RAY DIFFRACTION' 
_refine_hist.cycle_id                         LAST 
_refine_hist.pdbx_number_atoms_protein        1289 
_refine_hist.pdbx_number_atoms_nucleic_acid   0 
_refine_hist.pdbx_number_atoms_ligand         36 
_refine_hist.number_atoms_solvent             84 
_refine_hist.number_atoms_total               1409 
_refine_hist.d_res_high                       1.98 
_refine_hist.d_res_low                        25.13 
# 
_refine_ls_restr.pdbx_refine_id            'X-RAY DIFFRACTION' 
_refine_ls_restr.criterion                 ? 
_refine_ls_restr.dev_ideal                 0.930 
_refine_ls_restr.dev_ideal_target          ? 
_refine_ls_restr.number                    1829 
_refine_ls_restr.rejects                   ? 
_refine_ls_restr.type                      f_angle_d 
_refine_ls_restr.weight                    ? 
_refine_ls_restr.pdbx_restraint_function   ? 
# 
_refine_ls_shell.pdbx_refine_id                   'X-RAY DIFFRACTION' 
_refine_ls_shell.d_res_high                       1.9800 
_refine_ls_shell.d_res_low                        2.05 
_refine_ls_shell.number_reflns_all                ? 
_refine_ls_shell.number_reflns_obs                ? 
_refine_ls_shell.number_reflns_R_free             158 
_refine_ls_shell.number_reflns_R_work             2859 
_refine_ls_shell.percent_reflns_obs               99.00 
_refine_ls_shell.percent_reflns_R_free            ? 
_refine_ls_shell.R_factor_all                     ? 
_refine_ls_shell.R_factor_obs                     ? 
_refine_ls_shell.R_factor_R_free                  0.2771 
_refine_ls_shell.R_factor_R_free_error            ? 
_refine_ls_shell.R_factor_R_work                  0.2159 
_refine_ls_shell.redundancy_reflns_all            ? 
_refine_ls_shell.redundancy_reflns_obs            ? 
_refine_ls_shell.wR_factor_all                    ? 
_refine_ls_shell.wR_factor_obs                    ? 
_refine_ls_shell.wR_factor_R_free                 ? 
_refine_ls_shell.wR_factor_R_work                 ? 
_refine_ls_shell.pdbx_total_number_of_bins_used   ? 
_refine_ls_shell.pdbx_phase_error                 ? 
_refine_ls_shell.pdbx_fsc_work                    ? 
_refine_ls_shell.pdbx_fsc_free                    ? 
# 
_struct.entry_id                     6IWM 
_struct.title                        
;Structural insight into probable lipid transfer mechanism of non-specific lipid transfer protein via intermediate structures in Solanum melongena
;
_struct.pdbx_model_details           ? 
_struct.pdbx_formula_weight          ? 
_struct.pdbx_formula_weight_method   ? 
_struct.pdbx_model_type_details      ? 
_struct.pdbx_CASP_flag               N 
# 
_struct_keywords.entry_id        6IWM 
_struct_keywords.text            'nsLTP, LIPID TRANSPORT' 
_struct_keywords.pdbx_keywords   'LIPID TRANSPORT' 
# 
loop_
_struct_asym.id 
_struct_asym.pdbx_blank_PDB_chainid_flag 
_struct_asym.pdbx_modified 
_struct_asym.entity_id 
_struct_asym.details 
A N N 1 ? 
B N N 1 ? 
C N N 2 ? 
D N N 3 ? 
E N N 2 ? 
F N N 2 ? 
G N N 4 ? 
H N N 3 ? 
I N N 5 ? 
J N N 5 ? 
# 
_struct_ref.id                         1 
_struct_ref.db_name                    UNP 
_struct_ref.db_code                    A0A247D6Y2_SOLME 
_struct_ref.pdbx_db_accession          A0A247D6Y2 
_struct_ref.pdbx_db_isoform            ? 
_struct_ref.entity_id                  1 
_struct_ref.pdbx_seq_one_letter_code   
;AVTCGQVDANLAPCVPFLTQGGEPGAACCSGVKTLNGNAQSPDDRKTACNCIKAAANRYPNLKDDAAQSLPSKCGISLNV
PISRTINCDTIS
;
_struct_ref.pdbx_align_begin           1 
# 
loop_
_struct_ref_seq.align_id 
_struct_ref_seq.ref_id 
_struct_ref_seq.pdbx_PDB_id_code 
_struct_ref_seq.pdbx_strand_id 
_struct_ref_seq.seq_align_beg 
_struct_ref_seq.pdbx_seq_align_beg_ins_code 
_struct_ref_seq.seq_align_end 
_struct_ref_seq.pdbx_seq_align_end_ins_code 
_struct_ref_seq.pdbx_db_accession 
_struct_ref_seq.db_align_beg 
_struct_ref_seq.pdbx_db_align_beg_ins_code 
_struct_ref_seq.db_align_end 
_struct_ref_seq.pdbx_db_align_end_ins_code 
_struct_ref_seq.pdbx_auth_seq_align_beg 
_struct_ref_seq.pdbx_auth_seq_align_end 
1 1 6IWM A 1 ? 92 ? A0A247D6Y2 1 ? 92 ? 1 92 
2 1 6IWM B 1 ? 92 ? A0A247D6Y2 1 ? 92 ? 1 92 
# 
_pdbx_struct_assembly.id                   1 
_pdbx_struct_assembly.details              author_and_software_defined_assembly 
_pdbx_struct_assembly.method_details       PISA 
_pdbx_struct_assembly.oligomeric_details   dimeric 
_pdbx_struct_assembly.oligomeric_count     2 
# 
loop_
_pdbx_struct_assembly_prop.biol_id 
_pdbx_struct_assembly_prop.type 
_pdbx_struct_assembly_prop.value 
_pdbx_struct_assembly_prop.details 
1 'ABSA (A^2)' 1360 ? 
1 MORE         -3   ? 
1 'SSA (A^2)'  8330 ? 
# 
loop_
_pdbx_struct_assembly_gen.assembly_id 
_pdbx_struct_assembly_gen.oper_expression 
_pdbx_struct_assembly_gen.asym_id_list 
1 1 A,C,D,I     
1 2 B,E,F,G,H,J 
# 
_pdbx_struct_assembly_auth_evidence.id                     1 
_pdbx_struct_assembly_auth_evidence.assembly_id            1 
_pdbx_struct_assembly_auth_evidence.experimental_support   none 
_pdbx_struct_assembly_auth_evidence.details                ? 
# 
loop_
_pdbx_struct_oper_list.id 
_pdbx_struct_oper_list.type 
_pdbx_struct_oper_list.name 
_pdbx_struct_oper_list.symmetry_operation 
_pdbx_struct_oper_list.matrix[1][1] 
_pdbx_struct_oper_list.matrix[1][2] 
_pdbx_struct_oper_list.matrix[1][3] 
_pdbx_struct_oper_list.vector[1] 
_pdbx_struct_oper_list.matrix[2][1] 
_pdbx_struct_oper_list.matrix[2][2] 
_pdbx_struct_oper_list.matrix[2][3] 
_pdbx_struct_oper_list.vector[2] 
_pdbx_struct_oper_list.matrix[3][1] 
_pdbx_struct_oper_list.matrix[3][2] 
_pdbx_struct_oper_list.matrix[3][3] 
_pdbx_struct_oper_list.vector[3] 
1 'identity operation'         1_555 x,y,z       1.0000000000 0.0000000000  0.0000000000  0.0000000000  0.0000000000 1.0000000000 0.0000000000  0.0000000000   0.0000000000 0.0000000000  1.0000000000 0.0000000000   
2 'crystal symmetry operation' 6_555 x-y,x,z+1/6 0.5012452008 -0.2000246403 -0.8418689874 30.5450289555 0.1512211273 0.9781925343 -0.1423781458 -10.5285255757 0.8519890958 -0.0559420150 0.5205622649 -16.9156163310 
# 
loop_
_struct_conf.conf_type_id 
_struct_conf.id 
_struct_conf.pdbx_PDB_helix_id 
_struct_conf.beg_label_comp_id 
_struct_conf.beg_label_asym_id 
_struct_conf.beg_label_seq_id 
_struct_conf.pdbx_beg_PDB_ins_code 
_struct_conf.end_label_comp_id 
_struct_conf.end_label_asym_id 
_struct_conf.end_label_seq_id 
_struct_conf.pdbx_end_PDB_ins_code 
_struct_conf.beg_auth_comp_id 
_struct_conf.beg_auth_asym_id 
_struct_conf.beg_auth_seq_id 
_struct_conf.end_auth_comp_id 
_struct_conf.end_auth_asym_id 
_struct_conf.end_auth_seq_id 
_struct_conf.pdbx_PDB_helix_class 
_struct_conf.details 
_struct_conf.pdbx_PDB_helix_length 
HELX_P HELX_P1  AA1 THR A 3  ? ALA A 12 ? THR A 3  ALA A 12 1 ? 10 
HELX_P HELX_P2  AA2 CYS A 14 ? GLY A 21 ? CYS A 14 GLY A 21 1 ? 8  
HELX_P HELX_P3  AA3 GLY A 25 ? ALA A 39 ? GLY A 25 ALA A 39 1 ? 15 
HELX_P HELX_P4  AA4 SER A 41 ? TYR A 59 ? SER A 41 TYR A 59 1 ? 19 
HELX_P HELX_P5  AA5 LYS A 63 ? GLY A 75 ? LYS A 63 GLY A 75 1 ? 13 
HELX_P HELX_P6  AA6 ASN A 87 ? ILE A 91 ? ASN A 87 ILE A 91 5 ? 5  
HELX_P HELX_P7  AA7 THR B 3  ? ALA B 12 ? THR B 3  ALA B 12 1 ? 10 
HELX_P HELX_P8  AA8 CYS B 14 ? GLY B 21 ? CYS B 14 GLY B 21 1 ? 8  
HELX_P HELX_P9  AA9 GLY B 25 ? ALA B 39 ? GLY B 25 ALA B 39 1 ? 15 
HELX_P HELX_P10 AB1 SER B 41 ? TYR B 59 ? SER B 41 TYR B 59 1 ? 19 
HELX_P HELX_P11 AB2 LYS B 63 ? GLY B 75 ? LYS B 63 GLY B 75 1 ? 13 
HELX_P HELX_P12 AB3 ASN B 87 ? ILE B 91 ? ASN B 87 ILE B 91 5 ? 5  
# 
_struct_conf_type.id          HELX_P 
_struct_conf_type.criteria    ? 
_struct_conf_type.reference   ? 
# 
loop_
_struct_conn.id 
_struct_conn.conn_type_id 
_struct_conn.pdbx_leaving_atom_flag 
_struct_conn.pdbx_PDB_id 
_struct_conn.ptnr1_label_asym_id 
_struct_conn.ptnr1_label_comp_id 
_struct_conn.ptnr1_label_seq_id 
_struct_conn.ptnr1_label_atom_id 
_struct_conn.pdbx_ptnr1_label_alt_id 
_struct_conn.pdbx_ptnr1_PDB_ins_code 
_struct_conn.pdbx_ptnr1_standard_comp_id 
_struct_conn.ptnr1_symmetry 
_struct_conn.ptnr2_label_asym_id 
_struct_conn.ptnr2_label_comp_id 
_struct_conn.ptnr2_label_seq_id 
_struct_conn.ptnr2_label_atom_id 
_struct_conn.pdbx_ptnr2_label_alt_id 
_struct_conn.pdbx_ptnr2_PDB_ins_code 
_struct_conn.ptnr1_auth_asym_id 
_struct_conn.ptnr1_auth_comp_id 
_struct_conn.ptnr1_auth_seq_id 
_struct_conn.ptnr2_auth_asym_id 
_struct_conn.ptnr2_auth_comp_id 
_struct_conn.ptnr2_auth_seq_id 
_struct_conn.ptnr2_symmetry 
_struct_conn.pdbx_ptnr3_label_atom_id 
_struct_conn.pdbx_ptnr3_label_seq_id 
_struct_conn.pdbx_ptnr3_label_comp_id 
_struct_conn.pdbx_ptnr3_label_asym_id 
_struct_conn.pdbx_ptnr3_label_alt_id 
_struct_conn.pdbx_ptnr3_PDB_ins_code 
_struct_conn.details 
_struct_conn.pdbx_dist_value 
_struct_conn.pdbx_value_order 
_struct_conn.pdbx_role 
disulf1 disulf ? ? A CYS 4  SG ? ? ? 1_555 A CYS 51 SG ? ? A CYS 4  A CYS 51 1_555 ? ? ? ? ? ? ? 2.046 ? ? 
disulf2 disulf ? ? A CYS 14 SG ? ? ? 1_555 A CYS 28 SG ? ? A CYS 14 A CYS 28 1_555 ? ? ? ? ? ? ? 2.049 ? ? 
disulf3 disulf ? ? A CYS 29 SG ? ? ? 1_555 A CYS 74 SG ? ? A CYS 29 A CYS 74 1_555 ? ? ? ? ? ? ? 2.059 ? ? 
disulf4 disulf ? ? A CYS 49 SG ? ? ? 1_555 A CYS 88 SG ? ? A CYS 49 A CYS 88 1_555 ? ? ? ? ? ? ? 2.098 ? ? 
disulf5 disulf ? ? B CYS 4  SG ? ? ? 1_555 B CYS 51 SG ? ? B CYS 4  B CYS 51 1_555 ? ? ? ? ? ? ? 2.048 ? ? 
disulf6 disulf ? ? B CYS 14 SG ? ? ? 1_555 B CYS 28 SG ? ? B CYS 14 B CYS 28 1_555 ? ? ? ? ? ? ? 2.072 ? ? 
disulf7 disulf ? ? B CYS 29 SG ? ? ? 1_555 B CYS 74 SG ? ? B CYS 29 B CYS 74 1_555 ? ? ? ? ? ? ? 2.051 ? ? 
disulf8 disulf ? ? B CYS 49 SG ? ? ? 1_555 B CYS 88 SG ? ? B CYS 49 B CYS 88 1_555 ? ? ? ? ? ? ? 2.066 ? ? 
# 
_struct_conn_type.id          disulf 
_struct_conn_type.criteria    ? 
_struct_conn_type.reference   ? 
# 
loop_
_pdbx_modification_feature.ordinal 
_pdbx_modification_feature.label_comp_id 
_pdbx_modification_feature.label_asym_id 
_pdbx_modification_feature.label_seq_id 
_pdbx_modification_feature.label_alt_id 
_pdbx_modification_feature.modified_residue_label_comp_id 
_pdbx_modification_feature.modified_residue_label_asym_id 
_pdbx_modification_feature.modified_residue_label_seq_id 
_pdbx_modification_feature.modified_residue_label_alt_id 
_pdbx_modification_feature.auth_comp_id 
_pdbx_modification_feature.auth_asym_id 
_pdbx_modification_feature.auth_seq_id 
_pdbx_modification_feature.PDB_ins_code 
_pdbx_modification_feature.symmetry 
_pdbx_modification_feature.modified_residue_auth_comp_id 
_pdbx_modification_feature.modified_residue_auth_asym_id 
_pdbx_modification_feature.modified_residue_auth_seq_id 
_pdbx_modification_feature.modified_residue_PDB_ins_code 
_pdbx_modification_feature.modified_residue_symmetry 
_pdbx_modification_feature.comp_id_linking_atom 
_pdbx_modification_feature.modified_residue_id_linking_atom 
_pdbx_modification_feature.modified_residue_id 
_pdbx_modification_feature.ref_pcm_id 
_pdbx_modification_feature.ref_comp_id 
_pdbx_modification_feature.type 
_pdbx_modification_feature.category 
1 CYS A 4  ? CYS A 51 ? CYS A 4  ? 1_555 CYS A 51 ? 1_555 SG SG . . . None 'Disulfide bridge' 
2 CYS A 14 ? CYS A 28 ? CYS A 14 ? 1_555 CYS A 28 ? 1_555 SG SG . . . None 'Disulfide bridge' 
3 CYS A 29 ? CYS A 74 ? CYS A 29 ? 1_555 CYS A 74 ? 1_555 SG SG . . . None 'Disulfide bridge' 
4 CYS A 49 ? CYS A 88 ? CYS A 49 ? 1_555 CYS A 88 ? 1_555 SG SG . . . None 'Disulfide bridge' 
5 CYS B 4  ? CYS B 51 ? CYS B 4  ? 1_555 CYS B 51 ? 1_555 SG SG . . . None 'Disulfide bridge' 
6 CYS B 14 ? CYS B 28 ? CYS B 14 ? 1_555 CYS B 28 ? 1_555 SG SG . . . None 'Disulfide bridge' 
7 CYS B 29 ? CYS B 74 ? CYS B 29 ? 1_555 CYS B 74 ? 1_555 SG SG . . . None 'Disulfide bridge' 
8 CYS B 49 ? CYS B 88 ? CYS B 49 ? 1_555 CYS B 88 ? 1_555 SG SG . . . None 'Disulfide bridge' 
# 
loop_
_struct_site.id 
_struct_site.pdbx_evidence_code 
_struct_site.pdbx_auth_asym_id 
_struct_site.pdbx_auth_comp_id 
_struct_site.pdbx_auth_seq_id 
_struct_site.pdbx_auth_ins_code 
_struct_site.pdbx_num_residues 
_struct_site.details 
AC1 Software A GOL 101 ? 4 'binding site for residue GOL A 101' 
AC2 Software A SO4 102 ? 4 'binding site for residue SO4 A 102' 
AC3 Software B GOL 101 ? 3 'binding site for residue GOL B 101' 
AC4 Software B GOL 102 ? 1 'binding site for residue GOL B 102' 
AC5 Software B TRS 103 ? 6 'binding site for residue TRS B 103' 
AC6 Software B SO4 104 ? 5 'binding site for residue SO4 B 104' 
# 
loop_
_struct_site_gen.id 
_struct_site_gen.site_id 
_struct_site_gen.pdbx_num_res 
_struct_site_gen.label_comp_id 
_struct_site_gen.label_asym_id 
_struct_site_gen.label_seq_id 
_struct_site_gen.pdbx_auth_ins_code 
_struct_site_gen.auth_comp_id 
_struct_site_gen.auth_asym_id 
_struct_site_gen.auth_seq_id 
_struct_site_gen.label_atom_id 
_struct_site_gen.label_alt_id 
_struct_site_gen.symmetry 
_struct_site_gen.details 
1  AC1 4 LEU A 62 ? LEU A 62  . ? 1_555 ? 
2  AC1 4 LYS A 63 ? LYS A 63  . ? 1_555 ? 
3  AC1 4 ASP A 64 ? ASP A 64  . ? 1_555 ? 
4  AC1 4 ASP A 65 ? ASP A 65  . ? 1_555 ? 
5  AC2 4 TYR A 59 ? TYR A 59  . ? 1_555 ? 
6  AC2 4 PRO A 60 ? PRO A 60  . ? 1_555 ? 
7  AC2 4 ASN A 61 ? ASN A 61  . ? 1_555 ? 
8  AC2 4 HOH I .  ? HOH A 202 . ? 1_555 ? 
9  AC3 3 LYS B 63 ? LYS B 63  . ? 1_555 ? 
10 AC3 3 ASP B 64 ? ASP B 64  . ? 1_555 ? 
11 AC3 3 ASP B 65 ? ASP B 65  . ? 1_555 ? 
12 AC4 1 ASN B 87 ? ASN B 87  . ? 1_555 ? 
13 AC5 6 GLN A 6  ? GLN A 6   . ? 4_445 ? 
14 AC5 6 ASN A 10 ? ASN A 10  . ? 4_445 ? 
15 AC5 6 THR A 34 ? THR A 34  . ? 4_445 ? 
16 AC5 6 ASN A 38 ? ASN A 38  . ? 4_445 ? 
17 AC5 6 ALA B 26 ? ALA B 26  . ? 1_555 ? 
18 AC5 6 ALA B 27 ? ALA B 27  . ? 1_555 ? 
19 AC6 5 TYR B 59 ? TYR B 59  . ? 1_555 ? 
20 AC6 5 PRO B 60 ? PRO B 60  . ? 1_555 ? 
21 AC6 5 ASN B 61 ? ASN B 61  . ? 1_555 ? 
22 AC6 5 LEU B 62 ? LEU B 62  . ? 1_555 ? 
23 AC6 5 ARG B 84 ? ARG B 84  . ? 1_555 ? 
# 
_pdbx_entry_details.entry_id                   6IWM 
_pdbx_entry_details.compound_details           ? 
_pdbx_entry_details.source_details             ? 
_pdbx_entry_details.nonpolymer_details         ? 
_pdbx_entry_details.sequence_details           ? 
_pdbx_entry_details.has_ligand_of_interest     ? 
_pdbx_entry_details.has_protein_modification   Y 
# 
loop_
_pdbx_unobs_or_zero_occ_residues.id 
_pdbx_unobs_or_zero_occ_residues.PDB_model_num 
_pdbx_unobs_or_zero_occ_residues.polymer_flag 
_pdbx_unobs_or_zero_occ_residues.occupancy_flag 
_pdbx_unobs_or_zero_occ_residues.auth_asym_id 
_pdbx_unobs_or_zero_occ_residues.auth_comp_id 
_pdbx_unobs_or_zero_occ_residues.auth_seq_id 
_pdbx_unobs_or_zero_occ_residues.PDB_ins_code 
_pdbx_unobs_or_zero_occ_residues.label_asym_id 
_pdbx_unobs_or_zero_occ_residues.label_comp_id 
_pdbx_unobs_or_zero_occ_residues.label_seq_id 
1 1 Y 1 B ALA 1  ? B ALA 1  
2 1 Y 1 B SER 92 ? B SER 92 
# 
loop_
_chem_comp_atom.comp_id 
_chem_comp_atom.atom_id 
_chem_comp_atom.type_symbol 
_chem_comp_atom.pdbx_aromatic_flag 
_chem_comp_atom.pdbx_stereo_config 
_chem_comp_atom.pdbx_ordinal 
ALA N    N N N 1   
ALA CA   C N S 2   
ALA C    C N N 3   
ALA O    O N N 4   
ALA CB   C N N 5   
ALA OXT  O N N 6   
ALA H    H N N 7   
ALA H2   H N N 8   
ALA HA   H N N 9   
ALA HB1  H N N 10  
ALA HB2  H N N 11  
ALA HB3  H N N 12  
ALA HXT  H N N 13  
ARG N    N N N 14  
ARG CA   C N S 15  
ARG C    C N N 16  
ARG O    O N N 17  
ARG CB   C N N 18  
ARG CG   C N N 19  
ARG CD   C N N 20  
ARG NE   N N N 21  
ARG CZ   C N N 22  
ARG NH1  N N N 23  
ARG NH2  N N N 24  
ARG OXT  O N N 25  
ARG H    H N N 26  
ARG H2   H N N 27  
ARG HA   H N N 28  
ARG HB2  H N N 29  
ARG HB3  H N N 30  
ARG HG2  H N N 31  
ARG HG3  H N N 32  
ARG HD2  H N N 33  
ARG HD3  H N N 34  
ARG HE   H N N 35  
ARG HH11 H N N 36  
ARG HH12 H N N 37  
ARG HH21 H N N 38  
ARG HH22 H N N 39  
ARG HXT  H N N 40  
ASN N    N N N 41  
ASN CA   C N S 42  
ASN C    C N N 43  
ASN O    O N N 44  
ASN CB   C N N 45  
ASN CG   C N N 46  
ASN OD1  O N N 47  
ASN ND2  N N N 48  
ASN OXT  O N N 49  
ASN H    H N N 50  
ASN H2   H N N 51  
ASN HA   H N N 52  
ASN HB2  H N N 53  
ASN HB3  H N N 54  
ASN HD21 H N N 55  
ASN HD22 H N N 56  
ASN HXT  H N N 57  
ASP N    N N N 58  
ASP CA   C N S 59  
ASP C    C N N 60  
ASP O    O N N 61  
ASP CB   C N N 62  
ASP CG   C N N 63  
ASP OD1  O N N 64  
ASP OD2  O N N 65  
ASP OXT  O N N 66  
ASP H    H N N 67  
ASP H2   H N N 68  
ASP HA   H N N 69  
ASP HB2  H N N 70  
ASP HB3  H N N 71  
ASP HD2  H N N 72  
ASP HXT  H N N 73  
CYS N    N N N 74  
CYS CA   C N R 75  
CYS C    C N N 76  
CYS O    O N N 77  
CYS CB   C N N 78  
CYS SG   S N N 79  
CYS OXT  O N N 80  
CYS H    H N N 81  
CYS H2   H N N 82  
CYS HA   H N N 83  
CYS HB2  H N N 84  
CYS HB3  H N N 85  
CYS HG   H N N 86  
CYS HXT  H N N 87  
GLN N    N N N 88  
GLN CA   C N S 89  
GLN C    C N N 90  
GLN O    O N N 91  
GLN CB   C N N 92  
GLN CG   C N N 93  
GLN CD   C N N 94  
GLN OE1  O N N 95  
GLN NE2  N N N 96  
GLN OXT  O N N 97  
GLN H    H N N 98  
GLN H2   H N N 99  
GLN HA   H N N 100 
GLN HB2  H N N 101 
GLN HB3  H N N 102 
GLN HG2  H N N 103 
GLN HG3  H N N 104 
GLN HE21 H N N 105 
GLN HE22 H N N 106 
GLN HXT  H N N 107 
GLU N    N N N 108 
GLU CA   C N S 109 
GLU C    C N N 110 
GLU O    O N N 111 
GLU CB   C N N 112 
GLU CG   C N N 113 
GLU CD   C N N 114 
GLU OE1  O N N 115 
GLU OE2  O N N 116 
GLU OXT  O N N 117 
GLU H    H N N 118 
GLU H2   H N N 119 
GLU HA   H N N 120 
GLU HB2  H N N 121 
GLU HB3  H N N 122 
GLU HG2  H N N 123 
GLU HG3  H N N 124 
GLU HE2  H N N 125 
GLU HXT  H N N 126 
GLY N    N N N 127 
GLY CA   C N N 128 
GLY C    C N N 129 
GLY O    O N N 130 
GLY OXT  O N N 131 
GLY H    H N N 132 
GLY H2   H N N 133 
GLY HA2  H N N 134 
GLY HA3  H N N 135 
GLY HXT  H N N 136 
GOL C1   C N N 137 
GOL O1   O N N 138 
GOL C2   C N N 139 
GOL O2   O N N 140 
GOL C3   C N N 141 
GOL O3   O N N 142 
GOL H11  H N N 143 
GOL H12  H N N 144 
GOL HO1  H N N 145 
GOL H2   H N N 146 
GOL HO2  H N N 147 
GOL H31  H N N 148 
GOL H32  H N N 149 
GOL HO3  H N N 150 
HOH O    O N N 151 
HOH H1   H N N 152 
HOH H2   H N N 153 
ILE N    N N N 154 
ILE CA   C N S 155 
ILE C    C N N 156 
ILE O    O N N 157 
ILE CB   C N S 158 
ILE CG1  C N N 159 
ILE CG2  C N N 160 
ILE CD1  C N N 161 
ILE OXT  O N N 162 
ILE H    H N N 163 
ILE H2   H N N 164 
ILE HA   H N N 165 
ILE HB   H N N 166 
ILE HG12 H N N 167 
ILE HG13 H N N 168 
ILE HG21 H N N 169 
ILE HG22 H N N 170 
ILE HG23 H N N 171 
ILE HD11 H N N 172 
ILE HD12 H N N 173 
ILE HD13 H N N 174 
ILE HXT  H N N 175 
LEU N    N N N 176 
LEU CA   C N S 177 
LEU C    C N N 178 
LEU O    O N N 179 
LEU CB   C N N 180 
LEU CG   C N N 181 
LEU CD1  C N N 182 
LEU CD2  C N N 183 
LEU OXT  O N N 184 
LEU H    H N N 185 
LEU H2   H N N 186 
LEU HA   H N N 187 
LEU HB2  H N N 188 
LEU HB3  H N N 189 
LEU HG   H N N 190 
LEU HD11 H N N 191 
LEU HD12 H N N 192 
LEU HD13 H N N 193 
LEU HD21 H N N 194 
LEU HD22 H N N 195 
LEU HD23 H N N 196 
LEU HXT  H N N 197 
LYS N    N N N 198 
LYS CA   C N S 199 
LYS C    C N N 200 
LYS O    O N N 201 
LYS CB   C N N 202 
LYS CG   C N N 203 
LYS CD   C N N 204 
LYS CE   C N N 205 
LYS NZ   N N N 206 
LYS OXT  O N N 207 
LYS H    H N N 208 
LYS H2   H N N 209 
LYS HA   H N N 210 
LYS HB2  H N N 211 
LYS HB3  H N N 212 
LYS HG2  H N N 213 
LYS HG3  H N N 214 
LYS HD2  H N N 215 
LYS HD3  H N N 216 
LYS HE2  H N N 217 
LYS HE3  H N N 218 
LYS HZ1  H N N 219 
LYS HZ2  H N N 220 
LYS HZ3  H N N 221 
LYS HXT  H N N 222 
PHE N    N N N 223 
PHE CA   C N S 224 
PHE C    C N N 225 
PHE O    O N N 226 
PHE CB   C N N 227 
PHE CG   C Y N 228 
PHE CD1  C Y N 229 
PHE CD2  C Y N 230 
PHE CE1  C Y N 231 
PHE CE2  C Y N 232 
PHE CZ   C Y N 233 
PHE OXT  O N N 234 
PHE H    H N N 235 
PHE H2   H N N 236 
PHE HA   H N N 237 
PHE HB2  H N N 238 
PHE HB3  H N N 239 
PHE HD1  H N N 240 
PHE HD2  H N N 241 
PHE HE1  H N N 242 
PHE HE2  H N N 243 
PHE HZ   H N N 244 
PHE HXT  H N N 245 
PRO N    N N N 246 
PRO CA   C N S 247 
PRO C    C N N 248 
PRO O    O N N 249 
PRO CB   C N N 250 
PRO CG   C N N 251 
PRO CD   C N N 252 
PRO OXT  O N N 253 
PRO H    H N N 254 
PRO HA   H N N 255 
PRO HB2  H N N 256 
PRO HB3  H N N 257 
PRO HG2  H N N 258 
PRO HG3  H N N 259 
PRO HD2  H N N 260 
PRO HD3  H N N 261 
PRO HXT  H N N 262 
SER N    N N N 263 
SER CA   C N S 264 
SER C    C N N 265 
SER O    O N N 266 
SER CB   C N N 267 
SER OG   O N N 268 
SER OXT  O N N 269 
SER H    H N N 270 
SER H2   H N N 271 
SER HA   H N N 272 
SER HB2  H N N 273 
SER HB3  H N N 274 
SER HG   H N N 275 
SER HXT  H N N 276 
SO4 S    S N N 277 
SO4 O1   O N N 278 
SO4 O2   O N N 279 
SO4 O3   O N N 280 
SO4 O4   O N N 281 
THR N    N N N 282 
THR CA   C N S 283 
THR C    C N N 284 
THR O    O N N 285 
THR CB   C N R 286 
THR OG1  O N N 287 
THR CG2  C N N 288 
THR OXT  O N N 289 
THR H    H N N 290 
THR H2   H N N 291 
THR HA   H N N 292 
THR HB   H N N 293 
THR HG1  H N N 294 
THR HG21 H N N 295 
THR HG22 H N N 296 
THR HG23 H N N 297 
THR HXT  H N N 298 
TRS C    C N N 299 
TRS C1   C N N 300 
TRS C2   C N N 301 
TRS C3   C N N 302 
TRS N    N N N 303 
TRS O1   O N N 304 
TRS O2   O N N 305 
TRS O3   O N N 306 
TRS H11  H N N 307 
TRS H12  H N N 308 
TRS H21  H N N 309 
TRS H22  H N N 310 
TRS H31  H N N 311 
TRS H32  H N N 312 
TRS HN1  H N N 313 
TRS HN2  H N N 314 
TRS HN3  H N N 315 
TRS HO1  H N N 316 
TRS HO2  H N N 317 
TRS HO3  H N N 318 
TYR N    N N N 319 
TYR CA   C N S 320 
TYR C    C N N 321 
TYR O    O N N 322 
TYR CB   C N N 323 
TYR CG   C Y N 324 
TYR CD1  C Y N 325 
TYR CD2  C Y N 326 
TYR CE1  C Y N 327 
TYR CE2  C Y N 328 
TYR CZ   C Y N 329 
TYR OH   O N N 330 
TYR OXT  O N N 331 
TYR H    H N N 332 
TYR H2   H N N 333 
TYR HA   H N N 334 
TYR HB2  H N N 335 
TYR HB3  H N N 336 
TYR HD1  H N N 337 
TYR HD2  H N N 338 
TYR HE1  H N N 339 
TYR HE2  H N N 340 
TYR HH   H N N 341 
TYR HXT  H N N 342 
VAL N    N N N 343 
VAL CA   C N S 344 
VAL C    C N N 345 
VAL O    O N N 346 
VAL CB   C N N 347 
VAL CG1  C N N 348 
VAL CG2  C N N 349 
VAL OXT  O N N 350 
VAL H    H N N 351 
VAL H2   H N N 352 
VAL HA   H N N 353 
VAL HB   H N N 354 
VAL HG11 H N N 355 
VAL HG12 H N N 356 
VAL HG13 H N N 357 
VAL HG21 H N N 358 
VAL HG22 H N N 359 
VAL HG23 H N N 360 
VAL HXT  H N N 361 
# 
loop_
_chem_comp_bond.comp_id 
_chem_comp_bond.atom_id_1 
_chem_comp_bond.atom_id_2 
_chem_comp_bond.value_order 
_chem_comp_bond.pdbx_aromatic_flag 
_chem_comp_bond.pdbx_stereo_config 
_chem_comp_bond.pdbx_ordinal 
ALA N   CA   sing N N 1   
ALA N   H    sing N N 2   
ALA N   H2   sing N N 3   
ALA CA  C    sing N N 4   
ALA CA  CB   sing N N 5   
ALA CA  HA   sing N N 6   
ALA C   O    doub N N 7   
ALA C   OXT  sing N N 8   
ALA CB  HB1  sing N N 9   
ALA CB  HB2  sing N N 10  
ALA CB  HB3  sing N N 11  
ALA OXT HXT  sing N N 12  
ARG N   CA   sing N N 13  
ARG N   H    sing N N 14  
ARG N   H2   sing N N 15  
ARG CA  C    sing N N 16  
ARG CA  CB   sing N N 17  
ARG CA  HA   sing N N 18  
ARG C   O    doub N N 19  
ARG C   OXT  sing N N 20  
ARG CB  CG   sing N N 21  
ARG CB  HB2  sing N N 22  
ARG CB  HB3  sing N N 23  
ARG CG  CD   sing N N 24  
ARG CG  HG2  sing N N 25  
ARG CG  HG3  sing N N 26  
ARG CD  NE   sing N N 27  
ARG CD  HD2  sing N N 28  
ARG CD  HD3  sing N N 29  
ARG NE  CZ   sing N N 30  
ARG NE  HE   sing N N 31  
ARG CZ  NH1  sing N N 32  
ARG CZ  NH2  doub N N 33  
ARG NH1 HH11 sing N N 34  
ARG NH1 HH12 sing N N 35  
ARG NH2 HH21 sing N N 36  
ARG NH2 HH22 sing N N 37  
ARG OXT HXT  sing N N 38  
ASN N   CA   sing N N 39  
ASN N   H    sing N N 40  
ASN N   H2   sing N N 41  
ASN CA  C    sing N N 42  
ASN CA  CB   sing N N 43  
ASN CA  HA   sing N N 44  
ASN C   O    doub N N 45  
ASN C   OXT  sing N N 46  
ASN CB  CG   sing N N 47  
ASN CB  HB2  sing N N 48  
ASN CB  HB3  sing N N 49  
ASN CG  OD1  doub N N 50  
ASN CG  ND2  sing N N 51  
ASN ND2 HD21 sing N N 52  
ASN ND2 HD22 sing N N 53  
ASN OXT HXT  sing N N 54  
ASP N   CA   sing N N 55  
ASP N   H    sing N N 56  
ASP N   H2   sing N N 57  
ASP CA  C    sing N N 58  
ASP CA  CB   sing N N 59  
ASP CA  HA   sing N N 60  
ASP C   O    doub N N 61  
ASP C   OXT  sing N N 62  
ASP CB  CG   sing N N 63  
ASP CB  HB2  sing N N 64  
ASP CB  HB3  sing N N 65  
ASP CG  OD1  doub N N 66  
ASP CG  OD2  sing N N 67  
ASP OD2 HD2  sing N N 68  
ASP OXT HXT  sing N N 69  
CYS N   CA   sing N N 70  
CYS N   H    sing N N 71  
CYS N   H2   sing N N 72  
CYS CA  C    sing N N 73  
CYS CA  CB   sing N N 74  
CYS CA  HA   sing N N 75  
CYS C   O    doub N N 76  
CYS C   OXT  sing N N 77  
CYS CB  SG   sing N N 78  
CYS CB  HB2  sing N N 79  
CYS CB  HB3  sing N N 80  
CYS SG  HG   sing N N 81  
CYS OXT HXT  sing N N 82  
GLN N   CA   sing N N 83  
GLN N   H    sing N N 84  
GLN N   H2   sing N N 85  
GLN CA  C    sing N N 86  
GLN CA  CB   sing N N 87  
GLN CA  HA   sing N N 88  
GLN C   O    doub N N 89  
GLN C   OXT  sing N N 90  
GLN CB  CG   sing N N 91  
GLN CB  HB2  sing N N 92  
GLN CB  HB3  sing N N 93  
GLN CG  CD   sing N N 94  
GLN CG  HG2  sing N N 95  
GLN CG  HG3  sing N N 96  
GLN CD  OE1  doub N N 97  
GLN CD  NE2  sing N N 98  
GLN NE2 HE21 sing N N 99  
GLN NE2 HE22 sing N N 100 
GLN OXT HXT  sing N N 101 
GLU N   CA   sing N N 102 
GLU N   H    sing N N 103 
GLU N   H2   sing N N 104 
GLU CA  C    sing N N 105 
GLU CA  CB   sing N N 106 
GLU CA  HA   sing N N 107 
GLU C   O    doub N N 108 
GLU C   OXT  sing N N 109 
GLU CB  CG   sing N N 110 
GLU CB  HB2  sing N N 111 
GLU CB  HB3  sing N N 112 
GLU CG  CD   sing N N 113 
GLU CG  HG2  sing N N 114 
GLU CG  HG3  sing N N 115 
GLU CD  OE1  doub N N 116 
GLU CD  OE2  sing N N 117 
GLU OE2 HE2  sing N N 118 
GLU OXT HXT  sing N N 119 
GLY N   CA   sing N N 120 
GLY N   H    sing N N 121 
GLY N   H2   sing N N 122 
GLY CA  C    sing N N 123 
GLY CA  HA2  sing N N 124 
GLY CA  HA3  sing N N 125 
GLY C   O    doub N N 126 
GLY C   OXT  sing N N 127 
GLY OXT HXT  sing N N 128 
GOL C1  O1   sing N N 129 
GOL C1  C2   sing N N 130 
GOL C1  H11  sing N N 131 
GOL C1  H12  sing N N 132 
GOL O1  HO1  sing N N 133 
GOL C2  O2   sing N N 134 
GOL C2  C3   sing N N 135 
GOL C2  H2   sing N N 136 
GOL O2  HO2  sing N N 137 
GOL C3  O3   sing N N 138 
GOL C3  H31  sing N N 139 
GOL C3  H32  sing N N 140 
GOL O3  HO3  sing N N 141 
HOH O   H1   sing N N 142 
HOH O   H2   sing N N 143 
ILE N   CA   sing N N 144 
ILE N   H    sing N N 145 
ILE N   H2   sing N N 146 
ILE CA  C    sing N N 147 
ILE CA  CB   sing N N 148 
ILE CA  HA   sing N N 149 
ILE C   O    doub N N 150 
ILE C   OXT  sing N N 151 
ILE CB  CG1  sing N N 152 
ILE CB  CG2  sing N N 153 
ILE CB  HB   sing N N 154 
ILE CG1 CD1  sing N N 155 
ILE CG1 HG12 sing N N 156 
ILE CG1 HG13 sing N N 157 
ILE CG2 HG21 sing N N 158 
ILE CG2 HG22 sing N N 159 
ILE CG2 HG23 sing N N 160 
ILE CD1 HD11 sing N N 161 
ILE CD1 HD12 sing N N 162 
ILE CD1 HD13 sing N N 163 
ILE OXT HXT  sing N N 164 
LEU N   CA   sing N N 165 
LEU N   H    sing N N 166 
LEU N   H2   sing N N 167 
LEU CA  C    sing N N 168 
LEU CA  CB   sing N N 169 
LEU CA  HA   sing N N 170 
LEU C   O    doub N N 171 
LEU C   OXT  sing N N 172 
LEU CB  CG   sing N N 173 
LEU CB  HB2  sing N N 174 
LEU CB  HB3  sing N N 175 
LEU CG  CD1  sing N N 176 
LEU CG  CD2  sing N N 177 
LEU CG  HG   sing N N 178 
LEU CD1 HD11 sing N N 179 
LEU CD1 HD12 sing N N 180 
LEU CD1 HD13 sing N N 181 
LEU CD2 HD21 sing N N 182 
LEU CD2 HD22 sing N N 183 
LEU CD2 HD23 sing N N 184 
LEU OXT HXT  sing N N 185 
LYS N   CA   sing N N 186 
LYS N   H    sing N N 187 
LYS N   H2   sing N N 188 
LYS CA  C    sing N N 189 
LYS CA  CB   sing N N 190 
LYS CA  HA   sing N N 191 
LYS C   O    doub N N 192 
LYS C   OXT  sing N N 193 
LYS CB  CG   sing N N 194 
LYS CB  HB2  sing N N 195 
LYS CB  HB3  sing N N 196 
LYS CG  CD   sing N N 197 
LYS CG  HG2  sing N N 198 
LYS CG  HG3  sing N N 199 
LYS CD  CE   sing N N 200 
LYS CD  HD2  sing N N 201 
LYS CD  HD3  sing N N 202 
LYS CE  NZ   sing N N 203 
LYS CE  HE2  sing N N 204 
LYS CE  HE3  sing N N 205 
LYS NZ  HZ1  sing N N 206 
LYS NZ  HZ2  sing N N 207 
LYS NZ  HZ3  sing N N 208 
LYS OXT HXT  sing N N 209 
PHE N   CA   sing N N 210 
PHE N   H    sing N N 211 
PHE N   H2   sing N N 212 
PHE CA  C    sing N N 213 
PHE CA  CB   sing N N 214 
PHE CA  HA   sing N N 215 
PHE C   O    doub N N 216 
PHE C   OXT  sing N N 217 
PHE CB  CG   sing N N 218 
PHE CB  HB2  sing N N 219 
PHE CB  HB3  sing N N 220 
PHE CG  CD1  doub Y N 221 
PHE CG  CD2  sing Y N 222 
PHE CD1 CE1  sing Y N 223 
PHE CD1 HD1  sing N N 224 
PHE CD2 CE2  doub Y N 225 
PHE CD2 HD2  sing N N 226 
PHE CE1 CZ   doub Y N 227 
PHE CE1 HE1  sing N N 228 
PHE CE2 CZ   sing Y N 229 
PHE CE2 HE2  sing N N 230 
PHE CZ  HZ   sing N N 231 
PHE OXT HXT  sing N N 232 
PRO N   CA   sing N N 233 
PRO N   CD   sing N N 234 
PRO N   H    sing N N 235 
PRO CA  C    sing N N 236 
PRO CA  CB   sing N N 237 
PRO CA  HA   sing N N 238 
PRO C   O    doub N N 239 
PRO C   OXT  sing N N 240 
PRO CB  CG   sing N N 241 
PRO CB  HB2  sing N N 242 
PRO CB  HB3  sing N N 243 
PRO CG  CD   sing N N 244 
PRO CG  HG2  sing N N 245 
PRO CG  HG3  sing N N 246 
PRO CD  HD2  sing N N 247 
PRO CD  HD3  sing N N 248 
PRO OXT HXT  sing N N 249 
SER N   CA   sing N N 250 
SER N   H    sing N N 251 
SER N   H2   sing N N 252 
SER CA  C    sing N N 253 
SER CA  CB   sing N N 254 
SER CA  HA   sing N N 255 
SER C   O    doub N N 256 
SER C   OXT  sing N N 257 
SER CB  OG   sing N N 258 
SER CB  HB2  sing N N 259 
SER CB  HB3  sing N N 260 
SER OG  HG   sing N N 261 
SER OXT HXT  sing N N 262 
SO4 S   O1   doub N N 263 
SO4 S   O2   doub N N 264 
SO4 S   O3   sing N N 265 
SO4 S   O4   sing N N 266 
THR N   CA   sing N N 267 
THR N   H    sing N N 268 
THR N   H2   sing N N 269 
THR CA  C    sing N N 270 
THR CA  CB   sing N N 271 
THR CA  HA   sing N N 272 
THR C   O    doub N N 273 
THR C   OXT  sing N N 274 
THR CB  OG1  sing N N 275 
THR CB  CG2  sing N N 276 
THR CB  HB   sing N N 277 
THR OG1 HG1  sing N N 278 
THR CG2 HG21 sing N N 279 
THR CG2 HG22 sing N N 280 
THR CG2 HG23 sing N N 281 
THR OXT HXT  sing N N 282 
TRS C   C1   sing N N 283 
TRS C   C2   sing N N 284 
TRS C   C3   sing N N 285 
TRS C   N    sing N N 286 
TRS C1  O1   sing N N 287 
TRS C1  H11  sing N N 288 
TRS C1  H12  sing N N 289 
TRS C2  O2   sing N N 290 
TRS C2  H21  sing N N 291 
TRS C2  H22  sing N N 292 
TRS C3  O3   sing N N 293 
TRS C3  H31  sing N N 294 
TRS C3  H32  sing N N 295 
TRS N   HN1  sing N N 296 
TRS N   HN2  sing N N 297 
TRS N   HN3  sing N N 298 
TRS O1  HO1  sing N N 299 
TRS O2  HO2  sing N N 300 
TRS O3  HO3  sing N N 301 
TYR N   CA   sing N N 302 
TYR N   H    sing N N 303 
TYR N   H2   sing N N 304 
TYR CA  C    sing N N 305 
TYR CA  CB   sing N N 306 
TYR CA  HA   sing N N 307 
TYR C   O    doub N N 308 
TYR C   OXT  sing N N 309 
TYR CB  CG   sing N N 310 
TYR CB  HB2  sing N N 311 
TYR CB  HB3  sing N N 312 
TYR CG  CD1  doub Y N 313 
TYR CG  CD2  sing Y N 314 
TYR CD1 CE1  sing Y N 315 
TYR CD1 HD1  sing N N 316 
TYR CD2 CE2  doub Y N 317 
TYR CD2 HD2  sing N N 318 
TYR CE1 CZ   doub Y N 319 
TYR CE1 HE1  sing N N 320 
TYR CE2 CZ   sing Y N 321 
TYR CE2 HE2  sing N N 322 
TYR CZ  OH   sing N N 323 
TYR OH  HH   sing N N 324 
TYR OXT HXT  sing N N 325 
VAL N   CA   sing N N 326 
VAL N   H    sing N N 327 
VAL N   H2   sing N N 328 
VAL CA  C    sing N N 329 
VAL CA  CB   sing N N 330 
VAL CA  HA   sing N N 331 
VAL C   O    doub N N 332 
VAL C   OXT  sing N N 333 
VAL CB  CG1  sing N N 334 
VAL CB  CG2  sing N N 335 
VAL CB  HB   sing N N 336 
VAL CG1 HG11 sing N N 337 
VAL CG1 HG12 sing N N 338 
VAL CG1 HG13 sing N N 339 
VAL CG2 HG21 sing N N 340 
VAL CG2 HG22 sing N N 341 
VAL CG2 HG23 sing N N 342 
VAL OXT HXT  sing N N 343 
# 
_pdbx_initial_refinement_model.id               1 
_pdbx_initial_refinement_model.entity_id_list   ? 
_pdbx_initial_refinement_model.type             'experimental model' 
_pdbx_initial_refinement_model.source_name      PDB 
_pdbx_initial_refinement_model.accession_code   5TVI 
_pdbx_initial_refinement_model.details          ? 
# 
_atom_sites.entry_id                    6IWM 
_atom_sites.fract_transf_matrix[1][1]   0.01316060 
_atom_sites.fract_transf_matrix[1][2]   0.00095581 
_atom_sites.fract_transf_matrix[1][3]   0.00137071 
_atom_sites.fract_transf_matrix[2][1]   0.00525170 
_atom_sites.fract_transf_matrix[2][2]   0.00273012 
_atom_sites.fract_transf_matrix[2][3]   0.01187347 
_atom_sites.fract_transf_matrix[3][1]   0.00099129 
_atom_sites.fract_transf_matrix[3][2]   -0.01942599 
_atom_sites.fract_transf_matrix[3][3]   0.00402826 
_atom_sites.fract_transf_vector[1]      -0.437910 
_atom_sites.fract_transf_vector[2]      -0.368758 
_atom_sites.fract_transf_vector[3]      0.068477 
# 
loop_
_atom_type.symbol 
C 
N 
O 
S 
# 
loop_
_atom_site.group_PDB 
_atom_site.id 
_atom_site.type_symbol 
_atom_site.label_atom_id 
_atom_site.label_alt_id 
_atom_site.label_comp_id 
_atom_site.label_asym_id 
_atom_site.label_entity_id 
_atom_site.label_seq_id 
_atom_site.pdbx_PDB_ins_code 
_atom_site.Cartn_x 
_atom_site.Cartn_y 
_atom_site.Cartn_z 
_atom_site.occupancy 
_atom_site.B_iso_or_equiv 
_atom_site.pdbx_formal_charge 
_atom_site.auth_seq_id 
_atom_site.auth_comp_id 
_atom_site.auth_asym_id 
_atom_site.auth_atom_id 
_atom_site.pdbx_PDB_model_num 
ATOM   1    N N   . ALA A 1 1  ? 0.691   -6.487  -20.312 1.00 34.55 ? 1   ALA A N   1 
ATOM   2    C CA  . ALA A 1 1  ? 2.152   -6.597  -20.257 1.00 49.62 ? 1   ALA A CA  1 
ATOM   3    C C   . ALA A 1 1  ? 2.778   -5.300  -19.747 1.00 44.73 ? 1   ALA A C   1 
ATOM   4    O O   . ALA A 1 1  ? 2.237   -4.219  -19.960 1.00 45.53 ? 1   ALA A O   1 
ATOM   5    C CB  . ALA A 1 1  ? 2.726   -6.959  -21.636 1.00 48.32 ? 1   ALA A CB  1 
ATOM   6    N N   . VAL A 1 2  ? 3.924   -5.432  -19.079 1.00 42.55 ? 2   VAL A N   1 
ATOM   7    C CA  . VAL A 1 2  ? 4.624   -4.325  -18.428 1.00 39.22 ? 2   VAL A CA  1 
ATOM   8    C C   . VAL A 1 2  ? 6.119   -4.473  -18.685 1.00 45.34 ? 2   VAL A C   1 
ATOM   9    O O   . VAL A 1 2  ? 6.672   -5.568  -18.556 1.00 43.89 ? 2   VAL A O   1 
ATOM   10   C CB  . VAL A 1 2  ? 4.345   -4.282  -16.911 1.00 49.40 ? 2   VAL A CB  1 
ATOM   11   C CG1 . VAL A 1 2  ? 5.411   -3.486  -16.200 1.00 51.89 ? 2   VAL A CG1 1 
ATOM   12   C CG2 . VAL A 1 2  ? 2.980   -3.663  -16.630 1.00 46.55 ? 2   VAL A CG2 1 
ATOM   13   N N   . THR A 1 3  ? 6.769   -3.380  -19.068 1.00 37.73 ? 3   THR A N   1 
ATOM   14   C CA  . THR A 1 3  ? 8.220   -3.323  -19.132 1.00 36.42 ? 3   THR A CA  1 
ATOM   15   C C   . THR A 1 3  ? 8.690   -2.253  -18.162 1.00 35.75 ? 3   THR A C   1 
ATOM   16   O O   . THR A 1 3  ? 7.925   -1.366  -17.777 1.00 29.27 ? 3   THR A O   1 
ATOM   17   C CB  . THR A 1 3  ? 8.700   -2.973  -20.528 1.00 37.26 ? 3   THR A CB  1 
ATOM   18   O OG1 . THR A 1 3  ? 8.361   -1.606  -20.764 1.00 33.14 ? 3   THR A OG1 1 
ATOM   19   C CG2 . THR A 1 3  ? 8.008   -3.848  -21.572 1.00 41.73 ? 3   THR A CG2 1 
ATOM   20   N N   . CYS A 1 4  ? 9.963   -2.320  -17.775 1.00 32.86 ? 4   CYS A N   1 
ATOM   21   C CA  . CYS A 1 4  ? 10.460  -1.320  -16.836 1.00 26.17 ? 4   CYS A CA  1 
ATOM   22   C C   . CYS A 1 4  ? 10.431  0.080   -17.441 1.00 33.70 ? 4   CYS A C   1 
ATOM   23   O O   . CYS A 1 4  ? 10.279  1.058   -16.703 1.00 28.44 ? 4   CYS A O   1 
ATOM   24   C CB  . CYS A 1 4  ? 11.872  -1.676  -16.350 1.00 36.74 ? 4   CYS A CB  1 
ATOM   25   S SG  . CYS A 1 4  ? 11.981  -3.102  -15.202 1.00 54.21 ? 4   CYS A SG  1 
ATOM   26   N N   . GLY A 1 5  ? 10.549  0.202   -18.770 1.00 32.16 ? 5   GLY A N   1 
ATOM   27   C CA  . GLY A 1 5  ? 10.407  1.516   -19.396 1.00 32.17 ? 5   GLY A CA  1 
ATOM   28   C C   . GLY A 1 5  ? 9.004   2.082   -19.244 1.00 35.28 ? 5   GLY A C   1 
ATOM   29   O O   . GLY A 1 5  ? 8.823   3.278   -18.997 1.00 30.61 ? 5   GLY A O   1 
ATOM   30   N N   . GLN A 1 6  ? 7.992   1.222   -19.393 1.00 29.10 ? 6   GLN A N   1 
ATOM   31   C CA  . GLN A 1 6  ? 6.607   1.615   -19.157 1.00 33.00 ? 6   GLN A CA  1 
ATOM   32   C C   . GLN A 1 6  ? 6.382   2.013   -17.707 1.00 31.29 ? 6   GLN A C   1 
ATOM   33   O O   . GLN A 1 6  ? 5.722   3.020   -17.434 1.00 32.72 ? 6   GLN A O   1 
ATOM   34   C CB  . GLN A 1 6  ? 5.676   0.465   -19.539 1.00 31.62 ? 6   GLN A CB  1 
ATOM   35   C CG  . GLN A 1 6  ? 5.292   0.464   -20.996 1.00 36.15 ? 6   GLN A CG  1 
ATOM   36   C CD  . GLN A 1 6  ? 4.928   -0.916  -21.507 1.00 55.38 ? 6   GLN A CD  1 
ATOM   37   O OE1 . GLN A 1 6  ? 4.125   -1.626  -20.900 1.00 55.41 ? 6   GLN A OE1 1 
ATOM   38   N NE2 . GLN A 1 6  ? 5.500   -1.294  -22.650 1.00 61.17 ? 6   GLN A NE2 1 
ATOM   39   N N   . VAL A 1 7  ? 6.908   1.235   -16.762 1.00 24.65 ? 7   VAL A N   1 
ATOM   40   C CA  . VAL A 1 7  ? 6.809   1.607   -15.351 1.00 27.07 ? 7   VAL A CA  1 
ATOM   41   C C   . VAL A 1 7  ? 7.436   2.972   -15.105 1.00 32.73 ? 7   VAL A C   1 
ATOM   42   O O   . VAL A 1 7  ? 6.829   3.836   -14.465 1.00 31.80 ? 7   VAL A O   1 
ATOM   43   C CB  . VAL A 1 7  ? 7.450   0.532   -14.456 1.00 29.93 ? 7   VAL A CB  1 
ATOM   44   C CG1 . VAL A 1 7  ? 7.658   1.102   -13.051 1.00 26.24 ? 7   VAL A CG1 1 
ATOM   45   C CG2 . VAL A 1 7  ? 6.550   -0.665  -14.391 1.00 25.39 ? 7   VAL A CG2 1 
ATOM   46   N N   . ASP A 1 8  ? 8.666   3.180   -15.606 1.00 30.51 ? 8   ASP A N   1 
ATOM   47   C CA  . ASP A 1 8  ? 9.371   4.445   -15.401 1.00 34.00 ? 8   ASP A CA  1 
ATOM   48   C C   . ASP A 1 8  ? 8.578   5.612   -15.963 1.00 34.86 ? 8   ASP A C   1 
ATOM   49   O O   . ASP A 1 8  ? 8.435   6.659   -15.311 1.00 30.67 ? 8   ASP A O   1 
ATOM   50   C CB  . ASP A 1 8  ? 10.754  4.414   -16.068 1.00 30.88 ? 8   ASP A CB  1 
ATOM   51   C CG  . ASP A 1 8  ? 11.745  3.489   -15.367 1.00 42.00 ? 8   ASP A CG  1 
ATOM   52   O OD1 . ASP A 1 8  ? 11.498  3.028   -14.227 1.00 38.50 ? 8   ASP A OD1 1 
ATOM   53   O OD2 . ASP A 1 8  ? 12.802  3.230   -15.970 1.00 40.65 ? 8   ASP A OD2 1 
ATOM   54   N N   . ALA A 1 9  ? 8.052   5.449   -17.181 1.00 30.38 ? 9   ALA A N   1 
ATOM   55   C CA  . ALA A 1 9  ? 7.316   6.541   -17.798 1.00 31.00 ? 9   ALA A CA  1 
ATOM   56   C C   . ALA A 1 9  ? 6.003   6.805   -17.078 1.00 33.14 ? 9   ALA A C   1 
ATOM   57   O O   . ALA A 1 9  ? 5.649   7.959   -16.843 1.00 33.05 ? 9   ALA A O   1 
ATOM   58   C CB  . ALA A 1 9  ? 7.088   6.255   -19.278 1.00 34.33 ? 9   ALA A CB  1 
ATOM   59   N N   . ASN A 1 10 ? 5.263   5.753   -16.721 1.00 29.73 ? 10  ASN A N   1 
ATOM   60   C CA  . ASN A 1 10 ? 3.996   5.948   -16.026 1.00 33.21 ? 10  ASN A CA  1 
ATOM   61   C C   . ASN A 1 10 ? 4.180   6.520   -14.629 1.00 32.86 ? 10  ASN A C   1 
ATOM   62   O O   . ASN A 1 10 ? 3.320   7.269   -14.161 1.00 29.11 ? 10  ASN A O   1 
ATOM   63   C CB  . ASN A 1 10 ? 3.209   4.643   -16.000 1.00 33.51 ? 10  ASN A CB  1 
ATOM   64   C CG  . ASN A 1 10 ? 2.485   4.393   -17.307 1.00 34.25 ? 10  ASN A CG  1 
ATOM   65   O OD1 . ASN A 1 10 ? 1.914   5.316   -17.895 1.00 38.65 ? 10  ASN A OD1 1 
ATOM   66   N ND2 . ASN A 1 10 ? 2.543   3.173   -17.791 1.00 32.72 ? 10  ASN A ND2 1 
ATOM   67   N N   . LEU A 1 11 ? 5.266   6.188   -13.940 1.00 29.39 ? 11  LEU A N   1 
ATOM   68   C CA  . LEU A 1 11 ? 5.435   6.706   -12.585 1.00 30.16 ? 11  LEU A CA  1 
ATOM   69   C C   . LEU A 1 11 ? 6.159   8.049   -12.555 1.00 31.39 ? 11  LEU A C   1 
ATOM   70   O O   . LEU A 1 11 ? 6.183   8.689   -11.498 1.00 31.24 ? 11  LEU A O   1 
ATOM   71   C CB  . LEU A 1 11 ? 6.196   5.703   -11.706 1.00 27.99 ? 11  LEU A CB  1 
ATOM   72   C CG  . LEU A 1 11 ? 5.461   4.452   -11.209 1.00 37.32 ? 11  LEU A CG  1 
ATOM   73   C CD1 . LEU A 1 11 ? 6.410   3.664   -10.337 1.00 46.39 ? 11  LEU A CD1 1 
ATOM   74   C CD2 . LEU A 1 11 ? 4.150   4.733   -10.473 1.00 25.43 ? 11  LEU A CD2 1 
ATOM   75   N N   . ALA A 1 12 ? 6.768   8.485   -13.670 1.00 32.74 ? 12  ALA A N   1 
ATOM   76   C CA  . ALA A 1 12 ? 7.482   9.767   -13.689 1.00 30.03 ? 12  ALA A CA  1 
ATOM   77   C C   . ALA A 1 12 ? 6.672   10.947  -13.149 1.00 30.29 ? 12  ALA A C   1 
ATOM   78   O O   . ALA A 1 12 ? 7.199   11.687  -12.304 1.00 28.58 ? 12  ALA A O   1 
ATOM   79   C CB  . ALA A 1 12 ? 7.993   10.052  -15.109 1.00 35.69 ? 12  ALA A CB  1 
ATOM   80   N N   . PRO A 1 13 ? 5.419   11.182  -13.552 1.00 31.06 ? 13  PRO A N   1 
ATOM   81   C CA  . PRO A 1 13 ? 4.674   12.306  -12.947 1.00 32.03 ? 13  PRO A CA  1 
ATOM   82   C C   . PRO A 1 13 ? 4.387   12.132  -11.450 1.00 31.19 ? 13  PRO A C   1 
ATOM   83   O O   . PRO A 1 13 ? 4.014   13.115  -10.799 1.00 33.47 ? 13  PRO A O   1 
ATOM   84   C CB  . PRO A 1 13 ? 3.373   12.358  -13.764 1.00 30.78 ? 13  PRO A CB  1 
ATOM   85   C CG  . PRO A 1 13 ? 3.293   11.070  -14.493 1.00 32.69 ? 13  PRO A CG  1 
ATOM   86   C CD  . PRO A 1 13 ? 4.653   10.498  -14.612 1.00 32.19 ? 13  PRO A CD  1 
ATOM   87   N N   . CYS A 1 14 ? 4.587   10.942  -10.878 1.00 28.04 ? 14  CYS A N   1 
ATOM   88   C CA  . CYS A 1 14 ? 4.401   10.733  -9.444  1.00 28.97 ? 14  CYS A CA  1 
ATOM   89   C C   . CYS A 1 14 ? 5.616   11.127  -8.619  1.00 32.81 ? 14  CYS A C   1 
ATOM   90   O O   . CYS A 1 14 ? 5.521   11.127  -7.383  1.00 33.00 ? 14  CYS A O   1 
ATOM   91   C CB  . CYS A 1 14 ? 4.080   9.258   -9.124  1.00 25.65 ? 14  CYS A CB  1 
ATOM   92   S SG  . CYS A 1 14 ? 2.621   8.666   -9.929  1.00 27.15 ? 14  CYS A SG  1 
ATOM   93   N N   . VAL A 1 15 ? 6.758   11.414  -9.256  1.00 33.43 ? 15  VAL A N   1 
ATOM   94   C CA  . VAL A 1 15 ? 7.985   11.660  -8.490  1.00 35.43 ? 15  VAL A CA  1 
ATOM   95   C C   . VAL A 1 15 ? 7.826   12.822  -7.521  1.00 35.10 ? 15  VAL A C   1 
ATOM   96   O O   . VAL A 1 15 ? 8.231   12.681  -6.350  1.00 33.08 ? 15  VAL A O   1 
ATOM   97   C CB  . VAL A 1 15 ? 9.182   11.823  -9.438  1.00 41.11 ? 15  VAL A CB  1 
ATOM   98   C CG1 . VAL A 1 15 ? 10.385  12.341  -8.657  1.00 40.22 ? 15  VAL A CG1 1 
ATOM   99   C CG2 . VAL A 1 15 ? 9.530   10.492  -10.100 1.00 39.35 ? 15  VAL A CG2 1 
ATOM   100  N N   . PRO A 1 16 ? 7.226   13.963  -7.895  1.00 34.09 ? 16  PRO A N   1 
ATOM   101  C CA  . PRO A 1 16 ? 7.018   15.017  -6.884  1.00 37.74 ? 16  PRO A CA  1 
ATOM   102  C C   . PRO A 1 16 ? 6.248   14.531  -5.671  1.00 37.31 ? 16  PRO A C   1 
ATOM   103  O O   . PRO A 1 16 ? 6.686   14.758  -4.538  1.00 34.67 ? 16  PRO A O   1 
ATOM   104  C CB  . PRO A 1 16 ? 6.243   16.095  -7.658  1.00 42.48 ? 16  PRO A CB  1 
ATOM   105  C CG  . PRO A 1 16 ? 6.644   15.918  -9.066  1.00 42.61 ? 16  PRO A CG  1 
ATOM   106  C CD  . PRO A 1 16 ? 6.774   14.411  -9.229  1.00 40.23 ? 16  PRO A CD  1 
ATOM   107  N N   . PHE A 1 17 ? 5.105   13.870  -5.875  1.00 36.48 ? 17  PHE A N   1 
ATOM   108  C CA  . PHE A 1 17 ? 4.347   13.363  -4.738  1.00 37.33 ? 17  PHE A CA  1 
ATOM   109  C C   . PHE A 1 17 ? 5.174   12.371  -3.924  1.00 35.63 ? 17  PHE A C   1 
ATOM   110  O O   . PHE A 1 17 ? 5.124   12.375  -2.688  1.00 37.75 ? 17  PHE A O   1 
ATOM   111  C CB  . PHE A 1 17 ? 3.049   12.693  -5.201  1.00 32.21 ? 17  PHE A CB  1 
ATOM   112  C CG  . PHE A 1 17 ? 2.384   11.910  -4.116  1.00 35.29 ? 17  PHE A CG  1 
ATOM   113  C CD1 . PHE A 1 17 ? 1.768   12.566  -3.057  1.00 34.62 ? 17  PHE A CD1 1 
ATOM   114  C CD2 . PHE A 1 17 ? 2.449   10.525  -4.095  1.00 35.66 ? 17  PHE A CD2 1 
ATOM   115  C CE1 . PHE A 1 17 ? 1.184   11.857  -2.030  1.00 38.11 ? 17  PHE A CE1 1 
ATOM   116  C CE2 . PHE A 1 17 ? 1.869   9.805   -3.061  1.00 36.23 ? 17  PHE A CE2 1 
ATOM   117  C CZ  . PHE A 1 17 ? 1.228   10.470  -2.026  1.00 37.02 ? 17  PHE A CZ  1 
ATOM   118  N N   . LEU A 1 18 ? 5.913   11.487  -4.604  1.00 32.21 ? 18  LEU A N   1 
ATOM   119  C CA  . LEU A 1 18 ? 6.630   10.418  -3.914  1.00 33.47 ? 18  LEU A CA  1 
ATOM   120  C C   . LEU A 1 18 ? 7.808   10.941  -3.110  1.00 38.24 ? 18  LEU A C   1 
ATOM   121  O O   . LEU A 1 18 ? 8.223   10.295  -2.144  1.00 38.93 ? 18  LEU A O   1 
ATOM   122  C CB  . LEU A 1 18 ? 7.124   9.370   -4.923  1.00 32.03 ? 18  LEU A CB  1 
ATOM   123  C CG  . LEU A 1 18 ? 6.044   8.503   -5.565  1.00 32.32 ? 18  LEU A CG  1 
ATOM   124  C CD1 . LEU A 1 18 ? 6.607   7.648   -6.707  1.00 30.20 ? 18  LEU A CD1 1 
ATOM   125  C CD2 . LEU A 1 18 ? 5.358   7.627   -4.533  1.00 31.53 ? 18  LEU A CD2 1 
ATOM   126  N N   . THR A 1 19 ? 8.380   12.081  -3.503  1.00 34.70 ? 19  THR A N   1 
ATOM   127  C CA  . THR A 1 19 ? 9.565   12.595  -2.832  1.00 41.14 ? 19  THR A CA  1 
ATOM   128  C C   . THR A 1 19 ? 9.287   13.790  -1.941  1.00 46.26 ? 19  THR A C   1 
ATOM   129  O O   . THR A 1 19 ? 10.135  14.136  -1.116  1.00 45.84 ? 19  THR A O   1 
ATOM   130  C CB  . THR A 1 19 ? 10.637  12.986  -3.860  1.00 40.18 ? 19  THR A CB  1 
ATOM   131  O OG1 . THR A 1 19 ? 10.100  13.947  -4.776  1.00 39.82 ? 19  THR A OG1 1 
ATOM   132  C CG2 . THR A 1 19 ? 11.056  11.763  -4.636  1.00 38.03 ? 19  THR A CG2 1 
ATOM   133  N N   . GLN A 1 20 ? 8.142   14.442  -2.108  1.00 47.87 ? 20  GLN A N   1 
ATOM   134  C CA  . GLN A 1 20 ? 7.818   15.636  -1.353  1.00 49.32 ? 20  GLN A CA  1 
ATOM   135  C C   . GLN A 1 20 ? 6.480   15.547  -0.642  1.00 56.15 ? 20  GLN A C   1 
ATOM   136  O O   . GLN A 1 20 ? 6.173   16.439  0.156   1.00 64.17 ? 20  GLN A O   1 
ATOM   137  C CB  . GLN A 1 20 ? 7.820   16.866  -2.269  1.00 51.99 ? 20  GLN A CB  1 
ATOM   138  C CG  . GLN A 1 20 ? 9.182   17.193  -2.865  1.00 53.55 ? 20  GLN A CG  1 
ATOM   139  C CD  . GLN A 1 20 ? 9.101   18.299  -3.899  1.00 66.20 ? 20  GLN A CD  1 
ATOM   140  O OE1 . GLN A 1 20 ? 8.053   18.520  -4.511  1.00 71.29 ? 20  GLN A OE1 1 
ATOM   141  N NE2 . GLN A 1 20 ? 10.203  19.018  -4.082  1.00 71.89 ? 20  GLN A NE2 1 
ATOM   142  N N   . GLY A 1 21 ? 5.690   14.501  -0.885  1.00 49.88 ? 21  GLY A N   1 
ATOM   143  C CA  . GLY A 1 21 ? 4.379   14.397  -0.279  1.00 48.09 ? 21  GLY A CA  1 
ATOM   144  C C   . GLY A 1 21 ? 3.378   15.337  -0.939  1.00 39.97 ? 21  GLY A C   1 
ATOM   145  O O   . GLY A 1 21 ? 3.596   15.889  -2.029  1.00 45.11 ? 21  GLY A O   1 
ATOM   146  N N   . GLY A 1 22 ? 2.272   15.527  -0.243  1.00 45.40 ? 22  GLY A N   1 
ATOM   147  C CA  . GLY A 1 22 ? 1.176   16.334  -0.748  1.00 40.52 ? 22  GLY A CA  1 
ATOM   148  C C   . GLY A 1 22 ? 0.098   15.454  -1.364  1.00 43.09 ? 22  GLY A C   1 
ATOM   149  O O   . GLY A 1 22 ? -0.341  14.485  -0.753  1.00 40.34 ? 22  GLY A O   1 
ATOM   150  N N   . GLU A 1 23 ? -0.310  15.789  -2.584  1.00 36.55 ? 23  GLU A N   1 
ATOM   151  C CA  . GLU A 1 23 ? -1.312  14.997  -3.266  1.00 37.14 ? 23  GLU A CA  1 
ATOM   152  C C   . GLU A 1 23 ? -0.789  14.608  -4.638  1.00 33.77 ? 23  GLU A C   1 
ATOM   153  O O   . GLU A 1 23 ? -0.092  15.398  -5.290  1.00 37.17 ? 23  GLU A O   1 
ATOM   154  C CB  . GLU A 1 23 ? -2.649  15.759  -3.406  1.00 40.10 ? 23  GLU A CB  1 
ATOM   155  C CG  . GLU A 1 23 ? -3.363  16.117  -2.085  1.00 33.13 ? 23  GLU A CG  1 
ATOM   156  C CD  . GLU A 1 23 ? -3.870  14.886  -1.339  1.00 44.38 ? 23  GLU A CD  1 
ATOM   157  O OE1 . GLU A 1 23 ? -3.852  14.882  -0.089  1.00 52.06 ? 23  GLU A OE1 1 
ATOM   158  O OE2 . GLU A 1 23 ? -4.298  13.917  -2.012  1.00 43.80 ? 23  GLU A OE2 1 
ATOM   159  N N   . PRO A 1 24 ? -1.072  13.383  -5.083  1.00 31.60 ? 24  PRO A N   1 
ATOM   160  C CA  . PRO A 1 24 ? -0.684  12.992  -6.443  1.00 31.57 ? 24  PRO A CA  1 
ATOM   161  C C   . PRO A 1 24 ? -1.541  13.733  -7.458  1.00 33.87 ? 24  PRO A C   1 
ATOM   162  O O   . PRO A 1 24 ? -2.762  13.844  -7.301  1.00 33.47 ? 24  PRO A O   1 
ATOM   163  C CB  . PRO A 1 24 ? -0.956  11.483  -6.481  1.00 31.04 ? 24  PRO A CB  1 
ATOM   164  C CG  . PRO A 1 24 ? -2.031  11.258  -5.438  1.00 30.23 ? 24  PRO A CG  1 
ATOM   165  C CD  . PRO A 1 24 ? -1.778  12.310  -4.356  1.00 35.00 ? 24  PRO A CD  1 
ATOM   166  N N   . GLY A 1 25 ? -0.900  14.222  -8.504  1.00 31.98 ? 25  GLY A N   1 
ATOM   167  C CA  . GLY A 1 25 ? -1.603  14.955  -9.544  1.00 35.78 ? 25  GLY A CA  1 
ATOM   168  C C   . GLY A 1 25 ? -2.351  14.040  -10.502 1.00 28.58 ? 25  GLY A C   1 
ATOM   169  O O   . GLY A 1 25 ? -2.272  12.813  -10.430 1.00 24.25 ? 25  GLY A O   1 
ATOM   170  N N   . ALA A 1 26 ? -3.132  14.654  -11.397 1.00 23.66 ? 26  ALA A N   1 
ATOM   171  C CA  . ALA A 1 26 ? -3.934  13.865  -12.327 1.00 28.19 ? 26  ALA A CA  1 
ATOM   172  C C   . ALA A 1 26 ? -3.049  12.950  -13.184 1.00 26.18 ? 26  ALA A C   1 
ATOM   173  O O   . ALA A 1 26 ? -3.404  11.799  -13.448 1.00 24.46 ? 26  ALA A O   1 
ATOM   174  C CB  . ALA A 1 26 ? -4.792  14.791  -13.206 1.00 27.12 ? 26  ALA A CB  1 
ATOM   175  N N   . ALA A 1 27 ? -1.903  13.456  -13.648 1.00 29.19 ? 27  ALA A N   1 
ATOM   176  C CA  . ALA A 1 27 ? -1.024  12.646  -14.492 1.00 25.23 ? 27  ALA A CA  1 
ATOM   177  C C   . ALA A 1 27 ? -0.465  11.449  -13.723 1.00 26.05 ? 27  ALA A C   1 
ATOM   178  O O   . ALA A 1 27 ? -0.357  10.341  -14.267 1.00 24.86 ? 27  ALA A O   1 
ATOM   179  C CB  . ALA A 1 27 ? 0.104   13.516  -15.038 1.00 30.01 ? 27  ALA A CB  1 
ATOM   180  N N   . CYS A 1 28 ? -0.101  11.660  -12.458 1.00 26.58 ? 28  CYS A N   1 
ATOM   181  C CA  . CYS A 1 28 ? 0.389   10.568  -11.625 1.00 25.48 ? 28  CYS A CA  1 
ATOM   182  C C   . CYS A 1 28 ? -0.673  9.489   -11.470 1.00 24.77 ? 28  CYS A C   1 
ATOM   183  O O   . CYS A 1 28 ? -0.408  8.295   -11.673 1.00 25.60 ? 28  CYS A O   1 
ATOM   184  C CB  . CYS A 1 28 ? 0.807   11.106  -10.263 1.00 26.23 ? 28  CYS A CB  1 
ATOM   185  S SG  . CYS A 1 28 ? 1.129   9.770   -9.063  1.00 29.00 ? 28  CYS A SG  1 
ATOM   186  N N   . CYS A 1 29 ? -1.902  9.892   -11.135 1.00 24.38 ? 29  CYS A N   1 
ATOM   187  C CA  . CYS A 1 29 ? -2.938  8.891   -10.916 1.00 31.39 ? 29  CYS A CA  1 
ATOM   188  C C   . CYS A 1 29 ? -3.279  8.180   -12.216 1.00 30.55 ? 29  CYS A C   1 
ATOM   189  O O   . CYS A 1 29 ? -3.547  6.970   -12.212 1.00 23.84 ? 29  CYS A O   1 
ATOM   190  C CB  . CYS A 1 29 ? -4.174  9.536   -10.279 1.00 29.95 ? 29  CYS A CB  1 
ATOM   191  S SG  . CYS A 1 29 ? -3.850  10.140  -8.598  1.00 28.21 ? 29  CYS A SG  1 
ATOM   192  N N   . SER A 1 30 ? -3.230  8.892   -13.345 1.00 28.77 ? 30  SER A N   1 
ATOM   193  C CA  . SER A 1 30 ? -3.456  8.227   -14.622 1.00 22.62 ? 30  SER A CA  1 
ATOM   194  C C   . SER A 1 30 ? -2.381  7.177   -14.887 1.00 27.42 ? 30  SER A C   1 
ATOM   195  O O   . SER A 1 30 ? -2.680  6.065   -15.360 1.00 28.90 ? 30  SER A O   1 
ATOM   196  C CB  . SER A 1 30 ? -3.491  9.247   -15.759 1.00 27.03 ? 30  SER A CB  1 
ATOM   197  O OG  . SER A 1 30 ? -3.839  8.586   -16.960 1.00 26.68 ? 30  SER A OG  1 
ATOM   198  N N   . GLY A 1 31 ? -1.121  7.518   -14.612 1.00 24.36 ? 31  GLY A N   1 
ATOM   199  C CA  . GLY A 1 31 ? -0.055  6.542   -14.801 1.00 26.38 ? 31  GLY A CA  1 
ATOM   200  C C   . GLY A 1 31 ? -0.234  5.329   -13.908 1.00 29.00 ? 31  GLY A C   1 
ATOM   201  O O   . GLY A 1 31 ? -0.004  4.193   -14.325 1.00 28.77 ? 31  GLY A O   1 
ATOM   202  N N   . VAL A 1 32 ? -0.653  5.556   -12.665 1.00 26.90 ? 32  VAL A N   1 
ATOM   203  C CA  . VAL A 1 32 ? -0.866  4.438   -11.751 1.00 32.43 ? 32  VAL A CA  1 
ATOM   204  C C   . VAL A 1 32 ? -1.986  3.535   -12.260 1.00 26.86 ? 32  VAL A C   1 
ATOM   205  O O   . VAL A 1 32 ? -1.879  2.294   -12.208 1.00 30.01 ? 32  VAL A O   1 
ATOM   206  C CB  . VAL A 1 32 ? -1.143  4.967   -10.329 1.00 30.57 ? 32  VAL A CB  1 
ATOM   207  C CG1 . VAL A 1 32 ? -1.495  3.797   -9.394  1.00 34.26 ? 32  VAL A CG1 1 
ATOM   208  C CG2 . VAL A 1 32 ? 0.091   5.718   -9.819  1.00 31.94 ? 32  VAL A CG2 1 
ATOM   209  N N   . LYS A 1 33 ? -3.062  4.130   -12.805 1.00 24.77 ? 33  LYS A N   1 
ATOM   210  C CA  . LYS A 1 33 ? -4.145  3.299   -13.357 1.00 29.06 ? 33  LYS A CA  1 
ATOM   211  C C   . LYS A 1 33 ? -3.670  2.494   -14.557 1.00 25.58 ? 33  LYS A C   1 
ATOM   212  O O   . LYS A 1 33 ? -4.030  1.310   -14.714 1.00 27.18 ? 33  LYS A O   1 
ATOM   213  C CB  . LYS A 1 33 ? -5.356  4.153   -13.773 1.00 29.34 ? 33  LYS A CB  1 
ATOM   214  C CG  . LYS A 1 33 ? -6.059  4.823   -12.618 1.00 43.26 ? 33  LYS A CG  1 
ATOM   215  C CD  . LYS A 1 33 ? -7.445  5.359   -12.935 1.00 50.83 ? 33  LYS A CD  1 
ATOM   216  C CE  . LYS A 1 33 ? -7.954  6.202   -11.764 1.00 48.95 ? 33  LYS A CE  1 
ATOM   217  N NZ  . LYS A 1 33 ? -9.235  6.889   -12.069 1.00 50.11 ? 33  LYS A NZ  1 
ATOM   218  N N   . THR A 1 34 ? -2.892  3.128   -15.437 1.00 25.97 ? 34  THR A N   1 
ATOM   219  C CA  . THR A 1 34 ? -2.331  2.416   -16.583 1.00 28.51 ? 34  THR A CA  1 
ATOM   220  C C   . THR A 1 34 ? -1.513  1.212   -16.140 1.00 26.99 ? 34  THR A C   1 
ATOM   221  O O   . THR A 1 34 ? -1.688  0.099   -16.662 1.00 27.03 ? 34  THR A O   1 
ATOM   222  C CB  . THR A 1 34 ? -1.462  3.360   -17.414 1.00 27.63 ? 34  THR A CB  1 
ATOM   223  O OG1 . THR A 1 34 ? -2.301  4.260   -18.140 1.00 38.41 ? 34  THR A OG1 1 
ATOM   224  C CG2 . THR A 1 34 ? -0.573  2.576   -18.377 1.00 36.61 ? 34  THR A CG2 1 
ATOM   225  N N   . LEU A 1 35 ? -0.596  1.421   -15.190 1.00 27.56 ? 35  LEU A N   1 
ATOM   226  C CA  . LEU A 1 35 ? 0.199   0.301   -14.680 1.00 28.38 ? 35  LEU A CA  1 
ATOM   227  C C   . LEU A 1 35 ? -0.698  -0.814  -14.150 1.00 32.05 ? 35  LEU A C   1 
ATOM   228  O O   . LEU A 1 35 ? -0.505  -1.992  -14.484 1.00 31.85 ? 35  LEU A O   1 
ATOM   229  C CB  . LEU A 1 35 ? 1.167   0.787   -13.599 1.00 30.16 ? 35  LEU A CB  1 
ATOM   230  C CG  . LEU A 1 35 ? 2.446   1.512   -14.071 1.00 43.07 ? 35  LEU A CG  1 
ATOM   231  C CD1 . LEU A 1 35 ? 3.470   1.618   -12.943 1.00 42.96 ? 35  LEU A CD1 1 
ATOM   232  C CD2 . LEU A 1 35 ? 3.070   0.845   -15.310 1.00 43.16 ? 35  LEU A CD2 1 
ATOM   233  N N   . ASN A 1 36 ? -1.702  -0.458  -13.339 1.00 29.47 ? 36  ASN A N   1 
ATOM   234  C CA  . ASN A 1 36 ? -2.602  -1.467  -12.792 1.00 30.61 ? 36  ASN A CA  1 
ATOM   235  C C   . ASN A 1 36 ? -3.252  -2.281  -13.897 1.00 31.61 ? 36  ASN A C   1 
ATOM   236  O O   . ASN A 1 36 ? -3.331  -3.510  -13.807 1.00 30.52 ? 36  ASN A O   1 
ATOM   237  C CB  . ASN A 1 36 ? -3.694  -0.806  -11.942 1.00 28.05 ? 36  ASN A CB  1 
ATOM   238  C CG  . ASN A 1 36 ? -4.512  -1.817  -11.158 1.00 44.32 ? 36  ASN A CG  1 
ATOM   239  O OD1 . ASN A 1 36 ? -3.981  -2.576  -10.338 1.00 40.98 ? 36  ASN A OD1 1 
ATOM   240  N ND2 . ASN A 1 36 ? -5.807  -1.878  -11.451 1.00 43.92 ? 36  ASN A ND2 1 
ATOM   241  N N   . GLY A 1 37 ? -3.707  -1.617  -14.957 1.00 27.40 ? 37  GLY A N   1 
ATOM   242  C CA  . GLY A 1 37 ? -4.412  -2.323  -16.022 1.00 27.73 ? 37  GLY A CA  1 
ATOM   243  C C   . GLY A 1 37 ? -3.523  -3.166  -16.913 1.00 32.62 ? 37  GLY A C   1 
ATOM   244  O O   . GLY A 1 37 ? -3.980  -4.162  -17.488 1.00 33.89 ? 37  GLY A O   1 
ATOM   245  N N   . ASN A 1 38 ? -2.254  -2.793  -17.036 1.00 25.66 ? 38  ASN A N   1 
ATOM   246  C CA  . ASN A 1 38 ? -1.295  -3.564  -17.816 1.00 29.54 ? 38  ASN A CA  1 
ATOM   247  C C   . ASN A 1 38 ? -0.719  -4.763  -17.064 1.00 35.16 ? 38  ASN A C   1 
ATOM   248  O O   . ASN A 1 38 ? -0.242  -5.699  -17.707 1.00 32.53 ? 38  ASN A O   1 
ATOM   249  C CB  . ASN A 1 38 ? -0.150  -2.652  -18.268 1.00 36.49 ? 38  ASN A CB  1 
ATOM   250  C CG  . ASN A 1 38 ? -0.581  -1.676  -19.352 1.00 45.08 ? 38  ASN A CG  1 
ATOM   251  O OD1 . ASN A 1 38 ? -1.563  -1.908  -20.050 1.00 48.82 ? 38  ASN A OD1 1 
ATOM   252  N ND2 . ASN A 1 38 ? 0.144   -0.580  -19.485 1.00 46.81 ? 38  ASN A ND2 1 
ATOM   253  N N   . ALA A 1 39 ? -0.770  -4.776  -15.733 1.00 26.23 ? 39  ALA A N   1 
ATOM   254  C CA  . ALA A 1 39 ? -0.243  -5.893  -14.936 1.00 31.45 ? 39  ALA A CA  1 
ATOM   255  C C   . ALA A 1 39 ? -1.369  -6.890  -14.670 1.00 32.78 ? 39  ALA A C   1 
ATOM   256  O O   . ALA A 1 39 ? -1.925  -6.973  -13.572 1.00 32.72 ? 39  ALA A O   1 
ATOM   257  C CB  . ALA A 1 39 ? 0.373   -5.391  -13.638 1.00 30.89 ? 39  ALA A CB  1 
ATOM   258  N N   . GLN A 1 40 ? -1.690  -7.684  -15.694 1.00 31.69 ? 40  GLN A N   1 
ATOM   259  C CA  . GLN A 1 40 ? -2.875  -8.536  -15.657 1.00 34.72 ? 40  GLN A CA  1 
ATOM   260  C C   . GLN A 1 40 ? -2.613  -9.938  -15.098 1.00 32.64 ? 40  GLN A C   1 
ATOM   261  O O   . GLN A 1 40 ? -3.391  -10.436 -14.277 1.00 30.44 ? 40  GLN A O   1 
ATOM   262  C CB  . GLN A 1 40 ? -3.447  -8.659  -17.074 1.00 41.91 ? 40  GLN A CB  1 
ATOM   263  C CG  . GLN A 1 40 ? -3.963  -7.344  -17.658 1.00 46.30 ? 40  GLN A CG  1 
ATOM   264  C CD  . GLN A 1 40 ? -4.046  -7.376  -19.185 1.00 64.84 ? 40  GLN A CD  1 
ATOM   265  O OE1 . GLN A 1 40 ? -5.058  -7.792  -19.749 1.00 67.67 ? 40  GLN A OE1 1 
ATOM   266  N NE2 . GLN A 1 40 ? -2.976  -6.944  -19.857 1.00 61.10 ? 40  GLN A NE2 1 
ATOM   267  N N   . SER A 1 41 ? -1.567  -10.606 -15.567 1.00 33.41 ? 41  SER A N   1 
ATOM   268  C CA  . SER A 1 41 ? -1.182  -11.924 -15.088 1.00 29.96 ? 41  SER A CA  1 
ATOM   269  C C   . SER A 1 41 ? -0.311  -11.840 -13.835 1.00 32.33 ? 41  SER A C   1 
ATOM   270  O O   . SER A 1 41 ? 0.293   -10.800 -13.561 1.00 24.34 ? 41  SER A O   1 
ATOM   271  C CB  . SER A 1 41 ? -0.444  -12.666 -16.197 1.00 36.09 ? 41  SER A CB  1 
ATOM   272  O OG  . SER A 1 41 ? 0.867   -12.150 -16.318 1.00 28.96 ? 41  SER A OG  1 
ATOM   273  N N   . PRO A 1 42 ? -0.233  -12.923 -13.040 1.00 29.01 ? 42  PRO A N   1 
ATOM   274  C CA  . PRO A 1 42 ? 0.730   -12.922 -11.927 1.00 27.56 ? 42  PRO A CA  1 
ATOM   275  C C   . PRO A 1 42 ? 2.148   -12.691 -12.406 1.00 27.73 ? 42  PRO A C   1 
ATOM   276  O O   . PRO A 1 42 ? 2.953   -12.062 -11.704 1.00 28.85 ? 42  PRO A O   1 
ATOM   277  C CB  . PRO A 1 42 ? 0.557   -14.318 -11.291 1.00 31.34 ? 42  PRO A CB  1 
ATOM   278  C CG  . PRO A 1 42 ? -0.830  -14.693 -11.609 1.00 34.96 ? 42  PRO A CG  1 
ATOM   279  C CD  . PRO A 1 42 ? -1.139  -14.087 -12.980 1.00 39.25 ? 42  PRO A CD  1 
ATOM   280  N N   . ASP A 1 43 ? 2.479   -13.173 -13.605 1.00 27.94 ? 43  ASP A N   1 
ATOM   281  C CA  . ASP A 1 43 ? 3.819   -12.930 -14.138 1.00 31.59 ? 43  ASP A CA  1 
ATOM   282  C C   . ASP A 1 43 ? 4.028   -11.451 -14.448 1.00 28.89 ? 43  ASP A C   1 
ATOM   283  O O   . ASP A 1 43 ? 5.069   -10.872 -14.095 1.00 29.79 ? 43  ASP A O   1 
ATOM   284  C CB  . ASP A 1 43 ? 4.032   -13.779 -15.389 1.00 31.52 ? 43  ASP A CB  1 
ATOM   285  C CG  . ASP A 1 43 ? 5.481   -13.846 -15.794 1.00 39.69 ? 43  ASP A CG  1 
ATOM   286  O OD1 . ASP A 1 43 ? 6.353   -13.435 -14.992 1.00 38.14 ? 43  ASP A OD1 1 
ATOM   287  O OD2 . ASP A 1 43 ? 5.745   -14.270 -16.935 1.00 38.71 ? 43  ASP A OD2 1 
ATOM   288  N N   . ASP A 1 44 ? 3.031   -10.823 -15.087 1.00 27.00 ? 44  ASP A N   1 
ATOM   289  C CA  . ASP A 1 44 ? 3.033   -9.376  -15.294 1.00 26.93 ? 44  ASP A CA  1 
ATOM   290  C C   . ASP A 1 44 ? 3.234   -8.636  -13.982 1.00 27.19 ? 44  ASP A C   1 
ATOM   291  O O   . ASP A 1 44 ? 3.995   -7.673  -13.916 1.00 25.21 ? 44  ASP A O   1 
ATOM   292  C CB  . ASP A 1 44 ? 1.701   -8.923  -15.914 1.00 26.93 ? 44  ASP A CB  1 
ATOM   293  C CG  . ASP A 1 44 ? 1.543   -9.314  -17.363 1.00 35.45 ? 44  ASP A CG  1 
ATOM   294  O OD1 . ASP A 1 44 ? 2.565   -9.667  -17.978 1.00 34.43 ? 44  ASP A OD1 1 
ATOM   295  O OD2 . ASP A 1 44 ? 0.387   -9.264  -17.884 1.00 31.85 ? 44  ASP A OD2 1 
ATOM   296  N N   . ARG A 1 45 ? 2.549   -9.079  -12.923 1.00 23.49 ? 45  ARG A N   1 
ATOM   297  C CA  . ARG A 1 45 ? 2.632   -8.401  -11.640 1.00 22.92 ? 45  ARG A CA  1 
ATOM   298  C C   . ARG A 1 45 ? 4.027   -8.510  -11.042 1.00 22.65 ? 45  ARG A C   1 
ATOM   299  O O   . ARG A 1 45 ? 4.536   -7.534  -10.494 1.00 23.01 ? 45  ARG A O   1 
ATOM   300  C CB  . ARG A 1 45 ? 1.565   -8.945  -10.684 1.00 28.97 ? 45  ARG A CB  1 
ATOM   301  C CG  . ARG A 1 45 ? 0.137   -8.472  -11.032 1.00 28.43 ? 45  ARG A CG  1 
ATOM   302  C CD  . ARG A 1 45 ? -0.850  -8.721  -9.884  1.00 28.23 ? 45  ARG A CD  1 
ATOM   303  N NE  . ARG A 1 45 ? -1.100  -10.146 -9.647  1.00 29.85 ? 45  ARG A NE  1 
ATOM   304  C CZ  . ARG A 1 45 ? -1.930  -10.895 -10.370 1.00 33.83 ? 45  ARG A CZ  1 
ATOM   305  N NH1 . ARG A 1 45 ? -2.582  -10.379 -11.408 1.00 30.40 ? 45  ARG A NH1 1 
ATOM   306  N NH2 . ARG A 1 45 ? -2.107  -12.167 -10.059 1.00 30.62 ? 45  ARG A NH2 1 
ATOM   307  N N   . LYS A 1 46 ? 4.644   -9.697  -11.079 1.00 27.53 ? 46  LYS A N   1 
ATOM   308  C CA  . LYS A 1 46 ? 5.997   -9.798  -10.525 1.00 29.57 ? 46  LYS A CA  1 
ATOM   309  C C   . LYS A 1 46 ? 6.990   -8.951  -11.317 1.00 22.53 ? 46  LYS A C   1 
ATOM   310  O O   . LYS A 1 46 ? 7.905   -8.331  -10.738 1.00 29.97 ? 46  LYS A O   1 
ATOM   311  C CB  . LYS A 1 46 ? 6.432   -11.258 -10.471 1.00 29.69 ? 46  LYS A CB  1 
ATOM   312  C CG  . LYS A 1 46 ? 5.783   -11.960 -9.292  1.00 37.17 ? 46  LYS A CG  1 
ATOM   313  C CD  . LYS A 1 46 ? 6.354   -13.322 -8.984  1.00 40.66 ? 46  LYS A CD  1 
ATOM   314  C CE  . LYS A 1 46 ? 5.672   -13.893 -7.742  1.00 40.10 ? 46  LYS A CE  1 
ATOM   315  N NZ  . LYS A 1 46 ? 4.466   -14.686 -8.086  1.00 48.17 ? 46  LYS A NZ  1 
ATOM   316  N N   . THR A 1 47 ? 6.846   -8.936  -12.643 1.00 25.14 ? 47  THR A N   1 
ATOM   317  C CA  . THR A 1 47 ? 7.715   -8.108  -13.477 1.00 28.53 ? 47  THR A CA  1 
ATOM   318  C C   . THR A 1 47 ? 7.550   -6.636  -13.120 1.00 29.01 ? 47  THR A C   1 
ATOM   319  O O   . THR A 1 47 ? 8.536   -5.913  -12.902 1.00 26.05 ? 47  THR A O   1 
ATOM   320  C CB  . THR A 1 47 ? 7.405   -8.362  -14.953 1.00 27.99 ? 47  THR A CB  1 
ATOM   321  O OG1 . THR A 1 47 ? 7.430   -9.779  -15.208 1.00 29.44 ? 47  THR A OG1 1 
ATOM   322  C CG2 . THR A 1 47 ? 8.418   -7.648  -15.851 1.00 30.41 ? 47  THR A CG2 1 
ATOM   323  N N   . ALA A 1 48 ? 6.294   -6.175  -13.065 1.00 25.45 ? 48  ALA A N   1 
ATOM   324  C CA  . ALA A 1 48 ? 6.012   -4.807  -12.637 1.00 23.33 ? 48  ALA A CA  1 
ATOM   325  C C   . ALA A 1 48 ? 6.571   -4.524  -11.249 1.00 23.93 ? 48  ALA A C   1 
ATOM   326  O O   . ALA A 1 48 ? 7.116   -3.445  -11.007 1.00 25.06 ? 48  ALA A O   1 
ATOM   327  C CB  . ALA A 1 48 ? 4.498   -4.564  -12.663 1.00 25.52 ? 48  ALA A CB  1 
ATOM   328  N N   . CYS A 1 49 ? 6.447   -5.478  -10.319 1.00 24.77 ? 49  CYS A N   1 
ATOM   329  C CA  . CYS A 1 49 ? 6.915   -5.240  -8.953  1.00 27.31 ? 49  CYS A CA  1 
ATOM   330  C C   . CYS A 1 49 ? 8.413   -4.964  -8.932  1.00 29.66 ? 49  CYS A C   1 
ATOM   331  O O   . CYS A 1 49 ? 8.874   -4.044  -8.243  1.00 26.85 ? 49  CYS A O   1 
ATOM   332  C CB  . CYS A 1 49 ? 6.572   -6.433  -8.057  1.00 29.54 ? 49  CYS A CB  1 
ATOM   333  S SG  . CYS A 1 49 ? 7.240   -6.361  -6.324  1.00 31.02 ? 49  CYS A SG  1 
ATOM   334  N N   . ASN A 1 50 ? 9.188   -5.754  -9.683  1.00 27.43 ? 50  ASN A N   1 
ATOM   335  C CA  . ASN A 1 50 ? 10.635  -5.543  -9.697  1.00 28.43 ? 50  ASN A CA  1 
ATOM   336  C C   . ASN A 1 50 ? 11.003  -4.239  -10.398 1.00 26.95 ? 50  ASN A C   1 
ATOM   337  O O   . ASN A 1 50 ? 11.936  -3.536  -9.968  1.00 30.39 ? 50  ASN A O   1 
ATOM   338  C CB  . ASN A 1 50 ? 11.329  -6.736  -10.355 1.00 23.41 ? 50  ASN A CB  1 
ATOM   339  C CG  . ASN A 1 50 ? 11.386  -7.939  -9.430  1.00 26.45 ? 50  ASN A CG  1 
ATOM   340  O OD1 . ASN A 1 50 ? 12.031  -7.892  -8.383  1.00 34.43 ? 50  ASN A OD1 1 
ATOM   341  N ND2 . ASN A 1 50 ? 10.668  -8.992  -9.780  1.00 27.87 ? 50  ASN A ND2 1 
ATOM   342  N N   . CYS A 1 51 ? 10.257  -3.874  -11.450 1.00 27.00 ? 51  CYS A N   1 
ATOM   343  C CA  . CYS A 1 51 ? 10.491  -2.575  -12.093 1.00 25.84 ? 51  CYS A CA  1 
ATOM   344  C C   . CYS A 1 51 ? 10.186  -1.425  -11.141 1.00 31.03 ? 51  CYS A C   1 
ATOM   345  O O   . CYS A 1 51 ? 10.923  -0.427  -11.086 1.00 28.10 ? 51  CYS A O   1 
ATOM   346  C CB  . CYS A 1 51 ? 9.640   -2.451  -13.353 1.00 25.87 ? 51  CYS A CB  1 
ATOM   347  S SG  . CYS A 1 51 ? 10.077  -3.607  -14.650 1.00 34.42 ? 51  CYS A SG  1 
ATOM   348  N N   . ILE A 1 52 ? 9.088   -1.533  -10.400 1.00 26.19 ? 52  ILE A N   1 
ATOM   349  C CA  . ILE A 1 52 ? 8.690   -0.461  -9.492  1.00 27.91 ? 52  ILE A CA  1 
ATOM   350  C C   . ILE A 1 52 ? 9.687   -0.336  -8.351  1.00 28.73 ? 52  ILE A C   1 
ATOM   351  O O   . ILE A 1 52 ? 9.974   0.764   -7.881  1.00 30.32 ? 52  ILE A O   1 
ATOM   352  C CB  . ILE A 1 52 ? 7.265   -0.711  -8.952  1.00 29.83 ? 52  ILE A CB  1 
ATOM   353  C CG1 . ILE A 1 52 ? 6.206   -0.510  -10.024 1.00 33.46 ? 52  ILE A CG1 1 
ATOM   354  C CG2 . ILE A 1 52 ? 6.947   0.261   -7.826  1.00 33.06 ? 52  ILE A CG2 1 
ATOM   355  C CD1 . ILE A 1 52 ? 4.878   -1.173  -9.630  1.00 28.58 ? 52  ILE A CD1 1 
ATOM   356  N N   . LYS A 1 53 ? 10.170  -1.466  -7.841  1.00 28.45 ? 53  LYS A N   1 
ATOM   357  C CA  . LYS A 1 53 ? 11.215  -1.460  -6.820  1.00 27.49 ? 53  LYS A CA  1 
ATOM   358  C C   . LYS A 1 53 ? 12.449  -0.701  -7.299  1.00 27.17 ? 53  LYS A C   1 
ATOM   359  O O   . LYS A 1 53 ? 12.996  0.145   -6.576  1.00 28.76 ? 53  LYS A O   1 
ATOM   360  C CB  . LYS A 1 53 ? 11.573  -2.910  -6.483  1.00 27.34 ? 53  LYS A CB  1 
ATOM   361  C CG  . LYS A 1 53 ? 12.578  -3.155  -5.366  1.00 31.64 ? 53  LYS A CG  1 
ATOM   362  C CD  . LYS A 1 53 ? 12.755  -4.687  -5.255  1.00 30.29 ? 53  LYS A CD  1 
ATOM   363  C CE  . LYS A 1 53 ? 13.653  -5.112  -4.146  1.00 35.75 ? 53  LYS A CE  1 
ATOM   364  N NZ  . LYS A 1 53 ? 13.653  -6.600  -4.110  1.00 34.54 ? 53  LYS A NZ  1 
ATOM   365  N N   . ALA A 1 54 ? 12.899  -0.996  -8.523  1.00 30.25 ? 54  ALA A N   1 
ATOM   366  C CA  . ALA A 1 54 ? 14.011  -0.244  -9.101  1.00 31.21 ? 54  ALA A CA  1 
ATOM   367  C C   . ALA A 1 54 ? 13.700  1.252   -9.139  1.00 32.06 ? 54  ALA A C   1 
ATOM   368  O O   . ALA A 1 54 ? 14.515  2.084   -8.714  1.00 30.09 ? 54  ALA A O   1 
ATOM   369  C CB  . ALA A 1 54 ? 14.317  -0.767  -10.504 1.00 30.16 ? 54  ALA A CB  1 
ATOM   370  N N   . ALA A 1 55 ? 12.506  1.611   -9.618  1.00 31.12 ? 55  ALA A N   1 
ATOM   371  C CA  . ALA A 1 55 ? 12.129  3.025   -9.692  1.00 29.35 ? 55  ALA A CA  1 
ATOM   372  C C   . ALA A 1 55 ? 12.112  3.673   -8.304  1.00 33.19 ? 55  ALA A C   1 
ATOM   373  O O   . ALA A 1 55 ? 12.593  4.798   -8.123  1.00 34.32 ? 55  ALA A O   1 
ATOM   374  C CB  . ALA A 1 55 ? 10.773  3.169   -10.385 1.00 29.59 ? 55  ALA A CB  1 
ATOM   375  N N   . ALA A 1 56 ? 11.528  2.988   -7.322  1.00 33.54 ? 56  ALA A N   1 
ATOM   376  C CA  . ALA A 1 56 ? 11.468  3.511   -5.958  1.00 34.48 ? 56  ALA A CA  1 
ATOM   377  C C   . ALA A 1 56 ? 12.864  3.764   -5.403  1.00 36.25 ? 56  ALA A C   1 
ATOM   378  O O   . ALA A 1 56 ? 13.088  4.750   -4.689  1.00 35.73 ? 56  ALA A O   1 
ATOM   379  C CB  . ALA A 1 56 ? 10.712  2.537   -5.053  1.00 29.90 ? 56  ALA A CB  1 
ATOM   380  N N   . ASN A 1 57 ? 13.814  2.873   -5.702  1.00 36.87 ? 57  ASN A N   1 
ATOM   381  C CA  . ASN A 1 57 ? 15.172  3.094   -5.223  1.00 37.62 ? 57  ASN A CA  1 
ATOM   382  C C   . ASN A 1 57 ? 15.885  4.185   -6.013  1.00 36.18 ? 57  ASN A C   1 
ATOM   383  O O   . ASN A 1 57 ? 16.903  4.705   -5.545  1.00 39.51 ? 57  ASN A O   1 
ATOM   384  C CB  . ASN A 1 57 ? 15.972  1.793   -5.264  1.00 36.41 ? 57  ASN A CB  1 
ATOM   385  C CG  . ASN A 1 57 ? 15.648  0.872   -4.098  1.00 38.81 ? 57  ASN A CG  1 
ATOM   386  O OD1 . ASN A 1 57 ? 16.012  1.141   -2.953  1.00 39.18 ? 57  ASN A OD1 1 
ATOM   387  N ND2 . ASN A 1 57 ? 14.974  -0.228  -4.389  1.00 36.84 ? 57  ASN A ND2 1 
ATOM   388  N N   . ARG A 1 58 ? 15.390  4.520   -7.206  1.00 37.63 ? 58  ARG A N   1 
ATOM   389  C CA  . ARG A 1 58 ? 16.020  5.565   -8.014  1.00 35.88 ? 58  ARG A CA  1 
ATOM   390  C C   . ARG A 1 58 ? 15.764  6.955   -7.444  1.00 47.97 ? 58  ARG A C   1 
ATOM   391  O O   . ARG A 1 58 ? 16.667  7.796   -7.410  1.00 46.34 ? 58  ARG A O   1 
ATOM   392  C CB  . ARG A 1 58 ? 15.496  5.484   -9.446  1.00 35.40 ? 58  ARG A CB  1 
ATOM   393  C CG  . ARG A 1 58 ? 16.115  6.447   -10.438 1.00 39.79 ? 58  ARG A CG  1 
ATOM   394  C CD  . ARG A 1 58 ? 15.368  6.364   -11.761 1.00 37.58 ? 58  ARG A CD  1 
ATOM   395  N NE  . ARG A 1 58 ? 15.298  4.972   -12.181 1.00 34.60 ? 58  ARG A NE  1 
ATOM   396  C CZ  . ARG A 1 58 ? 14.190  4.337   -12.553 1.00 42.50 ? 58  ARG A CZ  1 
ATOM   397  N NH1 . ARG A 1 58 ? 13.025  4.970   -12.589 1.00 33.77 ? 58  ARG A NH1 1 
ATOM   398  N NH2 . ARG A 1 58 ? 14.250  3.055   -12.884 1.00 36.02 ? 58  ARG A NH2 1 
ATOM   399  N N   . TYR A 1 59 ? 14.552  7.204   -6.980  0.76 43.03 ? 59  TYR A N   1 
ATOM   400  C CA  . TYR A 1 59 ? 14.119  8.565   -6.704  0.76 41.48 ? 59  TYR A CA  1 
ATOM   401  C C   . TYR A 1 59 ? 14.776  9.108   -5.442  0.76 42.41 ? 59  TYR A C   1 
ATOM   402  O O   . TYR A 1 59 ? 14.672  8.488   -4.379  0.76 40.86 ? 59  TYR A O   1 
ATOM   403  C CB  . TYR A 1 59 ? 12.616  8.595   -6.554  0.76 40.19 ? 59  TYR A CB  1 
ATOM   404  C CG  . TYR A 1 59 ? 11.861  8.075   -7.753  0.76 40.56 ? 59  TYR A CG  1 
ATOM   405  C CD1 . TYR A 1 59 ? 12.344  8.244   -9.050  0.76 35.27 ? 59  TYR A CD1 1 
ATOM   406  C CD2 . TYR A 1 59 ? 10.643  7.429   -7.583  0.76 40.62 ? 59  TYR A CD2 1 
ATOM   407  C CE1 . TYR A 1 59 ? 11.620  7.762   -10.148 0.76 38.43 ? 59  TYR A CE1 1 
ATOM   408  C CE2 . TYR A 1 59 ? 9.917   6.957   -8.662  0.76 39.69 ? 59  TYR A CE2 1 
ATOM   409  C CZ  . TYR A 1 59 ? 10.402  7.119   -9.937  0.76 38.48 ? 59  TYR A CZ  1 
ATOM   410  O OH  . TYR A 1 59 ? 9.633   6.636   -10.986 0.76 37.10 ? 59  TYR A OH  1 
ATOM   411  N N   . PRO A 1 60 ? 15.439  10.264  -5.513  0.74 51.61 ? 60  PRO A N   1 
ATOM   412  C CA  . PRO A 1 60 ? 16.070  10.834  -4.310  0.74 50.63 ? 60  PRO A CA  1 
ATOM   413  C C   . PRO A 1 60 ? 15.035  11.247  -3.275  0.74 42.56 ? 60  PRO A C   1 
ATOM   414  O O   . PRO A 1 60 ? 14.093  11.987  -3.573  0.74 41.75 ? 60  PRO A O   1 
ATOM   415  C CB  . PRO A 1 60 ? 16.835  12.049  -4.850  0.74 48.90 ? 60  PRO A CB  1 
ATOM   416  C CG  . PRO A 1 60 ? 17.048  11.748  -6.313  0.74 57.13 ? 60  PRO A CG  1 
ATOM   417  C CD  . PRO A 1 60 ? 15.820  10.986  -6.739  0.74 54.34 ? 60  PRO A CD  1 
ATOM   418  N N   . ASN A 1 61 ? 15.247  10.786  -2.040  0.82 44.17 ? 61  ASN A N   1 
ATOM   419  C CA  . ASN A 1 61 ? 14.445  11.173  -0.877  0.82 49.47 ? 61  ASN A CA  1 
ATOM   420  C C   . ASN A 1 61 ? 12.999  10.696  -0.998  0.82 45.00 ? 61  ASN A C   1 
ATOM   421  O O   . ASN A 1 61 ? 12.063  11.389  -0.588  0.82 36.94 ? 61  ASN A O   1 
ATOM   422  C CB  . ASN A 1 61 ? 14.498  12.685  -0.647  0.82 48.81 ? 61  ASN A CB  1 
ATOM   423  C CG  . ASN A 1 61 ? 15.917  13.199  -0.519  0.82 59.22 ? 61  ASN A CG  1 
ATOM   424  O OD1 . ASN A 1 61 ? 16.469  13.779  -1.456  0.82 61.66 ? 61  ASN A OD1 1 
ATOM   425  N ND2 . ASN A 1 61 ? 16.521  12.978  0.645   0.82 60.57 ? 61  ASN A ND2 1 
ATOM   426  N N   . LEU A 1 62 ? 12.819  9.506   -1.566  1.00 46.90 ? 62  LEU A N   1 
ATOM   427  C CA  . LEU A 1 62 ? 11.495  8.912   -1.650  1.00 43.31 ? 62  LEU A CA  1 
ATOM   428  C C   . LEU A 1 62 ? 10.924  8.695   -0.257  1.00 41.48 ? 62  LEU A C   1 
ATOM   429  O O   . LEU A 1 62 ? 11.631  8.275   0.662   1.00 43.59 ? 62  LEU A O   1 
ATOM   430  C CB  . LEU A 1 62 ? 11.546  7.590   -2.412  1.00 48.48 ? 62  LEU A CB  1 
ATOM   431  C CG  . LEU A 1 62 ? 10.174  6.952   -2.645  1.00 38.71 ? 62  LEU A CG  1 
ATOM   432  C CD1 . LEU A 1 62 ? 9.976   6.658   -4.109  1.00 43.56 ? 62  LEU A CD1 1 
ATOM   433  C CD2 . LEU A 1 62 ? 10.060  5.671   -1.821  1.00 42.68 ? 62  LEU A CD2 1 
ATOM   434  N N   . LYS A 1 63 ? 9.649   9.028   -0.082  1.00 39.06 ? 63  LYS A N   1 
ATOM   435  C CA  . LYS A 1 63 ? 8.968   8.791   1.187   1.00 42.63 ? 63  LYS A CA  1 
ATOM   436  C C   . LYS A 1 63 ? 8.197   7.474   1.106   1.00 42.04 ? 63  LYS A C   1 
ATOM   437  O O   . LYS A 1 63 ? 7.240   7.354   0.327   1.00 35.65 ? 63  LYS A O   1 
ATOM   438  C CB  . LYS A 1 63 ? 8.043   9.956   1.536   1.00 37.86 ? 63  LYS A CB  1 
ATOM   439  C CG  . LYS A 1 63 ? 8.749   11.319  1.596   1.00 46.46 ? 63  LYS A CG  1 
ATOM   440  C CD  . LYS A 1 63 ? 7.742   12.475  1.523   1.00 51.53 ? 63  LYS A CD  1 
ATOM   441  C CE  . LYS A 1 63 ? 8.247   13.734  2.234   1.00 55.14 ? 63  LYS A CE  1 
ATOM   442  N NZ  . LYS A 1 63 ? 8.892   13.451  3.558   1.00 61.18 ? 63  LYS A NZ  1 
ATOM   443  N N   . ASP A 1 64 ? 8.581   6.500   1.937   1.00 44.21 ? 64  ASP A N   1 
ATOM   444  C CA  . ASP A 1 64 ? 7.977   5.177   1.817   1.00 43.84 ? 64  ASP A CA  1 
ATOM   445  C C   . ASP A 1 64 ? 6.487   5.244   2.106   1.00 42.87 ? 64  ASP A C   1 
ATOM   446  O O   . ASP A 1 64 ? 5.698   4.529   1.472   1.00 40.79 ? 64  ASP A O   1 
ATOM   447  C CB  . ASP A 1 64 ? 8.644   4.190   2.791   1.00 46.17 ? 64  ASP A CB  1 
ATOM   448  C CG  . ASP A 1 64 ? 10.079  3.798   2.386   1.00 57.03 ? 64  ASP A CG  1 
ATOM   449  O OD1 . ASP A 1 64 ? 10.356  3.547   1.189   1.00 49.25 ? 64  ASP A OD1 1 
ATOM   450  O OD2 . ASP A 1 64 ? 10.947  3.751   3.286   1.00 63.85 ? 64  ASP A OD2 1 
ATOM   451  N N   . ASP A 1 65 ? 6.085   6.160   2.995   1.00 39.97 ? 65  ASP A N   1 
ATOM   452  C CA  . ASP A 1 65 ? 4.675   6.364   3.324   1.00 46.00 ? 65  ASP A CA  1 
ATOM   453  C C   . ASP A 1 65 ? 3.880   6.846   2.116   1.00 42.64 ? 65  ASP A C   1 
ATOM   454  O O   . ASP A 1 65 ? 2.755   6.388   1.876   1.00 37.15 ? 65  ASP A O   1 
ATOM   455  C CB  . ASP A 1 65 ? 4.558   7.396   4.451   1.00 53.31 ? 65  ASP A CB  1 
ATOM   456  C CG  . ASP A 1 65 ? 5.127   6.908   5.771   1.00 53.94 ? 65  ASP A CG  1 
ATOM   457  O OD1 . ASP A 1 65 ? 5.501   5.718   5.893   1.00 61.30 ? 65  ASP A OD1 1 
ATOM   458  O OD2 . ASP A 1 65 ? 5.264   7.760   6.676   1.00 66.84 ? 65  ASP A OD2 1 
ATOM   459  N N   . ALA A 1 66 ? 4.425   7.813   1.369   1.00 42.23 ? 66  ALA A N   1 
ATOM   460  C CA  . ALA A 1 66 ? 3.726   8.302   0.182   1.00 36.98 ? 66  ALA A CA  1 
ATOM   461  C C   . ALA A 1 66 ? 3.563   7.183   -0.834  1.00 31.10 ? 66  ALA A C   1 
ATOM   462  O O   . ALA A 1 66 ? 2.493   7.024   -1.431  1.00 35.67 ? 66  ALA A O   1 
ATOM   463  C CB  . ALA A 1 66 ? 4.479   9.476   -0.445  1.00 32.98 ? 66  ALA A CB  1 
ATOM   464  N N   . ALA A 1 67 ? 4.622   6.396   -1.035  1.00 34.55 ? 67  ALA A N   1 
ATOM   465  C CA  . ALA A 1 67 ? 4.544   5.258   -1.944  1.00 32.07 ? 67  ALA A CA  1 
ATOM   466  C C   . ALA A 1 67 ? 3.449   4.297   -1.510  1.00 37.21 ? 67  ALA A C   1 
ATOM   467  O O   . ALA A 1 67 ? 2.688   3.789   -2.345  1.00 33.79 ? 67  ALA A O   1 
ATOM   468  C CB  . ALA A 1 67 ? 5.899   4.552   -2.000  1.00 32.84 ? 67  ALA A CB  1 
ATOM   469  N N   . GLN A 1 68 ? 3.331   4.056   -0.198  1.00 42.57 ? 68  GLN A N   1 
ATOM   470  C CA  . GLN A 1 68 ? 2.318   3.120   0.279   1.00 35.76 ? 68  GLN A CA  1 
ATOM   471  C C   . GLN A 1 68 ? 0.920   3.711   0.179   1.00 39.53 ? 68  GLN A C   1 
ATOM   472  O O   . GLN A 1 68 ? -0.046  2.973   -0.014  1.00 37.85 ? 68  GLN A O   1 
ATOM   473  C CB  . GLN A 1 68 ? 2.632   2.704   1.728   1.00 38.82 ? 68  GLN A CB  1 
ATOM   474  C CG  . GLN A 1 68 ? 2.023   1.380   2.160   1.00 55.42 ? 68  GLN A CG  1 
ATOM   475  C CD  . GLN A 1 68 ? 2.592   0.864   3.487   1.00 52.68 ? 68  GLN A CD  1 
ATOM   476  O OE1 . GLN A 1 68 ? 3.642   1.326   3.958   1.00 50.60 ? 68  GLN A OE1 1 
ATOM   477  N NE2 . GLN A 1 68 ? 1.901   -0.103  4.088   1.00 47.45 ? 68  GLN A NE2 1 
ATOM   478  N N   . SER A 1 69 ? 0.790   5.037   0.265   1.00 34.98 ? 69  SER A N   1 
ATOM   479  C CA  . SER A 1 69 ? -0.522  5.665   0.236   1.00 35.18 ? 69  SER A CA  1 
ATOM   480  C C   . SER A 1 69 ? -0.974  6.085   -1.161  1.00 37.27 ? 69  SER A C   1 
ATOM   481  O O   . SER A 1 69 ? -2.128  6.514   -1.322  1.00 33.63 ? 69  SER A O   1 
ATOM   482  C CB  . SER A 1 69 ? -0.543  6.888   1.158   1.00 43.74 ? 69  SER A CB  1 
ATOM   483  O OG  . SER A 1 69 ? -0.335  8.078   0.413   1.00 51.53 ? 69  SER A OG  1 
ATOM   484  N N   . LEU A 1 70 ? -0.092  6.019   -2.158  1.00 36.95 ? 70  LEU A N   1 
ATOM   485  C CA  . LEU A 1 70 ? -0.437  6.507   -3.496  1.00 30.01 ? 70  LEU A CA  1 
ATOM   486  C C   . LEU A 1 70 ? -1.720  5.921   -4.071  1.00 29.59 ? 70  LEU A C   1 
ATOM   487  O O   . LEU A 1 70 ? -2.593  6.702   -4.484  1.00 30.60 ? 70  LEU A O   1 
ATOM   488  C CB  . LEU A 1 70 ? 0.750   6.234   -4.432  1.00 32.13 ? 70  LEU A CB  1 
ATOM   489  C CG  . LEU A 1 70 ? 0.678   6.727   -5.881  1.00 33.70 ? 70  LEU A CG  1 
ATOM   490  C CD1 . LEU A 1 70 ? 0.182   8.150   -5.936  1.00 32.42 ? 70  LEU A CD1 1 
ATOM   491  C CD2 . LEU A 1 70 ? 2.058   6.621   -6.530  1.00 32.54 ? 70  LEU A CD2 1 
ATOM   492  N N   . PRO A 1 71 ? -1.932  4.594   -4.091  1.00 32.72 ? 71  PRO A N   1 
ATOM   493  C CA  . PRO A 1 71 ? -3.158  4.069   -4.726  1.00 33.21 ? 71  PRO A CA  1 
ATOM   494  C C   . PRO A 1 71 ? -4.456  4.591   -4.121  1.00 34.68 ? 71  PRO A C   1 
ATOM   495  O O   . PRO A 1 71 ? -5.403  4.895   -4.858  1.00 36.03 ? 71  PRO A O   1 
ATOM   496  C CB  . PRO A 1 71 ? -3.019  2.546   -4.540  1.00 34.42 ? 71  PRO A CB  1 
ATOM   497  C CG  . PRO A 1 71 ? -1.547  2.317   -4.437  1.00 39.32 ? 71  PRO A CG  1 
ATOM   498  C CD  . PRO A 1 71 ? -1.022  3.505   -3.682  1.00 37.28 ? 71  PRO A CD  1 
ATOM   499  N N   . SER A 1 72 ? -4.550  4.647   -2.794  1.00 31.84 ? 72  SER A N   1 
ATOM   500  C CA  . SER A 1 72 ? -5.796  5.094   -2.174  1.00 32.50 ? 72  SER A CA  1 
ATOM   501  C C   . SER A 1 72 ? -6.042  6.570   -2.432  1.00 35.17 ? 72  SER A C   1 
ATOM   502  O O   . SER A 1 72 ? -7.178  6.970   -2.710  1.00 36.73 ? 72  SER A O   1 
ATOM   503  C CB  . SER A 1 72 ? -5.776  4.819   -0.671  1.00 52.60 ? 72  SER A CB  1 
ATOM   504  O OG  . SER A 1 72 ? -4.667  5.445   -0.046  1.00 54.13 ? 72  SER A OG  1 
ATOM   505  N N   . LYS A 1 73 ? -4.982  7.384   -2.390  1.00 36.71 ? 73  LYS A N   1 
ATOM   506  C CA  . LYS A 1 73 ? -5.141  8.797   -2.727  1.00 41.07 ? 73  LYS A CA  1 
ATOM   507  C C   . LYS A 1 73 ? -5.640  8.967   -4.147  1.00 45.65 ? 73  LYS A C   1 
ATOM   508  O O   . LYS A 1 73 ? -6.504  9.808   -4.396  1.00 41.22 ? 73  LYS A O   1 
ATOM   509  C CB  . LYS A 1 73 ? -3.827  9.549   -2.561  1.00 41.80 ? 73  LYS A CB  1 
ATOM   510  C CG  . LYS A 1 73 ? -3.579  9.989   -1.148  1.00 45.51 ? 73  LYS A CG  1 
ATOM   511  C CD  . LYS A 1 73 ? -2.223  10.626  -0.986  1.00 42.87 ? 73  LYS A CD  1 
ATOM   512  C CE  . LYS A 1 73 ? -2.042  11.051  0.461   1.00 45.64 ? 73  LYS A CE  1 
ATOM   513  N NZ  . LYS A 1 73 ? -3.042  12.101  0.813   1.00 46.35 ? 73  LYS A NZ  1 
ATOM   514  N N   . CYS A 1 74 ? -5.207  8.101   -5.061  1.00 33.00 ? 74  CYS A N   1 
ATOM   515  C CA  . CYS A 1 74 ? -5.701  8.174   -6.430  1.00 36.08 ? 74  CYS A CA  1 
ATOM   516  C C   . CYS A 1 74 ? -7.042  7.484   -6.629  1.00 40.79 ? 74  CYS A C   1 
ATOM   517  O O   . CYS A 1 74 ? -7.601  7.578   -7.727  1.00 38.59 ? 74  CYS A O   1 
ATOM   518  C CB  . CYS A 1 74 ? -4.672  7.546   -7.371  1.00 32.73 ? 74  CYS A CB  1 
ATOM   519  S SG  . CYS A 1 74 ? -3.179  8.465   -7.606  1.00 31.63 ? 74  CYS A SG  1 
ATOM   520  N N   . GLY A 1 75 ? -7.553  6.775   -5.618  1.00 37.97 ? 75  GLY A N   1 
ATOM   521  C CA  . GLY A 1 75 ? -8.778  6.016   -5.776  1.00 34.63 ? 75  GLY A CA  1 
ATOM   522  C C   . GLY A 1 75 ? -8.615  4.759   -6.606  1.00 48.86 ? 75  GLY A C   1 
ATOM   523  O O   . GLY A 1 75 ? -9.562  4.338   -7.270  1.00 51.50 ? 75  GLY A O   1 
ATOM   524  N N   . ILE A 1 76 ? -7.425  4.162   -6.607  1.00 44.12 ? 76  ILE A N   1 
ATOM   525  C CA  . ILE A 1 76 ? -7.147  2.971   -7.401  1.00 40.57 ? 76  ILE A CA  1 
ATOM   526  C C   . ILE A 1 76 ? -6.803  1.831   -6.462  1.00 36.88 ? 76  ILE A C   1 
ATOM   527  O O   . ILE A 1 76 ? -6.216  2.034   -5.397  1.00 36.92 ? 76  ILE A O   1 
ATOM   528  C CB  . ILE A 1 76 ? -5.988  3.167   -8.400  1.00 47.07 ? 76  ILE A CB  1 
ATOM   529  C CG1 . ILE A 1 76 ? -6.141  4.467   -9.168  1.00 50.46 ? 76  ILE A CG1 1 
ATOM   530  C CG2 . ILE A 1 76 ? -5.887  1.991   -9.374  1.00 56.12 ? 76  ILE A CG2 1 
ATOM   531  C CD1 . ILE A 1 76 ? -4.816  5.019   -9.544  1.00 50.60 ? 76  ILE A CD1 1 
ATOM   532  N N   . SER A 1 77 ? -7.171  0.625   -6.870  1.00 45.78 ? 77  SER A N   1 
ATOM   533  C CA  . SER A 1 77 ? -6.695  -0.600  -6.238  1.00 47.85 ? 77  SER A CA  1 
ATOM   534  C C   . SER A 1 77 ? -5.512  -1.126  -7.048  1.00 49.59 ? 77  SER A C   1 
ATOM   535  O O   . SER A 1 77 ? -5.679  -1.947  -7.954  1.00 58.05 ? 77  SER A O   1 
ATOM   536  C CB  . SER A 1 77 ? -7.823  -1.616  -6.167  1.00 49.47 ? 77  SER A CB  1 
ATOM   537  O OG  . SER A 1 77 ? -8.649  -1.461  -7.307  1.00 60.51 ? 77  SER A OG  1 
ATOM   538  N N   . LEU A 1 78 ? -4.310  -0.643  -6.733  1.00 38.27 ? 78  LEU A N   1 
ATOM   539  C CA  . LEU A 1 78 ? -3.114  -1.084  -7.447  1.00 30.96 ? 78  LEU A CA  1 
ATOM   540  C C   . LEU A 1 78 ? -2.775  -2.509  -7.004  1.00 32.50 ? 78  LEU A C   1 
ATOM   541  O O   . LEU A 1 78 ? -2.578  -2.758  -5.807  1.00 30.24 ? 78  LEU A O   1 
ATOM   542  C CB  . LEU A 1 78 ? -1.940  -0.151  -7.181  1.00 31.09 ? 78  LEU A CB  1 
ATOM   543  C CG  . LEU A 1 78 ? -0.649  -0.541  -7.903  1.00 35.98 ? 78  LEU A CG  1 
ATOM   544  C CD1 . LEU A 1 78 ? -0.853  -0.530  -9.414  1.00 29.87 ? 78  LEU A CD1 1 
ATOM   545  C CD2 . LEU A 1 78 ? 0.485   0.389   -7.502  1.00 31.89 ? 78  LEU A CD2 1 
ATOM   546  N N   . ASN A 1 79 ? -2.705  -3.442  -7.965  1.00 31.93 ? 79  ASN A N   1 
ATOM   547  C CA  . ASN A 1 79 ? -2.540  -4.867  -7.675  1.00 30.84 ? 79  ASN A CA  1 
ATOM   548  C C   . ASN A 1 79 ? -1.094  -5.275  -7.374  1.00 35.78 ? 79  ASN A C   1 
ATOM   549  O O   . ASN A 1 79 ? -0.818  -6.481  -7.311  1.00 30.22 ? 79  ASN A O   1 
ATOM   550  C CB  . ASN A 1 79 ? -3.134  -5.712  -8.817  1.00 33.42 ? 79  ASN A CB  1 
ATOM   551  C CG  . ASN A 1 79 ? -2.438  -5.496  -10.173 1.00 37.94 ? 79  ASN A CG  1 
ATOM   552  O OD1 . ASN A 1 79 ? -1.474  -4.741  -10.291 1.00 37.52 ? 79  ASN A OD1 1 
ATOM   553  N ND2 . ASN A 1 79 ? -2.923  -6.196  -11.197 1.00 45.73 ? 79  ASN A ND2 1 
ATOM   554  N N   . VAL A 1 80 ? -0.161  -4.327  -7.278  1.00 30.72 ? 80  VAL A N   1 
ATOM   555  C CA  . VAL A 1 80 ? 1.236   -4.599  -6.928  1.00 28.97 ? 80  VAL A CA  1 
ATOM   556  C C   . VAL A 1 80 ? 1.718   -3.577  -5.900  1.00 32.64 ? 80  VAL A C   1 
ATOM   557  O O   . VAL A 1 80 ? 1.374   -2.392  -6.007  1.00 37.54 ? 80  VAL A O   1 
ATOM   558  C CB  . VAL A 1 80 ? 2.157   -4.556  -8.158  1.00 31.34 ? 80  VAL A CB  1 
ATOM   559  C CG1 . VAL A 1 80 ? 1.868   -5.728  -9.073  1.00 36.76 ? 80  VAL A CG1 1 
ATOM   560  C CG2 . VAL A 1 80 ? 2.006   -3.253  -8.890  1.00 37.43 ? 80  VAL A CG2 1 
ATOM   561  N N   . PRO A 1 81 ? 2.456   -3.990  -4.874  1.00 28.74 ? 81  PRO A N   1 
ATOM   562  C CA  . PRO A 1 81 ? 3.022   -3.019  -3.923  1.00 29.89 ? 81  PRO A CA  1 
ATOM   563  C C   . PRO A 1 81 ? 4.085   -2.135  -4.573  1.00 34.78 ? 81  PRO A C   1 
ATOM   564  O O   . PRO A 1 81 ? 4.744   -2.533  -5.542  1.00 30.23 ? 81  PRO A O   1 
ATOM   565  C CB  . PRO A 1 81 ? 3.657   -3.898  -2.837  1.00 31.25 ? 81  PRO A CB  1 
ATOM   566  C CG  . PRO A 1 81 ? 3.588   -5.286  -3.314  1.00 34.58 ? 81  PRO A CG  1 
ATOM   567  C CD  . PRO A 1 81 ? 2.861   -5.377  -4.606  1.00 33.10 ? 81  PRO A CD  1 
ATOM   568  N N   . ILE A 1 82 ? 4.207   -0.904  -4.064  1.00 29.50 ? 82  ILE A N   1 
ATOM   569  C CA  . ILE A 1 82 ? 5.279   0.024   -4.432  1.00 30.10 ? 82  ILE A CA  1 
ATOM   570  C C   . ILE A 1 82 ? 6.269   0.084   -3.276  1.00 32.89 ? 82  ILE A C   1 
ATOM   571  O O   . ILE A 1 82 ? 5.950   0.643   -2.223  1.00 33.34 ? 82  ILE A O   1 
ATOM   572  C CB  . ILE A 1 82 ? 4.747   1.422   -4.766  1.00 34.25 ? 82  ILE A CB  1 
ATOM   573  C CG1 . ILE A 1 82 ? 3.745   1.374   -5.914  1.00 35.30 ? 82  ILE A CG1 1 
ATOM   574  C CG2 . ILE A 1 82 ? 5.901   2.350   -5.119  1.00 29.40 ? 82  ILE A CG2 1 
ATOM   575  C CD1 . ILE A 1 82 ? 2.944   2.639   -6.033  1.00 33.24 ? 82  ILE A CD1 1 
ATOM   576  N N   . SER A 1 83 ? 7.469   -0.482  -3.432  1.00 29.25 ? 83  SER A N   1 
ATOM   577  C CA  . SER A 1 83 ? 8.373   -0.571  -2.288  1.00 33.21 ? 83  SER A CA  1 
ATOM   578  C C   . SER A 1 83 ? 9.835   -0.629  -2.714  1.00 34.40 ? 83  SER A C   1 
ATOM   579  O O   . SER A 1 83 ? 10.176  -1.269  -3.710  1.00 34.03 ? 83  SER A O   1 
ATOM   580  C CB  . SER A 1 83 ? 8.040   -1.808  -1.442  1.00 30.48 ? 83  SER A CB  1 
ATOM   581  O OG  . SER A 1 83 ? 9.079   -2.123  -0.535  1.00 33.68 ? 83  SER A OG  1 
ATOM   582  N N   . ARG A 1 84 ? 10.703  0.017   -1.927  1.00 30.78 ? 84  ARG A N   1 
ATOM   583  C CA  . ARG A 1 84 ? 12.139  -0.099  -2.141  1.00 34.90 ? 84  ARG A CA  1 
ATOM   584  C C   . ARG A 1 84 ? 12.709  -1.437  -1.685  1.00 36.10 ? 84  ARG A C   1 
ATOM   585  O O   . ARG A 1 84 ? 13.801  -1.810  -2.129  1.00 33.63 ? 84  ARG A O   1 
ATOM   586  C CB  . ARG A 1 84 ? 12.892  1.011   -1.398  1.00 37.32 ? 84  ARG A CB  1 
ATOM   587  C CG  . ARG A 1 84 ? 12.619  2.414   -1.901  1.00 39.80 ? 84  ARG A CG  1 
ATOM   588  C CD  . ARG A 1 84 ? 13.578  3.431   -1.277  1.00 45.80 ? 84  ARG A CD  1 
ATOM   589  N NE  . ARG A 1 84 ? 13.426  3.538   0.169   1.00 50.58 ? 84  ARG A NE  1 
ATOM   590  C CZ  . ARG A 1 84 ? 14.268  4.207   0.959   1.00 68.66 ? 84  ARG A CZ  1 
ATOM   591  N NH1 . ARG A 1 84 ? 15.330  4.829   0.441   1.00 59.47 ? 84  ARG A NH1 1 
ATOM   592  N NH2 . ARG A 1 84 ? 14.053  4.253   2.270   1.00 60.39 ? 84  ARG A NH2 1 
ATOM   593  N N   . THR A 1 85 ? 12.023  -2.157  -0.800  1.00 33.47 ? 85  THR A N   1 
ATOM   594  C CA  . THR A 1 85 ? 12.618  -3.321  -0.160  1.00 36.80 ? 85  THR A CA  1 
ATOM   595  C C   . THR A 1 85 ? 11.855  -4.614  -0.369  1.00 35.46 ? 85  THR A C   1 
ATOM   596  O O   . THR A 1 85 ? 12.326  -5.664  0.074   1.00 32.53 ? 85  THR A O   1 
ATOM   597  C CB  . THR A 1 85 ? 12.754  -3.079  1.347   1.00 37.51 ? 85  THR A CB  1 
ATOM   598  O OG1 . THR A 1 85 ? 11.467  -2.750  1.901   1.00 38.37 ? 85  THR A OG1 1 
ATOM   599  C CG2 . THR A 1 85 ? 13.723  -1.951  1.596   1.00 39.58 ? 85  THR A CG2 1 
ATOM   600  N N   . ILE A 1 86 ? 10.691  -4.580  -1.014  1.00 35.42 ? 86  ILE A N   1 
ATOM   601  C CA  . ILE A 1 86 ? 9.866   -5.779  -1.082  1.00 34.29 ? 86  ILE A CA  1 
ATOM   602  C C   . ILE A 1 86 ? 10.589  -6.911  -1.814  1.00 37.37 ? 86  ILE A C   1 
ATOM   603  O O   . ILE A 1 86 ? 11.281  -6.691  -2.816  1.00 34.72 ? 86  ILE A O   1 
ATOM   604  C CB  . ILE A 1 86 ? 8.519   -5.460  -1.748  1.00 31.92 ? 86  ILE A CB  1 
ATOM   605  C CG1 . ILE A 1 86 ? 7.686   -6.738  -1.809  1.00 37.93 ? 86  ILE A CG1 1 
ATOM   606  C CG2 . ILE A 1 86 ? 8.728   -4.844  -3.147  1.00 34.50 ? 86  ILE A CG2 1 
ATOM   607  C CD1 . ILE A 1 86 ? 6.271   -6.566  -1.477  1.00 32.07 ? 86  ILE A CD1 1 
ATOM   608  N N   . ASN A 1 87 ? 10.452  -8.131  -1.291  1.00 29.71 ? 87  ASN A N   1 
ATOM   609  C CA  . ASN A 1 87 ? 10.829  -9.325  -2.048  1.00 33.99 ? 87  ASN A CA  1 
ATOM   610  C C   . ASN A 1 87 ? 9.672   -9.654  -2.977  1.00 36.41 ? 87  ASN A C   1 
ATOM   611  O O   . ASN A 1 87 ? 8.632   -10.177 -2.548  1.00 27.16 ? 87  ASN A O   1 
ATOM   612  C CB  . ASN A 1 87 ? 11.144  -10.507 -1.136  1.00 30.24 ? 87  ASN A CB  1 
ATOM   613  C CG  . ASN A 1 87 ? 11.526  -11.767 -1.921  1.00 34.22 ? 87  ASN A CG  1 
ATOM   614  O OD1 . ASN A 1 87 ? 11.490  -11.787 -3.155  1.00 33.99 ? 87  ASN A OD1 1 
ATOM   615  N ND2 . ASN A 1 87 ? 11.875  -12.825 -1.204  1.00 33.91 ? 87  ASN A ND2 1 
ATOM   616  N N   . CYS A 1 88 ? 9.852   -9.351  -4.265  1.00 28.45 ? 88  CYS A N   1 
ATOM   617  C CA  . CYS A 1 88 ? 8.748   -9.487  -5.204  1.00 28.92 ? 88  CYS A CA  1 
ATOM   618  C C   . CYS A 1 88 ? 8.317   -10.937 -5.405  1.00 30.90 ? 88  CYS A C   1 
ATOM   619  O O   . CYS A 1 88 ? 7.213   -11.165 -5.897  1.00 27.63 ? 88  CYS A O   1 
ATOM   620  C CB  . CYS A 1 88 ? 9.122   -8.851  -6.552  1.00 28.23 ? 88  CYS A CB  1 
ATOM   621  S SG  . CYS A 1 88 ? 9.218   -7.034  -6.511  1.00 28.83 ? 88  CYS A SG  1 
ATOM   622  N N   . ASP A 1 89 ? 9.135   -11.924 -5.023  1.00 30.81 ? 89  ASP A N   1 
ATOM   623  C CA  . ASP A 1 89 ? 8.688   -13.321 -5.103  1.00 30.46 ? 89  ASP A CA  1 
ATOM   624  C C   . ASP A 1 89 ? 7.468   -13.590 -4.225  1.00 28.95 ? 89  ASP A C   1 
ATOM   625  O O   . ASP A 1 89 ? 6.712   -14.527 -4.491  1.00 31.89 ? 89  ASP A O   1 
ATOM   626  C CB  . ASP A 1 89 ? 9.812   -14.287 -4.693  1.00 34.72 ? 89  ASP A CB  1 
ATOM   627  C CG  . ASP A 1 89 ? 11.009  -14.240 -5.631  1.00 39.03 ? 89  ASP A CG  1 
ATOM   628  O OD1 . ASP A 1 89 ? 10.872  -13.803 -6.797  1.00 34.90 ? 89  ASP A OD1 1 
ATOM   629  O OD2 . ASP A 1 89 ? 12.106  -14.645 -5.188  1.00 39.46 ? 89  ASP A OD2 1 
ATOM   630  N N   . THR A 1 90 ? 7.256   -12.791 -3.187  1.00 32.05 ? 90  THR A N   1 
ATOM   631  C CA  . THR A 1 90 ? 6.173   -13.036 -2.242  1.00 31.25 ? 90  THR A CA  1 
ATOM   632  C C   . THR A 1 90 ? 4.808   -12.506 -2.684  1.00 37.10 ? 90  THR A C   1 
ATOM   633  O O   . THR A 1 90 ? 3.813   -12.814 -2.023  1.00 34.64 ? 90  THR A O   1 
ATOM   634  C CB  . THR A 1 90 ? 6.557   -12.431 -0.883  1.00 31.45 ? 90  THR A CB  1 
ATOM   635  O OG1 . THR A 1 90 ? 6.570   -10.994 -0.968  1.00 34.95 ? 90  THR A OG1 1 
ATOM   636  C CG2 . THR A 1 90 ? 7.930   -12.919 -0.460  1.00 34.91 ? 90  THR A CG2 1 
ATOM   637  N N   . ILE A 1 91 ? 4.706   -11.760 -3.788  1.00 31.51 ? 91  ILE A N   1 
ATOM   638  C CA  . ILE A 1 91 ? 3.435   -11.143 -4.160  1.00 30.80 ? 91  ILE A CA  1 
ATOM   639  C C   . ILE A 1 91 ? 2.640   -12.121 -5.015  1.00 35.47 ? 91  ILE A C   1 
ATOM   640  O O   . ILE A 1 91 ? 3.180   -13.061 -5.605  1.00 35.85 ? 91  ILE A O   1 
ATOM   641  C CB  . ILE A 1 91 ? 3.618   -9.799  -4.908  1.00 28.40 ? 91  ILE A CB  1 
ATOM   642  C CG1 . ILE A 1 91 ? 4.185   -10.058 -6.304  1.00 33.12 ? 91  ILE A CG1 1 
ATOM   643  C CG2 . ILE A 1 91 ? 4.518   -8.827  -4.115  1.00 29.98 ? 91  ILE A CG2 1 
ATOM   644  C CD1 . ILE A 1 91 ? 4.105   -8.862  -7.236  1.00 37.85 ? 91  ILE A CD1 1 
ATOM   645  N N   . SER A 1 92 ? 1.337   -11.893 -5.099  1.00 34.07 ? 92  SER A N   1 
ATOM   646  C CA  . SER A 1 92 ? 0.476   -12.856 -5.792  1.00 40.65 ? 92  SER A CA  1 
ATOM   647  C C   . SER A 1 92 ? -0.084  -12.351 -7.129  1.00 39.68 ? 92  SER A C   1 
ATOM   648  O O   . SER A 1 92 ? -0.567  -13.164 -7.951  1.00 30.88 ? 92  SER A O   1 
ATOM   649  C CB  . SER A 1 92 ? -0.669  -13.264 -4.867  1.00 43.52 ? 92  SER A CB  1 
ATOM   650  O OG  . SER A 1 92 ? -1.360  -12.119 -4.411  1.00 43.57 ? 92  SER A OG  1 
ATOM   651  N N   . VAL B 1 2  ? -15.167 5.580   14.526  1.00 49.88 ? 2   VAL B N   1 
ATOM   652  C CA  . VAL B 1 2  ? -13.976 4.730   14.572  1.00 45.22 ? 2   VAL B CA  1 
ATOM   653  C C   . VAL B 1 2  ? -13.260 4.818   15.937  1.00 44.99 ? 2   VAL B C   1 
ATOM   654  O O   . VAL B 1 2  ? -12.942 5.911   16.391  1.00 43.21 ? 2   VAL B O   1 
ATOM   655  C CB  . VAL B 1 2  ? -13.004 5.130   13.449  1.00 50.43 ? 2   VAL B CB  1 
ATOM   656  C CG1 . VAL B 1 2  ? -11.595 4.550   13.708  1.00 47.74 ? 2   VAL B CG1 1 
ATOM   657  C CG2 . VAL B 1 2  ? -13.550 4.733   12.092  1.00 56.09 ? 2   VAL B CG2 1 
ATOM   658  N N   . THR B 1 3  ? -12.974 3.690   16.587  1.00 35.81 ? 3   THR B N   1 
ATOM   659  C CA  . THR B 1 3  ? -12.122 3.706   17.774  1.00 39.50 ? 3   THR B CA  1 
ATOM   660  C C   . THR B 1 3  ? -10.946 2.761   17.576  1.00 39.02 ? 3   THR B C   1 
ATOM   661  O O   . THR B 1 3  ? -10.965 1.879   16.712  1.00 37.50 ? 3   THR B O   1 
ATOM   662  C CB  . THR B 1 3  ? -12.873 3.319   19.050  1.00 41.51 ? 3   THR B CB  1 
ATOM   663  O OG1 . THR B 1 3  ? -13.153 1.916   19.028  1.00 38.06 ? 3   THR B OG1 1 
ATOM   664  C CG2 . THR B 1 3  ? -14.177 4.115   19.186  1.00 36.01 ? 3   THR B CG2 1 
ATOM   665  N N   . CYS B 1 4  ? -9.904  2.961   18.381  1.00 33.08 ? 4   CYS B N   1 
ATOM   666  C CA  . CYS B 1 4  ? -8.745  2.081   18.282  1.00 32.93 ? 4   CYS B CA  1 
ATOM   667  C C   . CYS B 1 4  ? -9.077  0.652   18.695  1.00 43.54 ? 4   CYS B C   1 
ATOM   668  O O   . CYS B 1 4  ? -8.438  -0.288  18.213  1.00 35.28 ? 4   CYS B O   1 
ATOM   669  C CB  . CYS B 1 4  ? -7.581  2.625   19.116  1.00 33.36 ? 4   CYS B CB  1 
ATOM   670  S SG  . CYS B 1 4  ? -6.761  4.111   18.406  1.00 35.30 ? 4   CYS B SG  1 
ATOM   671  N N   . GLY B 1 5  ? -10.055 0.455   19.581  1.00 42.61 ? 5   GLY B N   1 
ATOM   672  C CA  . GLY B 1 5  ? -10.448 -0.905  19.928  1.00 40.68 ? 5   GLY B CA  1 
ATOM   673  C C   . GLY B 1 5  ? -11.055 -1.651  18.754  1.00 37.87 ? 5   GLY B C   1 
ATOM   674  O O   . GLY B 1 5  ? -10.736 -2.821  18.511  1.00 41.83 ? 5   GLY B O   1 
ATOM   675  N N   . GLN B 1 6  ? -11.913 -0.974  17.984  1.00 41.35 ? 6   GLN B N   1 
ATOM   676  C CA  . GLN B 1 6  ? -12.464 -1.594  16.782  1.00 44.40 ? 6   GLN B CA  1 
ATOM   677  C C   . GLN B 1 6  ? -11.376 -1.887  15.761  1.00 47.46 ? 6   GLN B C   1 
ATOM   678  O O   . GLN B 1 6  ? -11.368 -2.962  15.159  1.00 41.49 ? 6   GLN B O   1 
ATOM   679  C CB  . GLN B 1 6  ? -13.525 -0.706  16.142  1.00 43.88 ? 6   GLN B CB  1 
ATOM   680  C CG  . GLN B 1 6  ? -14.913 -0.907  16.696  1.00 64.41 ? 6   GLN B CG  1 
ATOM   681  C CD  . GLN B 1 6  ? -15.777 0.306   16.467  1.00 72.14 ? 6   GLN B CD  1 
ATOM   682  O OE1 . GLN B 1 6  ? -15.909 1.167   17.344  1.00 69.43 ? 6   GLN B OE1 1 
ATOM   683  N NE2 . GLN B 1 6  ? -16.379 0.385   15.280  1.00 64.36 ? 6   GLN B NE2 1 
ATOM   684  N N   . VAL B 1 7  ? -10.470 -0.934  15.538  1.00 38.03 ? 7   VAL B N   1 
ATOM   685  C CA  . VAL B 1 7  ? -9.349  -1.159  14.628  1.00 35.74 ? 7   VAL B CA  1 
ATOM   686  C C   . VAL B 1 7  ? -8.556  -2.390  15.067  1.00 36.14 ? 7   VAL B C   1 
ATOM   687  O O   . VAL B 1 7  ? -8.228  -3.264  14.252  1.00 34.11 ? 7   VAL B O   1 
ATOM   688  C CB  . VAL B 1 7  ? -8.466  0.104   14.547  1.00 32.38 ? 7   VAL B CB  1 
ATOM   689  C CG1 . VAL B 1 7  ? -7.155  -0.193  13.817  1.00 32.75 ? 7   VAL B CG1 1 
ATOM   690  C CG2 . VAL B 1 7  ? -9.201  1.244   13.869  1.00 31.52 ? 7   VAL B CG2 1 
ATOM   691  N N   . ASP B 1 8  ? -8.244  -2.482  16.371  1.00 34.55 ? 8   ASP B N   1 
ATOM   692  C CA  . ASP B 1 8  ? -7.497  -3.628  16.879  1.00 34.68 ? 8   ASP B CA  1 
ATOM   693  C C   . ASP B 1 8  ? -8.225  -4.924  16.565  1.00 41.00 ? 8   ASP B C   1 
ATOM   694  O O   . ASP B 1 8  ? -7.603  -5.931  16.189  1.00 41.04 ? 8   ASP B O   1 
ATOM   695  C CB  . ASP B 1 8  ? -7.285  -3.512  18.388  1.00 39.60 ? 8   ASP B CB  1 
ATOM   696  C CG  . ASP B 1 8  ? -6.321  -2.401  18.773  1.00 48.55 ? 8   ASP B CG  1 
ATOM   697  O OD1 . ASP B 1 8  ? -5.625  -1.839  17.887  1.00 39.09 ? 8   ASP B OD1 1 
ATOM   698  O OD2 . ASP B 1 8  ? -6.257  -2.105  19.985  1.00 41.00 ? 8   ASP B OD2 1 
ATOM   699  N N   . ALA B 1 9  ? -9.547  -4.913  16.737  1.00 44.55 ? 9   ALA B N   1 
ATOM   700  C CA  . ALA B 1 9  ? -10.356 -6.092  16.457  1.00 50.16 ? 9   ALA B CA  1 
ATOM   701  C C   . ALA B 1 9  ? -10.331 -6.437  14.973  1.00 41.71 ? 9   ALA B C   1 
ATOM   702  O O   . ALA B 1 9  ? -10.234 -7.613  14.604  1.00 42.33 ? 9   ALA B O   1 
ATOM   703  C CB  . ALA B 1 9  ? -11.794 -5.851  16.927  1.00 35.71 ? 9   ALA B CB  1 
ATOM   704  N N   . ASN B 1 10 ? -10.418 -5.426  14.109  1.00 42.11 ? 10  ASN B N   1 
ATOM   705  C CA  . ASN B 1 10 ? -10.435 -5.683  12.672  1.00 38.77 ? 10  ASN B CA  1 
ATOM   706  C C   . ASN B 1 10 ? -9.115  -6.289  12.219  1.00 46.72 ? 10  ASN B C   1 
ATOM   707  O O   . ASN B 1 10 ? -9.086  -7.142  11.326  1.00 46.15 ? 10  ASN B O   1 
ATOM   708  C CB  . ASN B 1 10 ? -10.672 -4.390  11.897  1.00 38.73 ? 10  ASN B CB  1 
ATOM   709  C CG  . ASN B 1 10 ? -12.078 -3.857  12.050  1.00 49.03 ? 10  ASN B CG  1 
ATOM   710  O OD1 . ASN B 1 10 ? -13.041 -4.612  12.148  1.00 55.57 ? 10  ASN B OD1 1 
ATOM   711  N ND2 . ASN B 1 10 ? -12.206 -2.536  12.009  1.00 38.32 ? 10  ASN B ND2 1 
ATOM   712  N N   . LEU B 1 11 ? -8.013  -5.863  12.829  1.00 40.26 ? 11  LEU B N   1 
ATOM   713  C CA  . LEU B 1 11 ? -6.683  -6.297  12.411  1.00 41.29 ? 11  LEU B CA  1 
ATOM   714  C C   . LEU B 1 11 ? -6.197  -7.561  13.108  1.00 43.68 ? 11  LEU B C   1 
ATOM   715  O O   . LEU B 1 11 ? -5.209  -8.155  12.654  1.00 36.22 ? 11  LEU B O   1 
ATOM   716  C CB  . LEU B 1 11 ? -5.679  -5.173  12.665  1.00 38.73 ? 11  LEU B CB  1 
ATOM   717  C CG  . LEU B 1 11 ? -5.717  -4.021  11.669  1.00 39.61 ? 11  LEU B CG  1 
ATOM   718  C CD1 . LEU B 1 11 ? -4.668  -2.974  12.061  1.00 42.31 ? 11  LEU B CD1 1 
ATOM   719  C CD2 . LEU B 1 11 ? -5.442  -4.539  10.270  1.00 41.88 ? 11  LEU B CD2 1 
ATOM   720  N N   . ALA B 1 12 ? -6.855  -7.979  14.196  1.00 41.84 ? 12  ALA B N   1 
ATOM   721  C CA  . ALA B 1 12 ? -6.417  -9.160  14.939  1.00 39.57 ? 12  ALA B CA  1 
ATOM   722  C C   . ALA B 1 12 ? -6.177  -10.405 14.085  1.00 32.47 ? 12  ALA B C   1 
ATOM   723  O O   . ALA B 1 12 ? -5.130  -11.046 14.261  1.00 35.67 ? 12  ALA B O   1 
ATOM   724  C CB  . ALA B 1 12 ? -7.432  -9.465  16.055  1.00 43.62 ? 12  ALA B CB  1 
ATOM   725  N N   . PRO B 1 13 ? -7.077  -10.828 13.193  1.00 36.68 ? 13  PRO B N   1 
ATOM   726  C CA  . PRO B 1 13 ? -6.775  -12.025 12.387  1.00 46.14 ? 13  PRO B CA  1 
ATOM   727  C C   . PRO B 1 13 ? -5.627  -11.831 11.402  1.00 44.99 ? 13  PRO B C   1 
ATOM   728  O O   . PRO B 1 13 ? -5.185  -12.821 10.809  1.00 35.46 ? 13  PRO B O   1 
ATOM   729  C CB  . PRO B 1 13 ? -8.093  -12.313 11.651  1.00 46.39 ? 13  PRO B CB  1 
ATOM   730  C CG  . PRO B 1 13 ? -8.890  -11.085 11.734  1.00 47.24 ? 13  PRO B CG  1 
ATOM   731  C CD  . PRO B 1 13 ? -8.422  -10.291 12.905  1.00 36.97 ? 13  PRO B CD  1 
ATOM   732  N N   . CYS B 1 14 ? -5.151  -10.602 11.192  1.00 36.46 ? 14  CYS B N   1 
ATOM   733  C CA  . CYS B 1 14 ? -4.026  -10.336 10.305  1.00 37.23 ? 14  CYS B CA  1 
ATOM   734  C C   . CYS B 1 14 ? -2.676  -10.476 10.985  1.00 33.75 ? 14  CYS B C   1 
ATOM   735  O O   . CYS B 1 14 ? -1.655  -10.500 10.293  1.00 33.09 ? 14  CYS B O   1 
ATOM   736  C CB  . CYS B 1 14 ? -4.128  -8.926  9.716   1.00 31.20 ? 14  CYS B CB  1 
ATOM   737  S SG  . CYS B 1 14 ? -5.602  -8.633  8.784   1.00 37.98 ? 14  CYS B SG  1 
ATOM   738  N N   . VAL B 1 15 ? -2.637  -10.589 12.316  1.00 30.16 ? 15  VAL B N   1 
ATOM   739  C CA  . VAL B 1 15 ? -1.349  -10.596 13.017  1.00 35.38 ? 15  VAL B CA  1 
ATOM   740  C C   . VAL B 1 15 ? -0.451  -11.729 12.543  1.00 34.03 ? 15  VAL B C   1 
ATOM   741  O O   . VAL B 1 15 ? 0.757   -11.498 12.370  1.00 33.84 ? 15  VAL B O   1 
ATOM   742  C CB  . VAL B 1 15 ? -1.567  -10.589 14.536  1.00 35.05 ? 15  VAL B CB  1 
ATOM   743  C CG1 . VAL B 1 15 ? -0.248  -10.818 15.263  1.00 36.30 ? 15  VAL B CG1 1 
ATOM   744  C CG2 . VAL B 1 15 ? -2.184  -9.260  14.969  1.00 43.13 ? 15  VAL B CG2 1 
ATOM   745  N N   . PRO B 1 16 ? -0.933  -12.964 12.335  1.00 37.52 ? 16  PRO B N   1 
ATOM   746  C CA  . PRO B 1 16 ? -0.018  -13.991 11.792  1.00 37.05 ? 16  PRO B CA  1 
ATOM   747  C C   . PRO B 1 16 ? 0.603   -13.584 10.458  1.00 29.13 ? 16  PRO B C   1 
ATOM   748  O O   . PRO B 1 16 ? 1.828   -13.655 10.296  1.00 34.87 ? 16  PRO B O   1 
ATOM   749  C CB  . PRO B 1 16 ? -0.920  -15.233 11.677  1.00 38.40 ? 16  PRO B CB  1 
ATOM   750  C CG  . PRO B 1 16 ? -1.986  -15.015 12.736  1.00 42.77 ? 16  PRO B CG  1 
ATOM   751  C CD  . PRO B 1 16 ? -2.252  -13.530 12.685  1.00 33.63 ? 16  PRO B CD  1 
ATOM   752  N N   . PHE B 1 17 ? -0.211  -13.151 9.496   1.00 33.00 ? 17  PHE B N   1 
ATOM   753  C CA  . PHE B 1 17 ? 0.347   -12.724 8.217   1.00 28.81 ? 17  PHE B CA  1 
ATOM   754  C C   . PHE B 1 17 ? 1.293   -11.541 8.394   1.00 29.92 ? 17  PHE B C   1 
ATOM   755  O O   . PHE B 1 17 ? 2.401   -11.530 7.835   1.00 29.01 ? 17  PHE B O   1 
ATOM   756  C CB  . PHE B 1 17 ? -0.779  -12.387 7.245   1.00 29.77 ? 17  PHE B CB  1 
ATOM   757  C CG  . PHE B 1 17 ? -0.314  -11.669 6.011   1.00 33.88 ? 17  PHE B CG  1 
ATOM   758  C CD1 . PHE B 1 17 ? 0.474   -12.327 5.068   1.00 32.75 ? 17  PHE B CD1 1 
ATOM   759  C CD2 . PHE B 1 17 ? -0.675  -10.343 5.783   1.00 28.21 ? 17  PHE B CD2 1 
ATOM   760  C CE1 . PHE B 1 17 ? 0.909   -11.673 3.916   1.00 31.40 ? 17  PHE B CE1 1 
ATOM   761  C CE2 . PHE B 1 17 ? -0.254  -9.687  4.636   1.00 25.39 ? 17  PHE B CE2 1 
ATOM   762  C CZ  . PHE B 1 17 ? 0.544   -10.351 3.703   1.00 29.76 ? 17  PHE B CZ  1 
ATOM   763  N N   . LEU B 1 18 ? 0.906   -10.563 9.224   1.00 28.04 ? 18  LEU B N   1 
ATOM   764  C CA  . LEU B 1 18 ? 1.724   -9.362  9.360   1.00 30.91 ? 18  LEU B CA  1 
ATOM   765  C C   . LEU B 1 18 ? 3.055   -9.642  10.061  1.00 36.18 ? 18  LEU B C   1 
ATOM   766  O O   . LEU B 1 18 ? 4.025   -8.901  9.848   1.00 35.87 ? 18  LEU B O   1 
ATOM   767  C CB  . LEU B 1 18 ? 0.931   -8.284  10.112  1.00 31.55 ? 18  LEU B CB  1 
ATOM   768  C CG  . LEU B 1 18 ? -0.254  -7.684  9.343   1.00 30.44 ? 18  LEU B CG  1 
ATOM   769  C CD1 . LEU B 1 18 ? -1.109  -6.800  10.257  1.00 30.66 ? 18  LEU B CD1 1 
ATOM   770  C CD2 . LEU B 1 18 ? 0.220   -6.906  8.111   1.00 29.06 ? 18  LEU B CD2 1 
ATOM   771  N N   . THR B 1 19 ? 3.134   -10.691 10.884  1.00 33.63 ? 19  THR B N   1 
ATOM   772  C CA  . THR B 1 19 ? 4.369   -10.978 11.605  1.00 34.76 ? 19  THR B CA  1 
ATOM   773  C C   . THR B 1 19 ? 5.178   -12.131 11.017  1.00 39.38 ? 19  THR B C   1 
ATOM   774  O O   . THR B 1 19 ? 6.377   -12.231 11.298  1.00 37.24 ? 19  THR B O   1 
ATOM   775  C CB  . THR B 1 19 ? 4.060   -11.282 13.079  1.00 37.81 ? 19  THR B CB  1 
ATOM   776  O OG1 . THR B 1 19 ? 3.091   -12.332 13.168  1.00 35.33 ? 19  THR B OG1 1 
ATOM   777  C CG2 . THR B 1 19 ? 3.506   -10.056 13.763  1.00 40.47 ? 19  THR B CG2 1 
ATOM   778  N N   . GLN B 1 20 ? 4.578   -12.974 10.180  1.00 38.79 ? 20  GLN B N   1 
ATOM   779  C CA  . GLN B 1 20 ? 5.251   -14.163 9.664   1.00 39.40 ? 20  GLN B CA  1 
ATOM   780  C C   . GLN B 1 20 ? 5.239   -14.287 8.148   1.00 41.81 ? 20  GLN B C   1 
ATOM   781  O O   . GLN B 1 20 ? 5.885   -15.198 7.620   1.00 40.20 ? 20  GLN B O   1 
ATOM   782  C CB  . GLN B 1 20 ? 4.615   -15.426 10.258  1.00 39.90 ? 20  GLN B CB  1 
ATOM   783  C CG  . GLN B 1 20 ? 4.789   -15.531 11.755  1.00 47.65 ? 20  GLN B CG  1 
ATOM   784  C CD  . GLN B 1 20 ? 3.980   -16.655 12.351  1.00 58.80 ? 20  GLN B CD  1 
ATOM   785  O OE1 . GLN B 1 20 ? 2.970   -17.077 11.782  1.00 63.99 ? 20  GLN B OE1 1 
ATOM   786  N NE2 . GLN B 1 20 ? 4.411   -17.145 13.511  1.00 62.91 ? 20  GLN B NE2 1 
ATOM   787  N N   . GLY B 1 21 ? 4.544   -13.415 7.437   1.00 38.10 ? 21  GLY B N   1 
ATOM   788  C CA  . GLY B 1 21 ? 4.433   -13.537 5.999   1.00 38.85 ? 21  GLY B CA  1 
ATOM   789  C C   . GLY B 1 21 ? 3.445   -14.610 5.572   1.00 33.51 ? 21  GLY B C   1 
ATOM   790  O O   . GLY B 1 21 ? 2.632   -15.117 6.353   1.00 40.34 ? 21  GLY B O   1 
ATOM   791  N N   . GLY B 1 22 ? 3.528   -14.959 4.295   1.00 35.81 ? 22  GLY B N   1 
ATOM   792  C CA  . GLY B 1 22 ? 2.593   -15.897 3.702   1.00 36.24 ? 22  GLY B CA  1 
ATOM   793  C C   . GLY B 1 22 ? 1.478   -15.165 2.982   1.00 30.66 ? 22  GLY B C   1 
ATOM   794  O O   . GLY B 1 22 ? 1.736   -14.312 2.131   1.00 31.16 ? 22  GLY B O   1 
ATOM   795  N N   . GLU B 1 23 ? 0.240   -15.494 3.329   1.00 31.46 ? 23  GLU B N   1 
ATOM   796  C CA  . GLU B 1 23 ? -0.964  -14.898 2.774   1.00 33.45 ? 23  GLU B CA  1 
ATOM   797  C C   . GLU B 1 23 ? -1.851  -14.408 3.913   1.00 34.86 ? 23  GLU B C   1 
ATOM   798  O O   . GLU B 1 23 ? -1.891  -15.039 4.970   1.00 28.32 ? 23  GLU B O   1 
ATOM   799  C CB  . GLU B 1 23 ? -1.731  -15.923 1.925   1.00 30.68 ? 23  GLU B CB  1 
ATOM   800  C CG  . GLU B 1 23 ? -0.850  -16.580 0.853   1.00 31.93 ? 23  GLU B CG  1 
ATOM   801  C CD  . GLU B 1 23 ? -0.239  -15.577 -0.116  1.00 35.41 ? 23  GLU B CD  1 
ATOM   802  O OE1 . GLU B 1 23 ? -0.878  -14.559 -0.456  1.00 33.56 ? 23  GLU B OE1 1 
ATOM   803  O OE2 . GLU B 1 23 ? 0.912   -15.814 -0.530  1.00 37.02 ? 23  GLU B OE2 1 
ATOM   804  N N   . PRO B 1 24 ? -2.609  -13.312 3.725   1.00 29.01 ? 24  PRO B N   1 
ATOM   805  C CA  . PRO B 1 24 ? -3.458  -12.837 4.834   1.00 34.23 ? 24  PRO B CA  1 
ATOM   806  C C   . PRO B 1 24 ? -4.560  -13.818 5.215   1.00 44.48 ? 24  PRO B C   1 
ATOM   807  O O   . PRO B 1 24 ? -4.757  -14.125 6.397   1.00 39.43 ? 24  PRO B O   1 
ATOM   808  C CB  . PRO B 1 24 ? -4.034  -11.512 4.305   1.00 29.89 ? 24  PRO B CB  1 
ATOM   809  C CG  . PRO B 1 24 ? -3.951  -11.610 2.799   1.00 31.39 ? 24  PRO B CG  1 
ATOM   810  C CD  . PRO B 1 24 ? -2.734  -12.469 2.515   1.00 28.27 ? 24  PRO B CD  1 
ATOM   811  N N   . GLY B 1 25 ? -5.259  -14.346 4.225   1.00 40.56 ? 25  GLY B N   1 
ATOM   812  C CA  . GLY B 1 25 ? -6.359  -15.247 4.484   1.00 43.92 ? 25  GLY B CA  1 
ATOM   813  C C   . GLY B 1 25 ? -7.676  -14.502 4.601   1.00 50.14 ? 25  GLY B C   1 
ATOM   814  O O   . GLY B 1 25 ? -7.733  -13.290 4.829   1.00 34.98 ? 25  GLY B O   1 
ATOM   815  N N   . ALA B 1 26 ? -8.758  -15.286 4.528   1.00 47.70 ? 26  ALA B N   1 
ATOM   816  C CA  . ALA B 1 26 ? -10.101 -14.727 4.383   1.00 48.71 ? 26  ALA B CA  1 
ATOM   817  C C   . ALA B 1 26 ? -10.495 -13.844 5.563   1.00 42.97 ? 26  ALA B C   1 
ATOM   818  O O   . ALA B 1 26 ? -11.024 -12.741 5.374   1.00 40.53 ? 26  ALA B O   1 
ATOM   819  C CB  . ALA B 1 26 ? -11.102 -15.868 4.213   1.00 48.07 ? 26  ALA B CB  1 
ATOM   820  N N   . ALA B 1 27 ? -10.233 -14.310 6.785   1.00 36.88 ? 27  ALA B N   1 
ATOM   821  C CA  . ALA B 1 27 ? -10.647 -13.569 7.968   1.00 41.98 ? 27  ALA B CA  1 
ATOM   822  C C   . ALA B 1 27 ? -9.925  -12.235 8.054   1.00 45.49 ? 27  ALA B C   1 
ATOM   823  O O   . ALA B 1 27 ? -10.549 -11.191 8.310   1.00 38.97 ? 27  ALA B O   1 
ATOM   824  C CB  . ALA B 1 27 ? -10.378 -14.408 9.219   1.00 38.45 ? 27  ALA B CB  1 
ATOM   825  N N   . CYS B 1 28 ? -8.619  -12.247 7.778   1.00 42.66 ? 28  CYS B N   1 
ATOM   826  C CA  . CYS B 1 28 ? -7.852  -11.011 7.772   1.00 37.54 ? 28  CYS B CA  1 
ATOM   827  C C   . CYS B 1 28 ? -8.403  -10.045 6.736   1.00 39.37 ? 28  CYS B C   1 
ATOM   828  O O   . CYS B 1 28 ? -8.626  -8.868  7.035   1.00 36.63 ? 28  CYS B O   1 
ATOM   829  C CB  . CYS B 1 28 ? -6.377  -11.314 7.516   1.00 39.80 ? 28  CYS B CB  1 
ATOM   830  S SG  . CYS B 1 28 ? -5.405  -9.841  7.112   1.00 36.19 ? 28  CYS B SG  1 
ATOM   831  N N   . CYS B 1 29 ? -8.650  -10.524 5.508   1.00 33.33 ? 29  CYS B N   1 
ATOM   832  C CA  . CYS B 1 29 ? -9.118  -9.615  4.466   1.00 35.23 ? 29  CYS B CA  1 
ATOM   833  C C   . CYS B 1 29 ? -10.504 -9.072  4.783   1.00 35.30 ? 29  CYS B C   1 
ATOM   834  O O   . CYS B 1 29 ? -10.813 -7.923  4.449   1.00 35.78 ? 29  CYS B O   1 
ATOM   835  C CB  . CYS B 1 29 ? -9.121  -10.309 3.103   1.00 39.23 ? 29  CYS B CB  1 
ATOM   836  S SG  . CYS B 1 29 ? -7.457  -10.703 2.524   1.00 39.05 ? 29  CYS B SG  1 
ATOM   837  N N   . SER B 1 30 ? -11.364 -9.884  5.398   1.00 43.61 ? 30  SER B N   1 
ATOM   838  C CA  . SER B 1 30 ? -12.676 -9.377  5.784   1.00 50.31 ? 30  SER B CA  1 
ATOM   839  C C   . SER B 1 30 ? -12.547 -8.293  6.856   1.00 42.59 ? 30  SER B C   1 
ATOM   840  O O   . SER B 1 30 ? -13.174 -7.234  6.751   1.00 39.46 ? 30  SER B O   1 
ATOM   841  C CB  . SER B 1 30 ? -13.564 -10.522 6.263   1.00 48.31 ? 30  SER B CB  1 
ATOM   842  O OG  . SER B 1 30 ? -14.886 -10.054 6.478   1.00 53.52 ? 30  SER B OG  1 
ATOM   843  N N   . GLY B 1 31 ? -11.709 -8.526  7.870   1.00 42.58 ? 31  GLY B N   1 
ATOM   844  C CA  . GLY B 1 31 ? -11.500 -7.501  8.883   1.00 44.44 ? 31  GLY B CA  1 
ATOM   845  C C   . GLY B 1 31 ? -10.954 -6.215  8.293   1.00 43.64 ? 31  GLY B C   1 
ATOM   846  O O   . GLY B 1 31 ? -11.379 -5.113  8.663   1.00 47.54 ? 31  GLY B O   1 
ATOM   847  N N   . VAL B 1 32 ? -10.011 -6.333  7.358   1.00 36.83 ? 32  VAL B N   1 
ATOM   848  C CA  . VAL B 1 32 ? -9.450  -5.138  6.737   1.00 34.13 ? 32  VAL B CA  1 
ATOM   849  C C   . VAL B 1 32 ? -10.497 -4.434  5.879   1.00 39.24 ? 32  VAL B C   1 
ATOM   850  O O   . VAL B 1 32 ? -10.524 -3.199  5.801   1.00 38.36 ? 32  VAL B O   1 
ATOM   851  C CB  . VAL B 1 32 ? -8.178  -5.478  5.931   1.00 39.45 ? 32  VAL B CB  1 
ATOM   852  C CG1 . VAL B 1 32 ? -7.683  -4.249  5.206   1.00 41.00 ? 32  VAL B CG1 1 
ATOM   853  C CG2 . VAL B 1 32 ? -7.083  -6.006  6.861   1.00 34.67 ? 32  VAL B CG2 1 
ATOM   854  N N   . LYS B 1 33 ? -11.355 -5.194  5.194   0.88 37.29 ? 33  LYS B N   1 
ATOM   855  C CA  . LYS B 1 33 ? -12.375 -4.541  4.378   0.88 32.97 ? 33  LYS B CA  1 
ATOM   856  C C   . LYS B 1 33 ? -13.352 -3.767  5.253   0.88 37.44 ? 33  LYS B C   1 
ATOM   857  O O   . LYS B 1 33 ? -13.757 -2.651  4.909   0.88 38.70 ? 33  LYS B O   1 
ATOM   858  C CB  . LYS B 1 33 ? -13.120 -5.569  3.523   0.88 43.72 ? 33  LYS B CB  1 
ATOM   859  C CG  . LYS B 1 33 ? -14.021 -4.935  2.467   0.88 52.46 ? 33  LYS B CG  1 
ATOM   860  C CD  . LYS B 1 33 ? -13.224 -4.570  1.208   0.88 56.48 ? 33  LYS B CD  1 
ATOM   861  C CE  . LYS B 1 33 ? -14.111 -4.000  0.103   0.88 56.10 ? 33  LYS B CE  1 
ATOM   862  N NZ  . LYS B 1 33 ? -13.420 -2.912  -0.668  0.88 59.86 ? 33  LYS B NZ  1 
ATOM   863  N N   . THR B 1 34 ? -13.741 -4.358  6.379   1.00 36.31 ? 34  THR B N   1 
ATOM   864  C CA  . THR B 1 34 ? -14.594 -3.670  7.346   1.00 50.05 ? 34  THR B CA  1 
ATOM   865  C C   . THR B 1 34 ? -13.937 -2.386  7.838   1.00 43.43 ? 34  THR B C   1 
ATOM   866  O O   . THR B 1 34 ? -14.559 -1.312  7.851   1.00 50.08 ? 34  THR B O   1 
ATOM   867  C CB  . THR B 1 34 ? -14.877 -4.598  8.519   1.00 46.74 ? 34  THR B CB  1 
ATOM   868  O OG1 . THR B 1 34 ? -15.717 -5.669  8.080   1.00 53.24 ? 34  THR B OG1 1 
ATOM   869  C CG2 . THR B 1 34 ? -15.584 -3.834  9.641   1.00 52.69 ? 34  THR B CG2 1 
ATOM   870  N N   . LEU B 1 35 ? -12.671 -2.487  8.260   1.00 44.53 ? 35  LEU B N   1 
ATOM   871  C CA  . LEU B 1 35 ? -11.930 -1.308  8.701   1.00 42.31 ? 35  LEU B CA  1 
ATOM   872  C C   . LEU B 1 35 ? -11.920 -0.232  7.622   1.00 43.23 ? 35  LEU B C   1 
ATOM   873  O O   . LEU B 1 35 ? -12.207 0.940   7.892   1.00 42.16 ? 35  LEU B O   1 
ATOM   874  C CB  . LEU B 1 35 ? -10.502 -1.709  9.081   1.00 42.46 ? 35  LEU B CB  1 
ATOM   875  C CG  . LEU B 1 35 ? -9.460  -0.584  9.123   1.00 46.97 ? 35  LEU B CG  1 
ATOM   876  C CD1 . LEU B 1 35 ? -9.754  0.385   10.255  1.00 47.85 ? 35  LEU B CD1 1 
ATOM   877  C CD2 . LEU B 1 35 ? -8.056  -1.159  9.257   1.00 47.43 ? 35  LEU B CD2 1 
ATOM   878  N N   . ASN B 1 36 ? -11.598 -0.622  6.386   1.00 41.58 ? 36  ASN B N   1 
ATOM   879  C CA  . ASN B 1 36 ? -11.543 0.324   5.274   1.00 46.75 ? 36  ASN B CA  1 
ATOM   880  C C   . ASN B 1 36 ? -12.896 0.989   5.046   1.00 42.65 ? 36  ASN B C   1 
ATOM   881  O O   . ASN B 1 36 ? -12.964 2.183   4.734   1.00 48.28 ? 36  ASN B O   1 
ATOM   882  C CB  . ASN B 1 36 ? -11.051 -0.393  4.012   1.00 46.41 ? 36  ASN B CB  1 
ATOM   883  C CG  . ASN B 1 36 ? -10.629 0.561   2.920   1.00 43.72 ? 36  ASN B CG  1 
ATOM   884  O OD1 . ASN B 1 36 ? -9.772  1.427   3.131   1.00 50.45 ? 36  ASN B OD1 1 
ATOM   885  N ND2 . ASN B 1 36 ? -11.184 0.378   1.726   1.00 53.02 ? 36  ASN B ND2 1 
ATOM   886  N N   . GLY B 1 37 ? -13.981 0.218   5.167   1.00 44.52 ? 37  GLY B N   1 
ATOM   887  C CA  . GLY B 1 37 ? -15.305 0.779   4.979   1.00 51.83 ? 37  GLY B CA  1 
ATOM   888  C C   . GLY B 1 37 ? -15.689 1.721   6.100   1.00 59.32 ? 37  GLY B C   1 
ATOM   889  O O   . GLY B 1 37 ? -16.521 2.614   5.909   1.00 51.37 ? 37  GLY B O   1 
ATOM   890  N N   . ASN B 1 38 ? -15.098 1.535   7.285   1.00 50.84 ? 38  ASN B N   1 
ATOM   891  C CA  . ASN B 1 38 ? -15.297 2.488   8.367   1.00 44.00 ? 38  ASN B CA  1 
ATOM   892  C C   . ASN B 1 38 ? -14.398 3.710   8.244   1.00 56.60 ? 38  ASN B C   1 
ATOM   893  O O   . ASN B 1 38 ? -14.713 4.750   8.833   1.00 71.74 ? 38  ASN B O   1 
ATOM   894  C CB  . ASN B 1 38 ? -15.051 1.819   9.722   1.00 49.87 ? 38  ASN B CB  1 
ATOM   895  C CG  . ASN B 1 38 ? -16.158 0.853   10.112  1.00 59.95 ? 38  ASN B CG  1 
ATOM   896  O OD1 . ASN B 1 38 ? -17.277 0.941   9.608   1.00 65.44 ? 38  ASN B OD1 1 
ATOM   897  N ND2 . ASN B 1 38 ? -15.847 -0.074  11.022  1.00 60.92 ? 38  ASN B ND2 1 
ATOM   898  N N   . ALA B 1 39 ? -13.283 3.617   7.519   1.00 49.76 ? 39  ALA B N   1 
ATOM   899  C CA  . ALA B 1 39 ? -12.377 4.757   7.364   1.00 52.96 ? 39  ALA B CA  1 
ATOM   900  C C   . ALA B 1 39 ? -12.615 5.467   6.035   1.00 53.18 ? 39  ALA B C   1 
ATOM   901  O O   . ALA B 1 39 ? -11.727 5.573   5.186   1.00 58.13 ? 39  ALA B O   1 
ATOM   902  C CB  . ALA B 1 39 ? -10.925 4.292   7.484   1.00 46.82 ? 39  ALA B CB  1 
ATOM   903  N N   . GLN B 1 40 ? -13.824 6.001   5.878   1.00 53.04 ? 40  GLN B N   1 
ATOM   904  C CA  . GLN B 1 40 ? -14.228 6.625   4.625   1.00 53.72 ? 40  GLN B CA  1 
ATOM   905  C C   . GLN B 1 40 ? -14.140 8.141   4.658   1.00 56.12 ? 40  GLN B C   1 
ATOM   906  O O   . GLN B 1 40 ? -13.617 8.741   3.716   1.00 61.71 ? 40  GLN B O   1 
ATOM   907  C CB  . GLN B 1 40 ? -15.641 6.193   4.229   1.00 60.01 ? 40  GLN B CB  1 
ATOM   908  C CG  . GLN B 1 40 ? -15.729 4.714   3.870   1.00 66.37 ? 40  GLN B CG  1 
ATOM   909  C CD  . GLN B 1 40 ? -15.322 4.436   2.426   1.00 65.00 ? 40  GLN B CD  1 
ATOM   910  O OE1 . GLN B 1 40 ? -14.167 4.098   2.149   1.00 67.57 ? 40  GLN B OE1 1 
ATOM   911  N NE2 . GLN B 1 40 ? -16.270 4.583   1.500   1.00 66.05 ? 40  GLN B NE2 1 
ATOM   912  N N   . SER B 1 41 ? -14.608 8.779   5.728   1.00 54.77 ? 41  SER B N   1 
ATOM   913  C CA  . SER B 1 41 ? -14.516 10.226  5.801   1.00 47.21 ? 41  SER B CA  1 
ATOM   914  C C   . SER B 1 41 ? -13.081 10.619  6.137   1.00 54.49 ? 41  SER B C   1 
ATOM   915  O O   . SER B 1 41 ? -12.310 9.797   6.643   1.00 47.75 ? 41  SER B O   1 
ATOM   916  C CB  . SER B 1 41 ? -15.474 10.764  6.860   1.00 58.34 ? 41  SER B CB  1 
ATOM   917  O OG  . SER B 1 41 ? -14.934 10.600  8.163   1.00 60.39 ? 41  SER B OG  1 
ATOM   918  N N   . PRO B 1 42 ? -12.685 11.864  5.838   1.00 46.98 ? 42  PRO B N   1 
ATOM   919  C CA  . PRO B 1 42 ? -11.309 12.287  6.168   1.00 52.18 ? 42  PRO B CA  1 
ATOM   920  C C   . PRO B 1 42 ? -10.962 12.161  7.641   1.00 48.93 ? 42  PRO B C   1 
ATOM   921  O O   . PRO B 1 42 ? -9.834  11.779  7.988   1.00 44.63 ? 42  PRO B O   1 
ATOM   922  C CB  . PRO B 1 42 ? -11.283 13.758  5.728   1.00 51.18 ? 42  PRO B CB  1 
ATOM   923  C CG  . PRO B 1 42 ? -12.339 13.866  4.699   1.00 56.80 ? 42  PRO B CG  1 
ATOM   924  C CD  . PRO B 1 42 ? -13.420 12.898  5.091   1.00 58.23 ? 42  PRO B CD  1 
ATOM   925  N N   . ASP B 1 43 ? -11.916 12.468  8.520   1.00 39.16 ? 43  ASP B N   1 
ATOM   926  C CA  . ASP B 1 43 ? -11.666 12.354  9.953   1.00 42.94 ? 43  ASP B CA  1 
ATOM   927  C C   . ASP B 1 43 ? -11.587 10.894  10.397  1.00 39.03 ? 43  ASP B C   1 
ATOM   928  O O   . ASP B 1 43 ? -10.704 10.522  11.184  1.00 37.42 ? 43  ASP B O   1 
ATOM   929  C CB  . ASP B 1 43 ? -12.745 13.108  10.720  1.00 38.23 ? 43  ASP B CB  1 
ATOM   930  C CG  . ASP B 1 43 ? -12.360 13.348  12.160  1.00 46.26 ? 43  ASP B CG  1 
ATOM   931  O OD1 . ASP B 1 43 ? -11.176 13.099  12.512  1.00 35.42 ? 43  ASP B OD1 1 
ATOM   932  O OD2 . ASP B 1 43 ? -13.240 13.794  12.928  1.00 42.92 ? 43  ASP B OD2 1 
ATOM   933  N N   . ASP B 1 44 ? -12.521 10.063  9.931   1.00 39.30 ? 44  ASP B N   1 
ATOM   934  C CA  . ASP B 1 44 ? -12.423 8.625   10.158  1.00 48.70 ? 44  ASP B CA  1 
ATOM   935  C C   . ASP B 1 44 ? -11.091 8.090   9.664   1.00 36.32 ? 44  ASP B C   1 
ATOM   936  O O   . ASP B 1 44 ? -10.497 7.198   10.289  1.00 34.28 ? 44  ASP B O   1 
ATOM   937  C CB  . ASP B 1 44 ? -13.572 7.893   9.466   1.00 48.35 ? 44  ASP B CB  1 
ATOM   938  C CG  . ASP B 1 44 ? -14.908 8.120   10.146  1.00 57.96 ? 44  ASP B CG  1 
ATOM   939  O OD1 . ASP B 1 44 ? -14.917 8.611   11.295  1.00 57.74 ? 44  ASP B OD1 1 
ATOM   940  O OD2 . ASP B 1 44 ? -15.946 7.803   9.529   1.00 62.71 ? 44  ASP B OD2 1 
ATOM   941  N N   . ARG B 1 45 ? -10.630 8.589   8.511   1.00 37.60 ? 45  ARG B N   1 
ATOM   942  C CA  . ARG B 1 45 ? -9.378  8.103   7.948   1.00 38.60 ? 45  ARG B CA  1 
ATOM   943  C C   . ARG B 1 45 ? -8.216  8.438   8.859   1.00 32.27 ? 45  ARG B C   1 
ATOM   944  O O   . ARG B 1 45 ? -7.392  7.574   9.154   1.00 32.57 ? 45  ARG B O   1 
ATOM   945  C CB  . ARG B 1 45 ? -9.129  8.705   6.563   1.00 45.06 ? 45  ARG B CB  1 
ATOM   946  C CG  . ARG B 1 45 ? -9.940  8.123   5.431   1.00 54.72 ? 45  ARG B CG  1 
ATOM   947  C CD  . ARG B 1 45 ? -9.351  8.541   4.077   1.00 49.38 ? 45  ARG B CD  1 
ATOM   948  N NE  . ARG B 1 45 ? -9.943  7.773   2.987   1.00 64.89 ? 45  ARG B NE  1 
ATOM   949  C CZ  . ARG B 1 45 ? -11.004 8.163   2.286   1.00 65.72 ? 45  ARG B CZ  1 
ATOM   950  N NH1 . ARG B 1 45 ? -11.581 9.331   2.550   1.00 64.50 ? 45  ARG B NH1 1 
ATOM   951  N NH2 . ARG B 1 45 ? -11.481 7.388   1.316   1.00 63.25 ? 45  ARG B NH2 1 
ATOM   952  N N   . LYS B 1 46 ? -8.134  9.696   9.316   1.00 33.86 ? 46  LYS B N   1 
ATOM   953  C CA  . LYS B 1 46 ? -7.007  10.089  10.166  1.00 34.88 ? 46  LYS B CA  1 
ATOM   954  C C   . LYS B 1 46 ? -7.029  9.345   11.497  1.00 28.32 ? 46  LYS B C   1 
ATOM   955  O O   . LYS B 1 46 ? -5.978  8.888   11.989  1.00 34.19 ? 46  LYS B O   1 
ATOM   956  C CB  . LYS B 1 46 ? -7.037  11.600  10.416  1.00 38.68 ? 46  LYS B CB  1 
ATOM   957  C CG  . LYS B 1 46 ? -6.544  12.455  9.250   1.00 52.98 ? 46  LYS B CG  1 
ATOM   958  C CD  . LYS B 1 46 ? -6.329  13.898  9.698   1.00 54.90 ? 46  LYS B CD  1 
ATOM   959  C CE  . LYS B 1 46 ? -5.821  14.776  8.563   1.00 64.76 ? 46  LYS B CE  1 
ATOM   960  N NZ  . LYS B 1 46 ? -6.958  15.405  7.818   1.00 65.21 ? 46  LYS B NZ  1 
ATOM   961  N N   . THR B 1 47 ? -8.217  9.207   12.091  1.00 33.37 ? 47  THR B N   1 
ATOM   962  C CA  . THR B 1 47 ? -8.340  8.476   13.350  1.00 35.68 ? 47  THR B CA  1 
ATOM   963  C C   . THR B 1 47 ? -7.921  7.018   13.184  1.00 34.11 ? 47  THR B C   1 
ATOM   964  O O   . THR B 1 47 ? -7.062  6.517   13.932  1.00 29.76 ? 47  THR B O   1 
ATOM   965  C CB  . THR B 1 47 ? -9.778  8.576   13.866  1.00 30.51 ? 47  THR B CB  1 
ATOM   966  O OG1 . THR B 1 47 ? -10.190 9.960   13.888  1.00 34.33 ? 47  THR B OG1 1 
ATOM   967  C CG2 . THR B 1 47 ? -9.891  7.970   15.276  1.00 30.03 ? 47  THR B CG2 1 
ATOM   968  N N   . ALA B 1 48 ? -8.505  6.326   12.192  1.00 34.55 ? 48  ALA B N   1 
ATOM   969  C CA  . ALA B 1 48 ? -8.117  4.944   11.936  1.00 34.32 ? 48  ALA B CA  1 
ATOM   970  C C   . ALA B 1 48 ? -6.625  4.842   11.689  1.00 29.20 ? 48  ALA B C   1 
ATOM   971  O O   . ALA B 1 48 ? -5.983  3.907   12.164  1.00 29.86 ? 48  ALA B O   1 
ATOM   972  C CB  . ALA B 1 48 ? -8.889  4.373   10.749  1.00 36.22 ? 48  ALA B CB  1 
ATOM   973  N N   . CYS B 1 49 ? -6.055  5.809   10.965  1.00 28.40 ? 49  CYS B N   1 
ATOM   974  C CA  . CYS B 1 49 ? -4.633  5.769   10.652  1.00 32.28 ? 49  CYS B CA  1 
ATOM   975  C C   . CYS B 1 49 ? -3.793  5.776   11.921  1.00 32.08 ? 49  CYS B C   1 
ATOM   976  O O   . CYS B 1 49 ? -2.855  4.980   12.065  1.00 31.95 ? 49  CYS B O   1 
ATOM   977  C CB  . CYS B 1 49 ? -4.282  6.961   9.751   1.00 30.31 ? 49  CYS B CB  1 
ATOM   978  S SG  . CYS B 1 49 ? -2.516  7.151   9.335   1.00 38.60 ? 49  CYS B SG  1 
ATOM   979  N N   . ASN B 1 50 ? -4.126  6.653   12.872  1.00 31.34 ? 50  ASN B N   1 
ATOM   980  C CA  . ASN B 1 50 ? -3.316  6.707   14.090  1.00 28.28 ? 50  ASN B CA  1 
ATOM   981  C C   . ASN B 1 50 ? -3.499  5.444   14.936  1.00 30.99 ? 50  ASN B C   1 
ATOM   982  O O   . ASN B 1 50 ? -2.535  4.951   15.563  1.00 31.64 ? 50  ASN B O   1 
ATOM   983  C CB  . ASN B 1 50 ? -3.646  7.980   14.870  1.00 28.37 ? 50  ASN B CB  1 
ATOM   984  C CG  . ASN B 1 50 ? -3.036  9.207   14.231  1.00 31.03 ? 50  ASN B CG  1 
ATOM   985  O OD1 . ASN B 1 50 ? -1.816  9.313   14.136  1.00 27.90 ? 50  ASN B OD1 1 
ATOM   986  N ND2 . ASN B 1 50 ? -3.877  10.147  13.793  1.00 30.27 ? 50  ASN B ND2 1 
ATOM   987  N N   . CYS B 1 51 ? -4.714  4.877   14.922  1.00 22.57 ? 51  CYS B N   1 
ATOM   988  C CA  . CYS B 1 51 ? -4.938  3.601   15.606  1.00 28.02 ? 51  CYS B CA  1 
ATOM   989  C C   . CYS B 1 51 ? -4.105  2.488   14.988  1.00 31.05 ? 51  CYS B C   1 
ATOM   990  O O   . CYS B 1 51 ? -3.520  1.659   15.700  1.00 29.50 ? 51  CYS B O   1 
ATOM   991  C CB  . CYS B 1 51 ? -6.417  3.225   15.549  1.00 30.70 ? 51  CYS B CB  1 
ATOM   992  S SG  . CYS B 1 51 ? -7.444  4.376   16.494  1.00 34.13 ? 51  CYS B SG  1 
ATOM   993  N N   . ILE B 1 52 ? -4.057  2.457   13.657  1.00 30.87 ? 52  ILE B N   1 
ATOM   994  C CA  . ILE B 1 52 ? -3.325  1.424   12.932  1.00 27.72 ? 52  ILE B CA  1 
ATOM   995  C C   . ILE B 1 52 ? -1.839  1.554   13.178  1.00 32.94 ? 52  ILE B C   1 
ATOM   996  O O   . ILE B 1 52 ? -1.126  0.554   13.288  1.00 30.41 ? 52  ILE B O   1 
ATOM   997  C CB  . ILE B 1 52 ? -3.656  1.522   11.434  1.00 32.81 ? 52  ILE B CB  1 
ATOM   998  C CG1 . ILE B 1 52 ? -5.069  1.030   11.213  1.00 33.86 ? 52  ILE B CG1 1 
ATOM   999  C CG2 . ILE B 1 52 ? -2.643  0.732   10.584  1.00 33.77 ? 52  ILE B CG2 1 
ATOM   1000 C CD1 . ILE B 1 52 ? -5.638  1.479   9.918   1.00 45.70 ? 52  ILE B CD1 1 
ATOM   1001 N N   . LYS B 1 53 ? -1.343  2.786   13.219  1.00 29.87 ? 53  LYS B N   1 
ATOM   1002 C CA  . LYS B 1 53 ? 0.058   3.017   13.545  1.00 35.49 ? 53  LYS B CA  1 
ATOM   1003 C C   . LYS B 1 53 ? 0.402   2.420   14.908  1.00 29.89 ? 53  LYS B C   1 
ATOM   1004 O O   . LYS B 1 53 ? 1.417   1.718   15.058  1.00 34.47 ? 53  LYS B O   1 
ATOM   1005 C CB  . LYS B 1 53 ? 0.322   4.527   13.488  1.00 36.18 ? 53  LYS B CB  1 
ATOM   1006 C CG  . LYS B 1 53 ? 1.739   5.007   13.654  1.00 46.75 ? 53  LYS B CG  1 
ATOM   1007 C CD  . LYS B 1 53 ? 1.698   6.529   13.503  1.00 39.97 ? 53  LYS B CD  1 
ATOM   1008 C CE  . LYS B 1 53 ? 3.058   7.173   13.549  1.00 44.18 ? 53  LYS B CE  1 
ATOM   1009 N NZ  . LYS B 1 53 ? 2.845   8.625   13.285  1.00 38.63 ? 53  LYS B NZ  1 
ATOM   1010 N N   . ALA B 1 54 ? -0.440  2.683   15.920  1.00 35.45 ? 54  ALA B N   1 
ATOM   1011 C CA  . ALA B 1 54 ? -0.227  2.048   17.225  1.00 35.16 ? 54  ALA B CA  1 
ATOM   1012 C C   . ALA B 1 54 ? -0.215  0.523   17.100  1.00 31.57 ? 54  ALA B C   1 
ATOM   1013 O O   . ALA B 1 54 ? 0.640   -0.159  17.682  1.00 34.93 ? 54  ALA B O   1 
ATOM   1014 C CB  . ALA B 1 54 ? -1.300  2.492   18.222  1.00 34.17 ? 54  ALA B CB  1 
ATOM   1015 N N   . ALA B 1 55 ? -1.177  -0.031  16.355  1.00 34.59 ? 55  ALA B N   1 
ATOM   1016 C CA  . ALA B 1 55 ? -1.225  -1.483  16.199  1.00 34.36 ? 55  ALA B CA  1 
ATOM   1017 C C   . ALA B 1 55 ? 0.055   -2.008  15.555  1.00 36.21 ? 55  ALA B C   1 
ATOM   1018 O O   . ALA B 1 55 ? 0.696   -2.931  16.075  1.00 38.46 ? 55  ALA B O   1 
ATOM   1019 C CB  . ALA B 1 55 ? -2.452  -1.885  15.378  1.00 30.40 ? 55  ALA B CB  1 
ATOM   1020 N N   . ALA B 1 56 ? 0.480   -1.389  14.455  1.00 38.80 ? 56  ALA B N   1 
ATOM   1021 C CA  . ALA B 1 56 ? 1.681   -1.850  13.759  1.00 37.44 ? 56  ALA B CA  1 
ATOM   1022 C C   . ALA B 1 56 ? 2.887   -1.826  14.683  1.00 40.00 ? 56  ALA B C   1 
ATOM   1023 O O   . ALA B 1 56 ? 3.730   -2.731  14.643  1.00 40.28 ? 56  ALA B O   1 
ATOM   1024 C CB  . ALA B 1 56 ? 1.946   -0.991  12.518  1.00 30.84 ? 56  ALA B CB  1 
ATOM   1025 N N   . ASN B 1 57 ? 2.982   -0.808  15.545  1.00 36.31 ? 57  ASN B N   1 
ATOM   1026 C CA  . ASN B 1 57 ? 4.110   -0.768  16.470  1.00 38.54 ? 57  ASN B CA  1 
ATOM   1027 C C   . ASN B 1 57 ? 3.963   -1.805  17.579  1.00 36.44 ? 57  ASN B C   1 
ATOM   1028 O O   . ASN B 1 57 ? 4.956   -2.200  18.196  1.00 49.83 ? 57  ASN B O   1 
ATOM   1029 C CB  . ASN B 1 57 ? 4.247   0.646   17.050  1.00 40.66 ? 57  ASN B CB  1 
ATOM   1030 C CG  . ASN B 1 57 ? 4.897   1.620   16.067  1.00 39.31 ? 57  ASN B CG  1 
ATOM   1031 O OD1 . ASN B 1 57 ? 6.093   1.532   15.802  1.00 50.63 ? 57  ASN B OD1 1 
ATOM   1032 N ND2 . ASN B 1 57 ? 4.111   2.550   15.526  1.00 37.63 ? 57  ASN B ND2 1 
ATOM   1033 N N   . ARG B 1 58 ? 2.745   -2.264  17.825  1.00 39.68 ? 58  ARG B N   1 
ATOM   1034 C CA  . ARG B 1 58 ? 2.505   -3.258  18.867  1.00 41.87 ? 58  ARG B CA  1 
ATOM   1035 C C   . ARG B 1 58 ? 3.011   -4.636  18.450  1.00 54.40 ? 58  ARG B C   1 
ATOM   1036 O O   . ARG B 1 58 ? 3.591   -5.363  19.267  1.00 47.06 ? 58  ARG B O   1 
ATOM   1037 C CB  . ARG B 1 58 ? 1.005   -3.264  19.175  1.00 41.86 ? 58  ARG B CB  1 
ATOM   1038 C CG  . ARG B 1 58 ? 0.519   -4.165  20.237  1.00 47.46 ? 58  ARG B CG  1 
ATOM   1039 C CD  . ARG B 1 58 ? -1.002  -4.095  20.251  1.00 49.95 ? 58  ARG B CD  1 
ATOM   1040 N NE  . ARG B 1 58 ? -1.488  -2.724  20.396  1.00 35.67 ? 58  ARG B NE  1 
ATOM   1041 C CZ  . ARG B 1 58 ? -2.565  -2.246  19.785  1.00 40.58 ? 58  ARG B CZ  1 
ATOM   1042 N NH1 . ARG B 1 58 ? -3.274  -3.030  18.986  1.00 33.77 ? 58  ARG B NH1 1 
ATOM   1043 N NH2 . ARG B 1 58 ? -2.943  -0.990  19.978  1.00 42.98 ? 58  ARG B NH2 1 
ATOM   1044 N N   . TYR B 1 59 ? 2.826   -5.000  17.173  0.86 51.98 ? 59  TYR B N   1 
ATOM   1045 C CA  . TYR B 1 59 ? 3.038   -6.379  16.736  0.86 43.75 ? 59  TYR B CA  1 
ATOM   1046 C C   . TYR B 1 59 ? 4.523   -6.701  16.683  0.86 41.72 ? 59  TYR B C   1 
ATOM   1047 O O   . TYR B 1 59 ? 5.284   -5.994  16.013  0.86 44.04 ? 59  TYR B O   1 
ATOM   1048 C CB  . TYR B 1 59 ? 2.423   -6.612  15.371  0.86 38.24 ? 59  TYR B CB  1 
ATOM   1049 C CG  . TYR B 1 59 ? 0.952   -6.320  15.316  0.86 43.23 ? 59  TYR B CG  1 
ATOM   1050 C CD1 . TYR B 1 59 ? 0.133   -6.531  16.417  0.86 40.15 ? 59  TYR B CD1 1 
ATOM   1051 C CD2 . TYR B 1 59 ? 0.375   -5.839  14.145  0.86 51.48 ? 59  TYR B CD2 1 
ATOM   1052 C CE1 . TYR B 1 59 ? -1.234  -6.257  16.352  0.86 49.09 ? 59  TYR B CE1 1 
ATOM   1053 C CE2 . TYR B 1 59 ? -0.975  -5.573  14.064  0.86 52.54 ? 59  TYR B CE2 1 
ATOM   1054 C CZ  . TYR B 1 59 ? -1.778  -5.781  15.163  0.86 52.04 ? 59  TYR B CZ  1 
ATOM   1055 O OH  . TYR B 1 59 ? -3.125  -5.501  15.048  0.86 45.63 ? 59  TYR B OH  1 
ATOM   1056 N N   . PRO B 1 60 ? 4.966   -7.756  17.362  0.83 52.11 ? 60  PRO B N   1 
ATOM   1057 C CA  . PRO B 1 60 ? 6.389   -8.124  17.334  0.83 52.35 ? 60  PRO B CA  1 
ATOM   1058 C C   . PRO B 1 60 ? 6.821   -8.611  15.958  0.83 40.80 ? 60  PRO B C   1 
ATOM   1059 O O   . PRO B 1 60 ? 6.157   -9.450  15.349  0.83 45.22 ? 60  PRO B O   1 
ATOM   1060 C CB  . PRO B 1 60 ? 6.478   -9.246  18.375  0.83 47.55 ? 60  PRO B CB  1 
ATOM   1061 C CG  . PRO B 1 60 ? 5.106   -9.854  18.364  0.83 50.03 ? 60  PRO B CG  1 
ATOM   1062 C CD  . PRO B 1 60 ? 4.157   -8.710  18.140  0.83 50.76 ? 60  PRO B CD  1 
ATOM   1063 N N   . ASN B 1 61 ? 7.945   -8.080  15.474  0.80 40.88 ? 61  ASN B N   1 
ATOM   1064 C CA  . ASN B 1 61 ? 8.572   -8.577  14.246  0.80 44.88 ? 61  ASN B CA  1 
ATOM   1065 C C   . ASN B 1 61 ? 7.679   -8.341  13.030  0.80 41.17 ? 61  ASN B C   1 
ATOM   1066 O O   . ASN B 1 61 ? 7.556   -9.208  12.160  0.80 39.77 ? 61  ASN B O   1 
ATOM   1067 C CB  . ASN B 1 61 ? 8.947   -10.062 14.367  0.80 41.99 ? 61  ASN B CB  1 
ATOM   1068 C CG  . ASN B 1 61 ? 9.817   -10.356 15.593  0.80 53.16 ? 61  ASN B CG  1 
ATOM   1069 O OD1 . ASN B 1 61 ? 10.948  -9.877  15.701  0.80 60.80 ? 61  ASN B OD1 1 
ATOM   1070 N ND2 . ASN B 1 61 ? 9.284   -11.142 16.519  0.80 53.02 ? 61  ASN B ND2 1 
ATOM   1071 N N   . LEU B 1 62 ? 7.043   -7.171  12.970  1.00 42.26 ? 62  LEU B N   1 
ATOM   1072 C CA  . LEU B 1 62 ? 6.212   -6.843  11.819  1.00 40.43 ? 62  LEU B CA  1 
ATOM   1073 C C   . LEU B 1 62 ? 7.038   -6.916  10.544  1.00 36.63 ? 62  LEU B C   1 
ATOM   1074 O O   . LEU B 1 62 ? 8.144   -6.376  10.470  1.00 33.64 ? 62  LEU B O   1 
ATOM   1075 C CB  . LEU B 1 62 ? 5.606   -5.451  11.971  1.00 40.07 ? 62  LEU B CB  1 
ATOM   1076 C CG  . LEU B 1 62 ? 4.775   -4.968  10.770  1.00 40.29 ? 62  LEU B CG  1 
ATOM   1077 C CD1 . LEU B 1 62 ? 3.373   -5.532  10.805  1.00 42.54 ? 62  LEU B CD1 1 
ATOM   1078 C CD2 . LEU B 1 62 ? 4.726   -3.459  10.744  1.00 37.66 ? 62  LEU B CD2 1 
ATOM   1079 N N   . LYS B 1 63 ? 6.485   -7.588  9.536   1.00 34.26 ? 63  LYS B N   1 
ATOM   1080 C CA  . LYS B 1 63 ? 7.145   -7.762  8.251   1.00 37.94 ? 63  LYS B CA  1 
ATOM   1081 C C   . LYS B 1 63 ? 6.641   -6.682  7.316   1.00 40.96 ? 63  LYS B C   1 
ATOM   1082 O O   . LYS B 1 63 ? 5.448   -6.648  6.988   1.00 29.78 ? 63  LYS B O   1 
ATOM   1083 C CB  . LYS B 1 63 ? 6.864   -9.149  7.665   1.00 34.93 ? 63  LYS B CB  1 
ATOM   1084 C CG  . LYS B 1 63 ? 7.236   -10.305 8.590   1.00 41.68 ? 63  LYS B CG  1 
ATOM   1085 C CD  . LYS B 1 63 ? 8.744   -10.361 8.816   1.00 53.66 ? 63  LYS B CD  1 
ATOM   1086 C CE  . LYS B 1 63 ? 9.127   -11.606 9.619   1.00 56.55 ? 63  LYS B CE  1 
ATOM   1087 N NZ  . LYS B 1 63 ? 8.929   -11.386 11.085  1.00 49.11 ? 63  LYS B NZ  1 
ATOM   1088 N N   . ASP B 1 64 ? 7.546   -5.810  6.880   1.00 38.01 ? 64  ASP B N   1 
ATOM   1089 C CA  . ASP B 1 64 ? 7.115   -4.688  6.063   1.00 39.10 ? 64  ASP B CA  1 
ATOM   1090 C C   . ASP B 1 64 ? 6.612   -5.168  4.701   1.00 41.51 ? 64  ASP B C   1 
ATOM   1091 O O   . ASP B 1 64 ? 5.670   -4.591  4.149   1.00 39.84 ? 64  ASP B O   1 
ATOM   1092 C CB  . ASP B 1 64 ? 8.252   -3.672  5.945   1.00 52.75 ? 64  ASP B CB  1 
ATOM   1093 C CG  . ASP B 1 64 ? 7.818   -2.380  5.256   1.00 65.55 ? 64  ASP B CG  1 
ATOM   1094 O OD1 . ASP B 1 64 ? 7.022   -1.619  5.864   1.00 64.16 ? 64  ASP B OD1 1 
ATOM   1095 O OD2 . ASP B 1 64 ? 8.303   -2.107  4.133   1.00 68.01 ? 64  ASP B OD2 1 
ATOM   1096 N N   . ASP B 1 65 ? 7.156   -6.280  4.185   1.00 36.60 ? 65  ASP B N   1 
ATOM   1097 C CA  . ASP B 1 65 ? 6.630   -6.827  2.934   1.00 36.54 ? 65  ASP B CA  1 
ATOM   1098 C C   . ASP B 1 65 ? 5.169   -7.237  3.071   1.00 33.85 ? 65  ASP B C   1 
ATOM   1099 O O   . ASP B 1 65 ? 4.362   -6.996  2.166   1.00 33.34 ? 65  ASP B O   1 
ATOM   1100 C CB  . ASP B 1 65 ? 7.443   -8.034  2.466   1.00 36.88 ? 65  ASP B CB  1 
ATOM   1101 C CG  . ASP B 1 65 ? 8.816   -7.653  1.959   1.00 37.65 ? 65  ASP B CG  1 
ATOM   1102 O OD1 . ASP B 1 65 ? 9.120   -6.437  1.921   1.00 47.68 ? 65  ASP B OD1 1 
ATOM   1103 O OD2 . ASP B 1 65 ? 9.552   -8.577  1.540   1.00 38.41 ? 65  ASP B OD2 1 
ATOM   1104 N N   . ALA B 1 66 ? 4.815   -7.891  4.173   1.00 29.53 ? 66  ALA B N   1 
ATOM   1105 C CA  . ALA B 1 66 ? 3.426   -8.297  4.356   1.00 31.14 ? 66  ALA B CA  1 
ATOM   1106 C C   . ALA B 1 66 ? 2.514   -7.084  4.477   1.00 27.21 ? 66  ALA B C   1 
ATOM   1107 O O   . ALA B 1 66 ? 1.417   -7.052  3.907   1.00 30.15 ? 66  ALA B O   1 
ATOM   1108 C CB  . ALA B 1 66 ? 3.290   -9.182  5.595   1.00 27.24 ? 66  ALA B CB  1 
ATOM   1109 N N   . ALA B 1 67 ? 2.931   -6.101  5.271   1.00 29.97 ? 67  ALA B N   1 
ATOM   1110 C CA  . ALA B 1 67 ? 2.128   -4.895  5.445   1.00 31.66 ? 67  ALA B CA  1 
ATOM   1111 C C   . ALA B 1 67 ? 1.906   -4.194  4.114   1.00 32.49 ? 67  ALA B C   1 
ATOM   1112 O O   . ALA B 1 67 ? 0.788   -3.757  3.809   1.00 28.05 ? 67  ALA B O   1 
ATOM   1113 C CB  . ALA B 1 67 ? 2.806   -3.966  6.458   1.00 28.97 ? 67  ALA B CB  1 
ATOM   1114 N N   . GLN B 1 68 ? 2.950   -4.120  3.287   1.00 29.68 ? 68  GLN B N   1 
ATOM   1115 C CA  . GLN B 1 68 ? 2.832   -3.443  1.995   1.00 34.17 ? 68  GLN B CA  1 
ATOM   1116 C C   . GLN B 1 68 ? 2.047   -4.260  0.979   1.00 29.88 ? 68  GLN B C   1 
ATOM   1117 O O   . GLN B 1 68 ? 1.492   -3.691  0.030   1.00 33.78 ? 68  GLN B O   1 
ATOM   1118 C CB  . GLN B 1 68 ? 4.221   -3.113  1.457   1.00 33.66 ? 68  GLN B CB  1 
ATOM   1119 C CG  . GLN B 1 68 ? 4.976   -2.196  2.387   1.00 36.34 ? 68  GLN B CG  1 
ATOM   1120 C CD  . GLN B 1 68 ? 6.423   -2.017  1.993   1.00 54.20 ? 68  GLN B CD  1 
ATOM   1121 O OE1 . GLN B 1 68 ? 7.045   -2.906  1.389   1.00 42.22 ? 68  GLN B OE1 1 
ATOM   1122 N NE2 . GLN B 1 68 ? 6.986   -0.868  2.360   1.00 45.24 ? 68  GLN B NE2 1 
ATOM   1123 N N   . SER B 1 69 ? 2.020   -5.585  1.124   1.00 29.07 ? 69  SER B N   1 
ATOM   1124 C CA  . SER B 1 69 ? 1.309   -6.436  0.177   1.00 28.96 ? 69  SER B CA  1 
ATOM   1125 C C   . SER B 1 69 ? -0.134  -6.702  0.570   1.00 28.82 ? 69  SER B C   1 
ATOM   1126 O O   . SER B 1 69 ? -0.895  -7.204  -0.260  1.00 29.15 ? 69  SER B O   1 
ATOM   1127 C CB  . SER B 1 69 ? 2.017   -7.798  0.045   1.00 34.34 ? 69  SER B CB  1 
ATOM   1128 O OG  . SER B 1 69 ? 3.217   -7.676  -0.687  1.00 43.13 ? 69  SER B OG  1 
ATOM   1129 N N   . LEU B 1 70 ? -0.526  -6.375  1.803   1.00 29.55 ? 70  LEU B N   1 
ATOM   1130 C CA  . LEU B 1 70 ? -1.878  -6.714  2.243   1.00 27.80 ? 70  LEU B CA  1 
ATOM   1131 C C   . LEU B 1 70 ? -2.966  -6.185  1.314   1.00 30.30 ? 70  LEU B C   1 
ATOM   1132 O O   . LEU B 1 70 ? -3.898  -6.951  1.005   1.00 27.54 ? 70  LEU B O   1 
ATOM   1133 C CB  . LEU B 1 70 ? -2.090  -6.248  3.685   1.00 31.51 ? 70  LEU B CB  1 
ATOM   1134 C CG  . LEU B 1 70 ? -3.411  -6.781  4.243   1.00 35.17 ? 70  LEU B CG  1 
ATOM   1135 C CD1 . LEU B 1 70 ? -3.219  -7.289  5.668   1.00 34.15 ? 70  LEU B CD1 1 
ATOM   1136 C CD2 . LEU B 1 70 ? -4.507  -5.731  4.184   1.00 44.42 ? 70  LEU B CD2 1 
ATOM   1137 N N   . PRO B 1 71 ? -2.948  -4.916  0.860   1.00 30.37 ? 71  PRO B N   1 
ATOM   1138 C CA  . PRO B 1 71 ? -4.054  -4.449  -0.005  1.00 36.08 ? 71  PRO B CA  1 
ATOM   1139 C C   . PRO B 1 71 ? -4.210  -5.246  -1.297  1.00 30.99 ? 71  PRO B C   1 
ATOM   1140 O O   . PRO B 1 71 ? -5.334  -5.603  -1.665  1.00 30.66 ? 71  PRO B O   1 
ATOM   1141 C CB  . PRO B 1 71 ? -3.684  -2.983  -0.290  1.00 35.31 ? 71  PRO B CB  1 
ATOM   1142 C CG  . PRO B 1 71 ? -2.810  -2.570  0.889   1.00 38.81 ? 71  PRO B CG  1 
ATOM   1143 C CD  . PRO B 1 71 ? -2.018  -3.814  1.207   1.00 37.86 ? 71  PRO B CD  1 
ATOM   1144 N N   . SER B 1 72 ? -3.121  -5.506  -2.015  1.00 27.79 ? 72  SER B N   1 
ATOM   1145 C CA  . SER B 1 72 ? -3.246  -6.239  -3.273  1.00 30.24 ? 72  SER B CA  1 
ATOM   1146 C C   . SER B 1 72 ? -3.643  -7.704  -3.026  1.00 28.57 ? 72  SER B C   1 
ATOM   1147 O O   . SER B 1 72 ? -4.431  -8.282  -3.788  1.00 30.47 ? 72  SER B O   1 
ATOM   1148 C CB  . SER B 1 72 ? -1.943  -6.117  -4.076  1.00 32.61 ? 72  SER B CB  1 
ATOM   1149 O OG  . SER B 1 72 ? -0.810  -6.606  -3.366  1.00 35.89 ? 72  SER B OG  1 
ATOM   1150 N N   . LYS B 1 73 ? -3.118  -8.318  -1.965  1.00 28.22 ? 73  LYS B N   1 
ATOM   1151 C CA  . LYS B 1 73 ? -3.496  -9.695  -1.643  1.00 32.61 ? 73  LYS B CA  1 
ATOM   1152 C C   . LYS B 1 73 ? -4.965  -9.808  -1.247  1.00 36.16 ? 73  LYS B C   1 
ATOM   1153 O O   . LYS B 1 73 ? -5.581  -10.854 -1.468  1.00 29.07 ? 73  LYS B O   1 
ATOM   1154 C CB  . LYS B 1 73 ? -2.586  -10.237 -0.547  1.00 28.63 ? 73  LYS B CB  1 
ATOM   1155 C CG  . LYS B 1 73 ? -1.248  -10.707 -1.126  1.00 28.35 ? 73  LYS B CG  1 
ATOM   1156 C CD  . LYS B 1 73 ? -0.243  -11.059 -0.030  1.00 32.94 ? 73  LYS B CD  1 
ATOM   1157 C CE  . LYS B 1 73 ? 1.090   -11.513 -0.629  1.00 30.01 ? 73  LYS B CE  1 
ATOM   1158 N NZ  . LYS B 1 73 ? 0.938   -12.791 -1.360  1.00 38.74 ? 73  LYS B NZ  1 
ATOM   1159 N N   . CYS B 1 74 ? -5.526  -8.778  -0.609  1.00 28.71 ? 74  CYS B N   1 
ATOM   1160 C CA  . CYS B 1 74 ? -6.942  -8.796  -0.260  1.00 28.82 ? 74  CYS B CA  1 
ATOM   1161 C C   . CYS B 1 74 ? -7.845  -8.181  -1.326  1.00 31.69 ? 74  CYS B C   1 
ATOM   1162 O O   . CYS B 1 74 ? -9.067  -8.299  -1.216  1.00 40.23 ? 74  CYS B O   1 
ATOM   1163 C CB  . CYS B 1 74 ? -7.176  -8.085  1.091   1.00 26.17 ? 74  CYS B CB  1 
ATOM   1164 S SG  . CYS B 1 74 ? -6.469  -8.906  2.525   1.00 33.64 ? 74  CYS B SG  1 
ATOM   1165 N N   . GLY B 1 75 ? -7.284  -7.530  -2.343  1.00 28.82 ? 75  GLY B N   1 
ATOM   1166 C CA  . GLY B 1 75 ? -8.063  -6.844  -3.350  1.00 34.69 ? 75  GLY B CA  1 
ATOM   1167 C C   . GLY B 1 75 ? -8.702  -5.533  -2.914  1.00 53.72 ? 75  GLY B C   1 
ATOM   1168 O O   . GLY B 1 75 ? -9.728  -5.144  -3.479  1.00 45.30 ? 75  GLY B O   1 
ATOM   1169 N N   . ILE B 1 76 ? -8.099  -4.805  -1.965  1.00 44.13 ? 76  ILE B N   1 
ATOM   1170 C CA  . ILE B 1 76 ? -8.690  -3.563  -1.455  1.00 42.85 ? 76  ILE B CA  1 
ATOM   1171 C C   . ILE B 1 76 ? -7.821  -2.365  -1.833  1.00 49.07 ? 76  ILE B C   1 
ATOM   1172 O O   . ILE B 1 76 ? -6.590  -2.457  -1.936  1.00 38.12 ? 76  ILE B O   1 
ATOM   1173 C CB  . ILE B 1 76 ? -8.912  -3.632  0.080   1.00 45.71 ? 76  ILE B CB  1 
ATOM   1174 C CG1 . ILE B 1 76 ? -9.652  -4.919  0.465   1.00 46.00 ? 76  ILE B CG1 1 
ATOM   1175 C CG2 . ILE B 1 76 ? -9.672  -2.410  0.604   1.00 58.97 ? 76  ILE B CG2 1 
ATOM   1176 C CD1 . ILE B 1 76 ? -9.318  -5.467  1.867   1.00 48.04 ? 76  ILE B CD1 1 
ATOM   1177 N N   . SER B 1 77 ? -8.483  -1.223  -2.055  1.00 45.86 ? 77  SER B N   1 
ATOM   1178 C CA  . SER B 1 77 ? -7.800  0.066   -2.164  1.00 50.58 ? 77  SER B CA  1 
ATOM   1179 C C   . SER B 1 77 ? -7.794  0.625   -0.748  1.00 50.59 ? 77  SER B C   1 
ATOM   1180 O O   . SER B 1 77 ? -8.693  1.358   -0.340  1.00 48.16 ? 77  SER B O   1 
ATOM   1181 C CB  . SER B 1 77 ? -8.505  0.995   -3.148  1.00 50.01 ? 77  SER B CB  1 
ATOM   1182 O OG  . SER B 1 77 ? -7.761  2.199   -3.346  1.00 47.59 ? 77  SER B OG  1 
ATOM   1183 N N   . LEU B 1 78 ? -6.761  0.266   0.010   1.00 51.03 ? 78  LEU B N   1 
ATOM   1184 C CA  . LEU B 1 78 ? -6.736  0.541   1.441   1.00 48.06 ? 78  LEU B CA  1 
ATOM   1185 C C   . LEU B 1 78 ? -6.513  2.024   1.709   1.00 44.10 ? 78  LEU B C   1 
ATOM   1186 O O   . LEU B 1 78 ? -5.457  2.569   1.373   1.00 44.47 ? 78  LEU B O   1 
ATOM   1187 C CB  . LEU B 1 78 ? -5.631  -0.283  2.094   1.00 39.09 ? 78  LEU B CB  1 
ATOM   1188 C CG  . LEU B 1 78 ? -5.487  -0.167  3.607   1.00 44.15 ? 78  LEU B CG  1 
ATOM   1189 C CD1 . LEU B 1 78 ? -6.762  -0.651  4.275   1.00 43.12 ? 78  LEU B CD1 1 
ATOM   1190 C CD2 . LEU B 1 78 ? -4.253  -0.948  4.072   1.00 39.22 ? 78  LEU B CD2 1 
ATOM   1191 N N   . ASN B 1 79 ? -7.475  2.669   2.370   1.00 47.60 ? 79  ASN B N   1 
ATOM   1192 C CA  . ASN B 1 79 ? -7.327  4.104   2.588   1.00 47.53 ? 79  ASN B CA  1 
ATOM   1193 C C   . ASN B 1 79 ? -6.411  4.419   3.755   1.00 40.52 ? 79  ASN B C   1 
ATOM   1194 O O   . ASN B 1 79 ? -5.973  5.567   3.904   1.00 44.01 ? 79  ASN B O   1 
ATOM   1195 C CB  . ASN B 1 79 ? -8.695  4.736   2.849   1.00 50.39 ? 79  ASN B CB  1 
ATOM   1196 C CG  . ASN B 1 79 ? -9.582  4.714   1.629   1.00 52.17 ? 79  ASN B CG  1 
ATOM   1197 O OD1 . ASN B 1 79 ? -9.151  5.078   0.537   1.00 59.65 ? 79  ASN B OD1 1 
ATOM   1198 N ND2 . ASN B 1 79 ? -10.828 4.276   1.805   1.00 53.19 ? 79  ASN B ND2 1 
ATOM   1199 N N   . VAL B 1 80 ? -6.030  3.419   4.533   1.00 35.25 ? 80  VAL B N   1 
ATOM   1200 C CA  . VAL B 1 80 ? -5.131  3.688   5.645   1.00 42.38 ? 80  VAL B CA  1 
ATOM   1201 C C   . VAL B 1 80 ? -4.056  2.612   5.608   1.00 39.99 ? 80  VAL B C   1 
ATOM   1202 O O   . VAL B 1 80 ? -4.264  1.491   6.090   1.00 35.41 ? 80  VAL B O   1 
ATOM   1203 C CB  . VAL B 1 80 ? -5.911  3.758   6.972   1.00 43.06 ? 80  VAL B CB  1 
ATOM   1204 C CG1 . VAL B 1 80 ? -6.664  5.073   7.057   1.00 43.90 ? 80  VAL B CG1 1 
ATOM   1205 C CG2 . VAL B 1 80 ? -6.950  2.642   7.034   1.00 42.94 ? 80  VAL B CG2 1 
ATOM   1206 N N   . PRO B 1 81 ? -2.872  2.937   5.109   1.00 42.71 ? 81  PRO B N   1 
ATOM   1207 C CA  . PRO B 1 81 ? -1.810  1.929   5.032   1.00 47.04 ? 81  PRO B CA  1 
ATOM   1208 C C   . PRO B 1 81 ? -1.389  1.452   6.414   1.00 42.40 ? 81  PRO B C   1 
ATOM   1209 O O   . PRO B 1 81 ? -1.439  2.190   7.401   1.00 39.82 ? 81  PRO B O   1 
ATOM   1210 C CB  . PRO B 1 81 ? -0.669  2.651   4.303   1.00 40.03 ? 81  PRO B CB  1 
ATOM   1211 C CG  . PRO B 1 81 ? -1.101  4.038   4.080   1.00 49.69 ? 81  PRO B CG  1 
ATOM   1212 C CD  . PRO B 1 81 ? -2.486  4.251   4.574   1.00 41.16 ? 81  PRO B CD  1 
ATOM   1213 N N   . ILE B 1 82 ? -0.943  0.204   6.464   1.00 34.36 ? 82  ILE B N   1 
ATOM   1214 C CA  . ILE B 1 82 ? -0.450  -0.387  7.697   1.00 32.71 ? 82  ILE B CA  1 
ATOM   1215 C C   . ILE B 1 82 ? 1.031   -0.052  7.770   1.00 38.07 ? 82  ILE B C   1 
ATOM   1216 O O   . ILE B 1 82 ? 1.847   -0.610  7.036   1.00 38.30 ? 82  ILE B O   1 
ATOM   1217 C CB  . ILE B 1 82 ? -0.702  -1.899  7.727   1.00 34.75 ? 82  ILE B CB  1 
ATOM   1218 C CG1 . ILE B 1 82 ? -2.206  -2.175  7.599   1.00 32.49 ? 82  ILE B CG1 1 
ATOM   1219 C CG2 . ILE B 1 82 ? -0.161  -2.513  9.013   1.00 30.56 ? 82  ILE B CG2 1 
ATOM   1220 C CD1 . ILE B 1 82 ? -2.537  -3.570  7.220   1.00 43.97 ? 82  ILE B CD1 1 
ATOM   1221 N N   . SER B 1 83 ? 1.374   0.880   8.657   1.00 36.42 ? 83  SER B N   1 
ATOM   1222 C CA  . SER B 1 83 ? 2.736   1.365   8.765   1.00 34.96 ? 83  SER B CA  1 
ATOM   1223 C C   . SER B 1 83 ? 2.996   1.809   10.194  1.00 39.46 ? 83  SER B C   1 
ATOM   1224 O O   . SER B 1 83 ? 2.137   2.431   10.825  1.00 36.57 ? 83  SER B O   1 
ATOM   1225 C CB  . SER B 1 83 ? 2.985   2.525   7.793   1.00 35.17 ? 83  SER B CB  1 
ATOM   1226 O OG  . SER B 1 83 ? 4.172   3.225   8.130   1.00 39.54 ? 83  SER B OG  1 
ATOM   1227 N N   . ARG B 1 84 ? 4.194   1.496   10.687  1.00 39.41 ? 84  ARG B N   1 
ATOM   1228 C CA  . ARG B 1 84 ? 4.645   1.966   11.992  1.00 46.22 ? 84  ARG B CA  1 
ATOM   1229 C C   . ARG B 1 84 ? 5.036   3.436   11.982  1.00 44.14 ? 84  ARG B C   1 
ATOM   1230 O O   . ARG B 1 84 ? 5.106   4.050   13.051  1.00 47.93 ? 84  ARG B O   1 
ATOM   1231 C CB  . ARG B 1 84 ? 5.857   1.155   12.455  1.00 40.96 ? 84  ARG B CB  1 
ATOM   1232 C CG  . ARG B 1 84 ? 5.578   -0.320  12.709  1.00 51.26 ? 84  ARG B CG  1 
ATOM   1233 C CD  . ARG B 1 84 ? 6.799   -1.013  13.315  1.00 51.99 ? 84  ARG B CD  1 
ATOM   1234 N NE  . ARG B 1 84 ? 6.459   -2.293  13.939  1.00 53.93 ? 84  ARG B NE  1 
ATOM   1235 C CZ  . ARG B 1 84 ? 7.318   -3.052  14.618  1.00 55.67 ? 84  ARG B CZ  1 
ATOM   1236 N NH1 . ARG B 1 84 ? 8.579   -2.659  14.759  1.00 54.53 ? 84  ARG B NH1 1 
ATOM   1237 N NH2 . ARG B 1 84 ? 6.917   -4.207  15.156  1.00 49.19 ? 84  ARG B NH2 1 
ATOM   1238 N N   . THR B 1 85 ? 5.300   4.003   10.804  1.00 38.58 ? 85  THR B N   1 
ATOM   1239 C CA  . THR B 1 85 ? 5.927   5.311   10.677  1.00 47.57 ? 85  THR B CA  1 
ATOM   1240 C C   . THR B 1 85 ? 5.074   6.327   9.935   1.00 39.99 ? 85  THR B C   1 
ATOM   1241 O O   . THR B 1 85 ? 5.508   7.471   9.785   1.00 40.48 ? 85  THR B O   1 
ATOM   1242 C CB  . THR B 1 85 ? 7.277   5.186   9.948   1.00 49.44 ? 85  THR B CB  1 
ATOM   1243 O OG1 . THR B 1 85 ? 7.076   4.545   8.679   1.00 51.56 ? 85  THR B OG1 1 
ATOM   1244 C CG2 . THR B 1 85 ? 8.263   4.366   10.771  1.00 40.62 ? 85  THR B CG2 1 
ATOM   1245 N N   . ILE B 1 86 ? 3.893   5.943   9.448   1.00 38.66 ? 86  ILE B N   1 
ATOM   1246 C CA  . ILE B 1 86 ? 3.122   6.844   8.605   1.00 36.23 ? 86  ILE B CA  1 
ATOM   1247 C C   . ILE B 1 86 ? 2.765   8.118   9.367   1.00 43.11 ? 86  ILE B C   1 
ATOM   1248 O O   . ILE B 1 86 ? 2.393   8.085   10.549  1.00 44.53 ? 86  ILE B O   1 
ATOM   1249 C CB  . ILE B 1 86 ? 1.861   6.144   8.071   1.00 39.56 ? 86  ILE B CB  1 
ATOM   1250 C CG1 . ILE B 1 86 ? 1.070   7.106   7.185   1.00 45.86 ? 86  ILE B CG1 1 
ATOM   1251 C CG2 . ILE B 1 86 ? 1.013   5.609   9.212   1.00 37.41 ? 86  ILE B CG2 1 
ATOM   1252 C CD1 . ILE B 1 86 ? 0.483   6.458   5.986   1.00 49.73 ? 86  ILE B CD1 1 
ATOM   1253 N N   . ASN B 1 87 ? 2.909   9.255   8.691   1.00 43.48 ? 87  ASN B N   1 
ATOM   1254 C CA  . ASN B 1 87 ? 2.414   10.532  9.195   1.00 37.89 ? 87  ASN B CA  1 
ATOM   1255 C C   . ASN B 1 87 ? 0.941   10.649  8.835   1.00 38.86 ? 87  ASN B C   1 
ATOM   1256 O O   . ASN B 1 87 ? 0.583   10.937  7.690   1.00 38.37 ? 87  ASN B O   1 
ATOM   1257 C CB  . ASN B 1 87 ? 3.223   11.693  8.623   1.00 41.18 ? 87  ASN B CB  1 
ATOM   1258 C CG  . ASN B 1 87 ? 2.752   13.048  9.142   1.00 50.11 ? 87  ASN B CG  1 
ATOM   1259 O OD1 . ASN B 1 87 ? 1.751   13.151  9.864   1.00 44.81 ? 87  ASN B OD1 1 
ATOM   1260 N ND2 . ASN B 1 87 ? 3.483   14.094  8.788   1.00 43.64 ? 87  ASN B ND2 1 
ATOM   1261 N N   . CYS B 1 88 ? 0.072   10.440  9.826   1.00 35.91 ? 88  CYS B N   1 
ATOM   1262 C CA  . CYS B 1 88 ? -1.359  10.392  9.552   1.00 37.22 ? 88  CYS B CA  1 
ATOM   1263 C C   . CYS B 1 88 ? -1.936  11.751  9.166   1.00 43.44 ? 88  CYS B C   1 
ATOM   1264 O O   . CYS B 1 88 ? -3.063  11.809  8.653   1.00 36.04 ? 88  CYS B O   1 
ATOM   1265 C CB  . CYS B 1 88 ? -2.097  9.806   10.759  1.00 31.91 ? 88  CYS B CB  1 
ATOM   1266 S SG  . CYS B 1 88 ? -1.676  8.071   10.983  1.00 36.72 ? 88  CYS B SG  1 
ATOM   1267 N N   . ASP B 1 89 ? -1.217  12.849  9.422   1.00 38.87 ? 89  ASP B N   1 
ATOM   1268 C CA  . ASP B 1 89 ? -1.691  14.146  8.945   1.00 46.46 ? 89  ASP B CA  1 
ATOM   1269 C C   . ASP B 1 89 ? -1.749  14.187  7.413   1.00 45.80 ? 89  ASP B C   1 
ATOM   1270 O O   . ASP B 1 89 ? -2.614  14.863  6.845   1.00 54.03 ? 89  ASP B O   1 
ATOM   1271 C CB  . ASP B 1 89 ? -0.796  15.273  9.494   1.00 43.73 ? 89  ASP B CB  1 
ATOM   1272 C CG  . ASP B 1 89 ? -0.830  15.371  11.029  1.00 48.95 ? 89  ASP B CG  1 
ATOM   1273 O OD1 . ASP B 1 89 ? -1.798  14.893  11.664  1.00 39.19 ? 89  ASP B OD1 1 
ATOM   1274 O OD2 . ASP B 1 89 ? 0.134   15.920  11.607  1.00 50.59 ? 89  ASP B OD2 1 
ATOM   1275 N N   . THR B 1 90 ? -0.897  13.406  6.734   1.00 45.17 ? 90  THR B N   1 
ATOM   1276 C CA  . THR B 1 90 ? -0.813  13.391  5.273   1.00 47.26 ? 90  THR B CA  1 
ATOM   1277 C C   . THR B 1 90 ? -1.896  12.530  4.637   1.00 51.56 ? 90  THR B C   1 
ATOM   1278 O O   . THR B 1 90 ? -1.965  12.456  3.404   1.00 47.74 ? 90  THR B O   1 
ATOM   1279 C CB  . THR B 1 90 ? 0.552   12.862  4.810   1.00 45.28 ? 90  THR B CB  1 
ATOM   1280 O OG1 . THR B 1 90 ? 0.619   11.437  5.011   1.00 49.23 ? 90  THR B OG1 1 
ATOM   1281 C CG2 . THR B 1 90 ? 1.671   13.510  5.606   1.00 45.08 ? 90  THR B CG2 1 
ATOM   1282 N N   . ILE B 1 91 ? -2.690  11.833  5.446   1.00 51.10 ? 91  ILE B N   1 
ATOM   1283 C CA  . ILE B 1 91 ? -3.744  10.943  4.971   1.00 57.08 ? 91  ILE B CA  1 
ATOM   1284 C C   . ILE B 1 91 ? -5.062  11.713  4.863   1.00 55.07 ? 91  ILE B C   1 
ATOM   1285 O O   . ILE B 1 91 ? -5.808  11.557  3.895   1.00 57.43 ? 91  ILE B O   1 
ATOM   1286 C CB  . ILE B 1 91 ? -3.881  9.700   5.894   1.00 46.41 ? 91  ILE B CB  1 
ATOM   1287 C CG1 . ILE B 1 91 ? -2.901  8.605   5.457   1.00 50.64 ? 91  ILE B CG1 1 
ATOM   1288 C CG2 . ILE B 1 91 ? -5.304  9.171   5.908   1.00 48.72 ? 91  ILE B CG2 1 
ATOM   1289 C CD1 . ILE B 1 91 ? -3.169  8.066   4.066   1.00 46.08 ? 91  ILE B CD1 1 
HETATM 1290 C C1  . GOL C 2 .  ? 8.637   7.656   5.012   1.00 59.07 ? 101 GOL A C1  1 
HETATM 1291 O O1  . GOL C 2 .  ? 7.487   8.401   4.858   1.00 56.29 ? 101 GOL A O1  1 
HETATM 1292 C C2  . GOL C 2 .  ? 9.784   8.648   4.711   1.00 61.51 ? 101 GOL A C2  1 
HETATM 1293 O O2  . GOL C 2 .  ? 9.683   9.814   5.475   1.00 70.89 ? 101 GOL A O2  1 
HETATM 1294 C C3  . GOL C 2 .  ? 11.103  7.846   4.945   1.00 57.40 ? 101 GOL A C3  1 
HETATM 1295 O O3  . GOL C 2 .  ? 11.180  6.901   3.914   1.00 61.05 ? 101 GOL A O3  1 
HETATM 1296 S S   . SO4 D 3 .  ? 17.394  8.597   -1.099  0.64 69.04 ? 102 SO4 A S   1 
HETATM 1297 O O1  . SO4 D 3 .  ? 16.961  8.481   -2.491  0.64 61.28 ? 102 SO4 A O1  1 
HETATM 1298 O O2  . SO4 D 3 .  ? 18.142  9.839   -0.920  0.64 63.72 ? 102 SO4 A O2  1 
HETATM 1299 O O3  . SO4 D 3 .  ? 18.253  7.461   -0.772  0.64 69.00 ? 102 SO4 A O3  1 
HETATM 1300 O O4  . SO4 D 3 .  ? 16.225  8.584   -0.217  0.64 61.88 ? 102 SO4 A O4  1 
HETATM 1301 C C1  . GOL E 2 .  ? 10.621  -6.927  7.773   1.00 62.66 ? 101 GOL B C1  1 
HETATM 1302 O O1  . GOL E 2 .  ? 10.341  -5.617  7.404   1.00 56.11 ? 101 GOL B O1  1 
HETATM 1303 C C2  . GOL E 2 .  ? 11.250  -7.623  6.536   1.00 63.15 ? 101 GOL B C2  1 
HETATM 1304 O O2  . GOL E 2 .  ? 11.059  -9.004  6.570   1.00 64.05 ? 101 GOL B O2  1 
HETATM 1305 C C3  . GOL E 2 .  ? 10.543  -6.981  5.316   1.00 61.25 ? 101 GOL B C3  1 
HETATM 1306 O O3  . GOL E 2 .  ? 9.382   -7.740  5.093   1.00 50.48 ? 101 GOL B O3  1 
HETATM 1307 C C1  . GOL F 2 .  ? 6.405   13.034  7.648   1.00 64.61 ? 102 GOL B C1  1 
HETATM 1308 O O1  . GOL F 2 .  ? 5.784   14.098  6.978   1.00 64.37 ? 102 GOL B O1  1 
HETATM 1309 C C2  . GOL F 2 .  ? 7.624   13.610  8.411   1.00 62.98 ? 102 GOL B C2  1 
HETATM 1310 O O2  . GOL F 2 .  ? 8.645   13.989  7.541   1.00 70.10 ? 102 GOL B O2  1 
HETATM 1311 C C3  . GOL F 2 .  ? 8.059   12.466  9.357   1.00 65.86 ? 102 GOL B C3  1 
HETATM 1312 O O3  . GOL F 2 .  ? 7.051   12.327  10.312  1.00 69.79 ? 102 GOL B O3  1 
HETATM 1313 C C   . TRS G 4 .  ? -8.015  -18.349 7.678   1.00 62.99 ? 103 TRS B C   1 
HETATM 1314 C C1  . TRS G 4 .  ? -6.971  -18.197 8.787   1.00 66.60 ? 103 TRS B C1  1 
HETATM 1315 C C2  . TRS G 4 .  ? -7.391  -18.321 6.285   1.00 61.55 ? 103 TRS B C2  1 
HETATM 1316 C C3  . TRS G 4 .  ? -9.019  -17.217 7.748   1.00 57.50 ? 103 TRS B C3  1 
HETATM 1317 N N   . TRS G 4 .  ? -8.728  -19.598 7.855   1.00 69.37 ? 103 TRS B N   1 
HETATM 1318 O O1  . TRS G 4 .  ? -6.461  -19.464 9.135   1.00 66.09 ? 103 TRS B O1  1 
HETATM 1319 O O2  . TRS G 4 .  ? -8.424  -18.234 5.328   1.00 42.67 ? 103 TRS B O2  1 
HETATM 1320 O O3  . TRS G 4 .  ? -9.917  -17.371 6.690   1.00 52.29 ? 103 TRS B O3  1 
HETATM 1321 S S   . SO4 H 3 .  ? 9.689   -5.479  16.736  0.76 79.00 ? 104 SO4 B S   1 
HETATM 1322 O O1  . SO4 H 3 .  ? 10.299  -4.144  16.717  0.76 58.53 ? 104 SO4 B O1  1 
HETATM 1323 O O2  . SO4 H 3 .  ? 8.391   -5.431  17.417  0.76 64.40 ? 104 SO4 B O2  1 
HETATM 1324 O O3  . SO4 H 3 .  ? 9.509   -5.938  15.357  0.76 59.64 ? 104 SO4 B O3  1 
HETATM 1325 O O4  . SO4 H 3 .  ? 10.566  -6.416  17.434  0.76 65.11 ? 104 SO4 B O4  1 
HETATM 1326 O O   . HOH I 5 .  ? 9.562   1.540   0.444   1.00 39.24 ? 201 HOH A O   1 
HETATM 1327 O O   . HOH I 5 .  ? 14.991  6.758   -2.830  1.00 49.64 ? 202 HOH A O   1 
HETATM 1328 O O   . HOH I 5 .  ? -0.326  -9.241  -20.196 1.00 49.63 ? 203 HOH A O   1 
HETATM 1329 O O   . HOH I 5 .  ? 6.702   -14.460 -12.799 1.00 40.82 ? 204 HOH A O   1 
HETATM 1330 O O   . HOH I 5 .  ? -2.547  3.249   -0.579  1.00 44.50 ? 205 HOH A O   1 
HETATM 1331 O O   . HOH I 5 .  ? 5.910   10.084  -18.282 1.00 51.14 ? 206 HOH A O   1 
HETATM 1332 O O   . HOH I 5 .  ? 10.501  7.251   -13.340 1.00 39.31 ? 207 HOH A O   1 
HETATM 1333 O O   . HOH I 5 .  ? -8.799  7.800   -14.449 1.00 42.77 ? 208 HOH A O   1 
HETATM 1334 O O   . HOH I 5 .  ? 10.482  -11.491 -7.898  1.00 43.66 ? 209 HOH A O   1 
HETATM 1335 O O   . HOH I 5 .  ? 7.338   -2.364  -5.774  1.00 29.84 ? 210 HOH A O   1 
HETATM 1336 O O   . HOH I 5 .  ? -7.387  9.106   -9.837  1.00 33.88 ? 211 HOH A O   1 
HETATM 1337 O O   . HOH I 5 .  ? 6.014   2.495   4.289   1.00 48.63 ? 212 HOH A O   1 
HETATM 1338 O O   . HOH I 5 .  ? 0.931   7.768   -18.452 1.00 39.20 ? 213 HOH A O   1 
HETATM 1339 O O   . HOH I 5 .  ? 10.565  5.124   -19.964 1.00 45.60 ? 214 HOH A O   1 
HETATM 1340 O O   . HOH I 5 .  ? 11.911  0.407   -13.483 1.00 36.59 ? 215 HOH A O   1 
HETATM 1341 O O   . HOH I 5 .  ? 12.346  -8.390  -5.722  1.00 31.79 ? 216 HOH A O   1 
HETATM 1342 O O   . HOH I 5 .  ? 4.778   -8.054  -18.126 1.00 39.10 ? 217 HOH A O   1 
HETATM 1343 O O   . HOH I 5 .  ? 0.682   -8.560  -6.319  1.00 31.71 ? 218 HOH A O   1 
HETATM 1344 O O   . HOH I 5 .  ? 3.031   13.659  -8.288  1.00 42.13 ? 219 HOH A O   1 
HETATM 1345 O O   . HOH I 5 .  ? 10.065  -0.451  2.572   1.00 47.06 ? 220 HOH A O   1 
HETATM 1346 O O   . HOH I 5 .  ? 12.296  -15.424 -2.521  1.00 43.95 ? 221 HOH A O   1 
HETATM 1347 O O   . HOH I 5 .  ? 1.881   1.146   -2.719  1.00 43.21 ? 222 HOH A O   1 
HETATM 1348 O O   . HOH I 5 .  ? 17.288  1.795   -9.003  1.00 44.84 ? 223 HOH A O   1 
HETATM 1349 O O   . HOH I 5 .  ? 14.464  -4.296  -8.877  1.00 34.37 ? 224 HOH A O   1 
HETATM 1350 O O   . HOH I 5 .  ? -5.891  -9.329  -13.280 1.00 51.75 ? 225 HOH A O   1 
HETATM 1351 O O   . HOH I 5 .  ? -1.809  7.162   -18.522 1.00 35.40 ? 226 HOH A O   1 
HETATM 1352 O O   . HOH I 5 .  ? 0.669   14.358  -11.488 1.00 32.53 ? 227 HOH A O   1 
HETATM 1353 O O   . HOH I 5 .  ? -1.031  -2.049  -3.367  1.00 45.19 ? 228 HOH A O   1 
HETATM 1354 O O   . HOH I 5 .  ? 6.614   1.837   0.576   1.00 49.19 ? 229 HOH A O   1 
HETATM 1355 O O   . HOH I 5 .  ? 1.259   -15.674 -14.781 1.00 37.02 ? 230 HOH A O   1 
HETATM 1356 O O   . HOH I 5 .  ? -5.409  -5.659  -14.318 1.00 46.44 ? 231 HOH A O   1 
HETATM 1357 O O   . HOH I 5 .  ? -2.781  17.665  -11.027 1.00 43.75 ? 232 HOH A O   1 
HETATM 1358 O O   . HOH I 5 .  ? -4.069  -0.929  -3.639  1.00 45.89 ? 233 HOH A O   1 
HETATM 1359 O O   . HOH I 5 .  ? -8.611  0.399   -9.811  1.00 50.65 ? 234 HOH A O   1 
HETATM 1360 O O   . HOH I 5 .  ? 2.817   -0.767  -1.207  1.00 46.11 ? 235 HOH A O   1 
HETATM 1361 O O   . HOH I 5 .  ? 4.265   0.078   0.426   1.00 56.07 ? 236 HOH A O   1 
HETATM 1362 O O   . HOH I 5 .  ? -0.754  16.450  -13.100 1.00 43.44 ? 237 HOH A O   1 
HETATM 1363 O O   . HOH I 5 .  ? 8.740   -15.579 -8.521  1.00 47.15 ? 238 HOH A O   1 
HETATM 1364 O O   . HOH I 5 .  ? 10.064  5.473   6.724   1.00 57.13 ? 239 HOH A O   1 
HETATM 1365 O O   . HOH I 5 .  ? 14.203  -9.918  -4.648  1.00 42.56 ? 240 HOH A O   1 
HETATM 1366 O O   . HOH I 5 .  ? 7.750   2.934   -22.551 1.00 52.67 ? 241 HOH A O   1 
HETATM 1367 O O   . HOH I 5 .  ? 16.916  -5.361  -5.263  1.00 54.69 ? 242 HOH A O   1 
HETATM 1368 O O   . HOH I 5 .  ? 13.503  -11.009 1.953   1.00 52.08 ? 243 HOH A O   1 
HETATM 1369 O O   . HOH I 5 .  ? 9.690   8.980   -19.535 1.00 52.04 ? 244 HOH A O   1 
HETATM 1370 O O   . HOH J 5 .  ? 4.935   -0.831  6.628   1.00 51.91 ? 201 HOH B O   1 
HETATM 1371 O O   . HOH J 5 .  ? -4.565  -11.289 16.637  1.00 51.52 ? 202 HOH B O   1 
HETATM 1372 O O   . HOH J 5 .  ? -4.731  0.479   18.004  1.00 30.17 ? 203 HOH B O   1 
HETATM 1373 O O   . HOH J 5 .  ? 12.058  -8.211  1.779   1.00 45.96 ? 204 HOH B O   1 
HETATM 1374 O O   . HOH J 5 .  ? -15.478 -7.248  10.099  1.00 55.29 ? 205 HOH B O   1 
HETATM 1375 O O   . HOH J 5 .  ? -4.763  -6.503  16.785  1.00 45.00 ? 206 HOH B O   1 
HETATM 1376 O O   . HOH J 5 .  ? 2.609   -17.624 0.243   1.00 35.79 ? 207 HOH B O   1 
HETATM 1377 O O   . HOH J 5 .  ? -7.585  -3.520  21.719  1.00 45.46 ? 208 HOH B O   1 
HETATM 1378 O O   . HOH J 5 .  ? -12.288 -11.060 10.244  1.00 43.59 ? 209 HOH B O   1 
HETATM 1379 O O   . HOH J 5 .  ? -3.004  4.158   8.144   1.00 45.27 ? 210 HOH B O   1 
HETATM 1380 O O   . HOH J 5 .  ? -2.769  12.499  12.383  1.00 39.06 ? 211 HOH B O   1 
HETATM 1381 O O   . HOH J 5 .  ? 4.188   -10.095 0.022   1.00 51.34 ? 212 HOH B O   1 
HETATM 1382 O O   . HOH J 5 .  ? -6.577  0.074   21.569  1.00 38.35 ? 213 HOH B O   1 
HETATM 1383 O O   . HOH J 5 .  ? -0.730  -1.499  3.955   1.00 36.19 ? 214 HOH B O   1 
HETATM 1384 O O   . HOH J 5 .  ? -0.397  -4.126  -1.889  1.00 28.86 ? 215 HOH B O   1 
HETATM 1385 O O   . HOH J 5 .  ? 0.497   9.989   12.835  1.00 36.00 ? 216 HOH B O   1 
HETATM 1386 O O   . HOH J 5 .  ? 0.942   -16.554 7.981   1.00 49.86 ? 217 HOH B O   1 
HETATM 1387 O O   . HOH J 5 .  ? -6.999  -14.765 7.862   1.00 40.52 ? 218 HOH B O   1 
HETATM 1388 O O   . HOH J 5 .  ? -7.740  -12.542 -1.183  1.00 37.55 ? 219 HOH B O   1 
HETATM 1389 O O   . HOH J 5 .  ? 2.039   0.524   19.955  1.00 40.23 ? 220 HOH B O   1 
HETATM 1390 O O   . HOH J 5 .  ? -2.988  -13.526 9.173   1.00 35.38 ? 221 HOH B O   1 
HETATM 1391 O O   . HOH J 5 .  ? 5.819   -0.214  9.064   1.00 42.76 ? 222 HOH B O   1 
HETATM 1392 O O   . HOH J 5 .  ? 0.295   -9.208  -3.862  1.00 40.04 ? 223 HOH B O   1 
HETATM 1393 O O   . HOH J 5 .  ? -11.508 -1.153  -1.966  1.00 57.25 ? 224 HOH B O   1 
HETATM 1394 O O   . HOH J 5 .  ? -12.617 -12.363 2.975   1.00 44.71 ? 225 HOH B O   1 
HETATM 1395 O O   . HOH J 5 .  ? -0.381  6.237   17.032  1.00 38.44 ? 226 HOH B O   1 
HETATM 1396 O O   . HOH J 5 .  ? -4.010  0.393   -1.343  1.00 39.07 ? 227 HOH B O   1 
HETATM 1397 O O   . HOH J 5 .  ? -12.000 2.286   -0.748  1.00 53.53 ? 228 HOH B O   1 
HETATM 1398 O O   . HOH J 5 .  ? -4.666  1.737   20.518  1.00 48.70 ? 229 HOH B O   1 
HETATM 1399 O O   . HOH J 5 .  ? 4.440   -0.583  21.011  1.00 50.94 ? 230 HOH B O   1 
HETATM 1400 O O   . HOH J 5 .  ? 2.019   9.703   16.297  1.00 42.48 ? 231 HOH B O   1 
HETATM 1401 O O   . HOH J 5 .  ? 1.951   10.852  2.000   1.00 52.93 ? 232 HOH B O   1 
HETATM 1402 O O   . HOH J 5 .  ? -14.656 -3.850  15.311  1.00 52.31 ? 233 HOH B O   1 
HETATM 1403 O O   . HOH J 5 .  ? 2.156   4.760   17.412  1.00 45.92 ? 234 HOH B O   1 
HETATM 1404 O O   . HOH J 5 .  ? -17.748 4.881   -1.870  1.00 56.91 ? 235 HOH B O   1 
HETATM 1405 O O   . HOH J 5 .  ? -18.821 12.586  8.317   1.00 50.00 ? 236 HOH B O   1 
HETATM 1406 O O   . HOH J 5 .  ? -16.971 -9.249  2.608   1.00 62.48 ? 237 HOH B O   1 
HETATM 1407 O O   . HOH J 5 .  ? -5.891  -6.574  20.760  1.00 54.83 ? 238 HOH B O   1 
HETATM 1408 O O   . HOH J 5 .  ? -2.837  -10.550 18.739  1.00 57.47 ? 239 HOH B O   1 
HETATM 1409 O O   . HOH J 5 .  ? -0.289  -9.178  19.368  1.00 58.07 ? 240 HOH B O   1 
# 
